data_8SOJ
#
_entry.id   8SOJ
#
_cell.length_a   1.00
_cell.length_b   1.00
_cell.length_c   1.00
_cell.angle_alpha   90.00
_cell.angle_beta   90.00
_cell.angle_gamma   90.00
#
_symmetry.space_group_name_H-M   'P 1'
#
loop_
_entity.id
_entity.type
_entity.pdbx_description
1 polymer 'CST complex subunit CTC1'
2 polymer 'CST complex subunit STN1'
3 polymer 'CST complex subunit TEN1'
4 polymer 'Protection of telomeres protein 1'
5 non-polymer 'ZINC ION'
#
loop_
_entity_poly.entity_id
_entity_poly.type
_entity_poly.pdbx_seq_one_letter_code
_entity_poly.pdbx_strand_id
1 'polypeptide(L)'
;MGSSHHHHHHSSGTKIEEGKLVIWINGDKGYNGLAEVGKKFEKDTGIKVTVEHPDKLEEKFPQVAATGDGPDIIFWAHDR
FGGYAQSGLLAEITPDKAFQDKLYPFTWDAVRYNGKLIAYPIAVEALSLIYNKDLLPNPPKTWEEIPALDKELKAKGKSA
LMFNLQEPYFTWPLIAADGGYAFKYENGKYDIKDVGVDNAGAKAGLTFLVDLIKNKHMNADTDYSIAEAAFNKGETAMTI
NGPWAWSNIDTSKVNYGVTVLPTFKGQPSKPFVGVLSAGINAASPNKELAKEFLENYLLTDEGLEAVNKDKPLGAVALKS
YEEELAKDPRIAATMENAQKGEIMPNIPQMSAFWYAVRTAVINAASGRQTVDEALKDAQTKLVEKYLEVLFQGPGSMAAG
RAQVPSSEQAWLEDAQVFIQKTLCPAVKEPNVQLTPLVIDCVKTVWLSQGRNQGSTLPLSYSFVSVQDLKTHQRLPCCSH
LSWSSSAYQAWAQEAGPNGNPLPREQLLLLGTLTDLSADLEQECRNGSLYVRDNTGVLSCELIDLDLSWLGHLFLFPRWS
YLPPARWNSSGEGHLELWDAPVPVFPLTISPGPVTPIPVLYPESASCLLRLRNKLRGVQRNLAGSLVRLSALVKSKQKAY
FILSLGRSHPAVTHVSIIVQVPAQLVWHRALRPGTAYVLTELRVSKIRGQRQHVWMTSQSSRLLLLKPECVQELELELEG
PLLEADPKPLPMPSNSEDKKDPESLVRYSRLLSYSGAVTGVLNEPAGLYELDGQLGLCLAYQQFRGLRRVMRPGVCLQLQ
DVHLLQSVGGGTRRPVLAPCLRGAVLLQSFSRQKPGAHSSRQAYGASLYEQLVWERQLGLPLYLWATKALEELACKLCPH
VLRHHQFLQHSSPGSPSLGLQLLAPTLDLLAPPGSPVRNAHNEILEEPHHCPLQKYTRLQTPSSFPTLATLKEEGQRKAW
ASFDPKALLPLPEASYLPSCQLNRRLAWSWLCLLPSAFCPAQVLLGVLVASSHKGCLQLRDQSGSLPCLLLAKHSQPLSD
PRLIGCLVRAERFQLIVERDVRSSFPSWKELSMPGFIQKQQARVYVQFFLADALILPVPRPCLHSATPSTPQTDPTGPEG
PHLGQSRLFLLCHKEALMKRNFCVPPGASPEVPKPALSFYVLGSWLGGTQRKEGTGWGLPEPQGNDDNDQKVHLIFFGSS
VRWFEFLHPGQVYRLIAPGPATPMLFEKDGSSCISRRPLELAGCASCLTVQDNWTLELESSQDIQDVLDANKSLPESSLT
DLLSDNFTDSLVSFSAEILSRTLCEPLVASLWMKLGNTGAMRRCVKLTVALETAECEFPPHLDVYIEDPHLPPSLGLLPG
ARVHFSQLEKRVSRSHNVYCCFRSSTYVQVLSFPPETTISIPLPHIYLAELLQGGQSPFQATASCHIVSVFSLQLFWVCA
YCTSICRQGKCTRLGSTCPTQTAISQAIIRLLVEDGTAEAVVTCRNHHVAAALGLCPREWASLLDFVQVPGRVVLQFAGP
GAQLESSARVDEPMTMFLWTLCTSPSVLRPIVLSFELERKPSKIVPLEPPRLQRFQCGELPFLTHVNPRLRLSCLSIRES
EYSSSLGILASSC
;
A
2 'polypeptide(L)'
;MWSHPQFEKGGGSGGGSGGSAWSHPQFEKGSVSKGEELFTGVVPILVELDGDVNGHKFSVSGEGEGDATYGKLTLKFICT
TGKLPVPWPTLVTTLTYGVQCFSRYPDHMKQHDFFKSAMPEGYVQERTIFFKDDGNYKTRAEVKFEGDTLVNRIELKGID
FKEDGNILGHKLEYNYNSHNVYIMADKQKNGIKVNFKIRHNIEDGSVQLADHYQQNTPIGDGPVLLPDNHYLSTQSALSK
DPNEKRDHMVLLEFVTAAGITLGMDELYKENLYFQGGSMAGSGRLVLRPWIRELILGSETPSSPRAGQLLEVLQDAEAAV
AGPSHAPDTSDVGATLLVSDGTHSVRCLVTREALDTSDWEEKEFGFRGTEGRLLLLQDCGVHVQVAEGGAPAEFYLQVDR
FSLLPTEQPRLRVPGCNQDLDVQKKLYDCLEEHLSESTSSNAGLSLSQLLDEMREDQEHQGALVCLAESCLTLEGPCTAP
PVTHWAASRCKATGEAVYTVPSSMLCISENDQLILSSLGPCQRTQGPELPPPDPALQDLSLTLIASPPSSPSSSGTPALP
GHMSSEESGTSISLLPALSLAAPDPGQRSSSQPSPAICSAPATLTPRSPHASRTPSSPLQSCTPSLSPRSHVPSPHQALV
TRPQKPSLEFKEFVGLPCKNRPPFPRTGATRGAQEGGSGGSMQPGSSRCEEETPSLLWGLDPVFLAFAKLYIRDILDMKE
SRQVPGVFLYNGHPIKQVDVLGTVIGVRERDAFYSYGVDDSTGVINCICWKKLNTESVSAAPSAARELSLTSQLKKLQET
IEQKTKIEIGDTIRVRGSIRTYREEREIHATTYYKVDDPVWNIQIARMLELPTIYRKVYDQPFHSSALEKEEALSNPGAL
DLPSLTSLLSEKAKEFLMENRVQSFYQQELEMVESLLSLANQPVIHSASSDQVNFKKDTTSKAIHSIFKNAIQLLQEKGL
VFQKDDGFDNLYYVTREDKDLHRKIHRIIQQDCQKPNHMEKGCHFLHILACARLSIRPGLSEAVLQQVLELLEDQSDIVS
TMEHYYTAF
;
B
3 'polypeptide(L)'
;MMLPKPGTYYLPWEVSAGQVPDGSTLRTFGRLCLYDMIQSRVTLMAQHGSDQHQVLVCTKLVEPFHAQVGSLYIVLGELQ
HQQDRGSVVKARVLTCVEGMNLPLLEQAIREQRLYKQERGGSQ
;
C
4 'polypeptide(L)'
;MHHHHHHGSSLVPATNYIYTPLNQLKGGTIVNVYGVVKFFKPPYLSKGTDYCSVVTIVDQTNVKLTCLLFSGNYEALPII
YKNGDIVRFHRLKIQVYKKETQGITSSGFASLTFEGTLGAPIIPRTSSKYFNFTTEDHKMVEALRVWASTHMSPSWTLLK
LCDVQPMQYFDLTCQLLGKAEVDGASFLLKVWDGTRTPFPSWRVLIQDLVLEGDLSHIHRLQNLTIDILVYDNHVHVARS
LKVGSFLRIYSLHTKLQSMNSENQTMLSLEFHLHGGTSYGRGIRVLPESNSDVDQLKKDLESANLTANQHSDVICQSEPD
DSFPSSGSESDLVSLYEVERCQQLSATILTDHQYLERTPLCAILKQKAPQQYRIRAKLRSYKPRRLFQSVKLHCPKCHLL
QEVPHEGDLDIIFQDGATKTPDVKLQNTSLYDSKIWTTKNQKGRKVAVHFVKNNGILPLSNECLLLIEGGTLSEICKLSN
KFNSVIPVRSGHEDLELLDLSAPFLIQGTIHHYGCKQCSSLRSIQNLNSLVDKTSWIPSSVAEALGIVPLQYVFVMTFTL
DDGTGVLEAYLMDSDKFFQIPASEVLMDDDLQKSVDMIMDMFCPPGIKIDAYPWLECFIKSYNVTNGTDNQICYQIFDTT
VAEDVI
;
D
#
loop_
_chem_comp.id
_chem_comp.type
_chem_comp.name
_chem_comp.formula
ZN non-polymer 'ZINC ION' 'Zn 2'
#
# COMPACT_ATOMS: atom_id res chain seq x y z
N VAL A 404 -20.97 67.29 -53.64
CA VAL A 404 -21.02 66.43 -52.47
C VAL A 404 -22.43 65.81 -52.38
N PRO A 405 -22.51 64.49 -52.26
CA PRO A 405 -23.83 63.85 -52.22
C PRO A 405 -24.51 64.00 -50.87
N SER A 406 -25.84 63.95 -50.91
CA SER A 406 -26.60 63.85 -49.67
C SER A 406 -26.31 62.51 -49.00
N SER A 407 -26.61 62.44 -47.70
CA SER A 407 -26.46 61.18 -46.97
C SER A 407 -27.18 60.06 -47.71
N GLU A 408 -28.43 60.29 -48.10
CA GLU A 408 -29.18 59.27 -48.83
C GLU A 408 -28.56 59.02 -50.21
N GLN A 409 -28.16 60.07 -50.90
CA GLN A 409 -27.51 59.89 -52.20
C GLN A 409 -26.19 59.14 -52.05
N ALA A 410 -25.42 59.46 -51.01
CA ALA A 410 -24.17 58.75 -50.76
C ALA A 410 -24.44 57.27 -50.49
N TRP A 411 -25.45 56.98 -49.68
CA TRP A 411 -25.80 55.59 -49.39
C TRP A 411 -26.21 54.86 -50.67
N LEU A 412 -27.03 55.50 -51.50
CA LEU A 412 -27.45 54.88 -52.75
C LEU A 412 -26.25 54.60 -53.65
N GLU A 413 -25.33 55.55 -53.77
CA GLU A 413 -24.16 55.35 -54.62
C GLU A 413 -23.27 54.24 -54.08
N ASP A 414 -23.09 54.19 -52.76
CA ASP A 414 -22.31 53.11 -52.16
C ASP A 414 -22.95 51.76 -52.43
N ALA A 415 -24.27 51.67 -52.27
CA ALA A 415 -24.97 50.43 -52.56
C ALA A 415 -24.83 50.04 -54.03
N GLN A 416 -24.88 51.02 -54.92
CA GLN A 416 -24.73 50.74 -56.35
C GLN A 416 -23.34 50.20 -56.65
N VAL A 417 -22.30 50.82 -56.06
CA VAL A 417 -20.95 50.32 -56.25
C VAL A 417 -20.81 48.90 -55.70
N PHE A 418 -21.39 48.66 -54.52
CA PHE A 418 -21.34 47.33 -53.92
C PHE A 418 -22.01 46.30 -54.82
N ILE A 419 -23.15 46.65 -55.41
CA ILE A 419 -23.86 45.73 -56.29
C ILE A 419 -23.04 45.47 -57.55
N GLN A 420 -22.46 46.53 -58.11
CA GLN A 420 -21.64 46.38 -59.31
C GLN A 420 -20.46 45.45 -59.06
N LYS A 421 -19.82 45.57 -57.90
CA LYS A 421 -18.67 44.71 -57.60
C LYS A 421 -19.11 43.30 -57.27
N THR A 422 -20.00 43.15 -56.29
CA THR A 422 -20.24 41.89 -55.62
C THR A 422 -21.34 41.06 -56.28
N LEU A 423 -22.38 41.69 -56.80
CA LEU A 423 -23.63 41.00 -57.06
C LEU A 423 -24.05 40.99 -58.52
N CYS A 424 -23.66 41.98 -59.31
CA CYS A 424 -23.96 41.97 -60.73
C CYS A 424 -23.46 40.67 -61.35
N PRO A 425 -24.31 39.89 -62.01
CA PRO A 425 -23.87 38.58 -62.52
C PRO A 425 -22.83 38.76 -63.62
N ALA A 426 -21.68 38.10 -63.44
CA ALA A 426 -20.65 38.14 -64.46
C ALA A 426 -21.14 37.63 -65.80
N VAL A 427 -22.27 36.92 -65.83
CA VAL A 427 -22.82 36.44 -67.08
C VAL A 427 -23.09 37.60 -68.03
N LYS A 428 -23.48 38.76 -67.50
CA LYS A 428 -23.91 39.88 -68.31
C LYS A 428 -23.13 41.13 -67.91
N GLU A 429 -23.33 42.19 -68.70
CA GLU A 429 -22.86 43.50 -68.31
C GLU A 429 -23.51 43.91 -66.99
N PRO A 430 -22.86 44.80 -66.23
CA PRO A 430 -23.46 45.22 -64.95
C PRO A 430 -24.76 45.96 -65.15
N ASN A 431 -25.84 45.22 -65.38
CA ASN A 431 -27.12 45.84 -65.71
C ASN A 431 -27.61 46.70 -64.55
N VAL A 432 -27.77 48.00 -64.82
CA VAL A 432 -28.23 48.93 -63.80
C VAL A 432 -29.65 48.61 -63.34
N GLN A 433 -30.42 47.89 -64.17
CA GLN A 433 -31.79 47.53 -63.80
C GLN A 433 -31.85 46.76 -62.48
N LEU A 434 -30.73 46.19 -62.04
CA LEU A 434 -30.71 45.45 -60.78
C LEU A 434 -30.90 46.38 -59.59
N THR A 435 -30.14 47.48 -59.56
CA THR A 435 -30.14 48.36 -58.39
C THR A 435 -31.52 48.85 -57.99
N PRO A 436 -32.38 49.34 -58.89
CA PRO A 436 -33.70 49.79 -58.42
C PRO A 436 -34.50 48.71 -57.73
N LEU A 437 -34.44 47.47 -58.23
CA LEU A 437 -35.23 46.40 -57.63
C LEU A 437 -34.76 46.10 -56.21
N VAL A 438 -33.44 45.99 -56.01
CA VAL A 438 -32.93 45.72 -54.67
C VAL A 438 -33.22 46.87 -53.73
N ILE A 439 -33.11 48.11 -54.23
CA ILE A 439 -33.43 49.26 -53.40
C ILE A 439 -34.90 49.20 -52.98
N ASP A 440 -35.78 48.94 -53.94
CA ASP A 440 -37.21 48.81 -53.63
C ASP A 440 -37.44 47.71 -52.60
N CYS A 441 -36.74 46.58 -52.75
CA CYS A 441 -36.93 45.44 -51.86
C CYS A 441 -36.55 45.80 -50.43
N VAL A 442 -35.35 46.36 -50.26
CA VAL A 442 -34.88 46.67 -48.91
C VAL A 442 -35.75 47.76 -48.29
N LYS A 443 -36.15 48.75 -49.09
CA LYS A 443 -37.06 49.77 -48.60
C LYS A 443 -38.38 49.15 -48.14
N THR A 444 -38.95 48.28 -48.97
CA THR A 444 -40.18 47.59 -48.63
C THR A 444 -40.08 46.92 -47.28
N VAL A 445 -39.12 46.00 -47.13
CA VAL A 445 -39.05 45.23 -45.89
C VAL A 445 -38.73 46.14 -44.72
N TRP A 446 -37.95 47.20 -44.95
CA TRP A 446 -37.66 48.17 -43.89
C TRP A 446 -38.94 48.85 -43.41
N LEU A 447 -39.80 49.26 -44.34
CA LEU A 447 -41.04 49.93 -43.97
C LEU A 447 -42.09 48.94 -43.49
N SER A 448 -41.99 47.68 -43.89
CA SER A 448 -43.08 46.73 -43.68
C SER A 448 -43.48 46.65 -42.21
N GLN A 449 -42.54 46.86 -41.29
CA GLN A 449 -42.88 46.86 -39.87
C GLN A 449 -43.70 48.07 -39.49
N GLY A 450 -43.52 49.19 -40.20
CA GLY A 450 -44.08 50.44 -39.74
C GLY A 450 -43.47 50.96 -38.47
N ARG A 451 -42.40 50.33 -38.00
CA ARG A 451 -41.74 50.73 -36.77
C ARG A 451 -40.64 51.75 -37.00
N ASN A 452 -40.17 51.91 -38.24
CA ASN A 452 -39.17 52.94 -38.52
C ASN A 452 -39.74 54.33 -38.29
N GLN A 453 -40.90 54.62 -38.90
CA GLN A 453 -41.58 55.89 -38.71
C GLN A 453 -40.65 57.09 -38.90
N GLY A 454 -39.70 56.95 -39.82
CA GLY A 454 -38.74 58.02 -40.06
C GLY A 454 -38.08 57.91 -41.42
N SER A 455 -36.77 57.67 -41.43
CA SER A 455 -36.05 57.51 -42.68
C SER A 455 -36.71 56.45 -43.55
N THR A 456 -36.95 56.79 -44.82
CA THR A 456 -37.50 55.82 -45.75
C THR A 456 -36.52 54.67 -46.02
N LEU A 457 -35.24 54.88 -45.74
CA LEU A 457 -34.22 53.88 -46.03
C LEU A 457 -33.36 53.63 -44.80
N PRO A 458 -32.95 52.38 -44.57
CA PRO A 458 -32.07 52.10 -43.41
C PRO A 458 -30.63 52.48 -43.69
N LEU A 459 -30.37 53.78 -43.81
CA LEU A 459 -29.04 54.26 -44.12
C LEU A 459 -27.99 53.66 -43.20
N SER A 460 -28.36 53.36 -41.95
CA SER A 460 -27.40 52.82 -41.00
C SER A 460 -26.75 51.54 -41.52
N TYR A 461 -27.55 50.63 -42.05
CA TYR A 461 -27.05 49.31 -42.41
C TYR A 461 -26.07 49.39 -43.59
N SER A 462 -25.09 48.49 -43.57
CA SER A 462 -24.07 48.41 -44.61
C SER A 462 -24.12 47.03 -45.24
N PHE A 463 -24.07 47.00 -46.58
CA PHE A 463 -24.09 45.74 -47.30
C PHE A 463 -22.79 44.98 -47.06
N VAL A 464 -22.86 43.65 -47.20
CA VAL A 464 -21.70 42.78 -47.03
C VAL A 464 -21.75 41.68 -48.07
N SER A 465 -20.58 41.27 -48.54
CA SER A 465 -20.43 40.16 -49.47
C SER A 465 -20.07 38.89 -48.70
N VAL A 466 -20.10 37.77 -49.42
CA VAL A 466 -19.74 36.48 -48.80
C VAL A 466 -18.28 36.50 -48.35
N GLN A 467 -17.36 36.81 -49.27
CA GLN A 467 -15.95 36.85 -48.90
C GLN A 467 -15.69 37.94 -47.88
N ASP A 468 -16.34 39.09 -48.04
CA ASP A 468 -16.23 40.16 -47.04
C ASP A 468 -16.65 39.65 -45.67
N LEU A 469 -17.75 38.90 -45.61
CA LEU A 469 -18.22 38.37 -44.34
C LEU A 469 -17.21 37.38 -43.76
N LYS A 470 -16.71 36.48 -44.61
CA LYS A 470 -15.76 35.48 -44.14
C LYS A 470 -14.51 36.14 -43.55
N THR A 471 -13.99 37.16 -44.22
CA THR A 471 -12.72 37.75 -43.80
C THR A 471 -12.88 38.80 -42.71
N HIS A 472 -14.03 39.46 -42.64
CA HIS A 472 -14.27 40.50 -41.65
C HIS A 472 -14.75 39.91 -40.32
N GLN A 473 -15.70 38.98 -40.38
CA GLN A 473 -16.25 38.39 -39.18
C GLN A 473 -15.34 37.30 -38.63
N ARG A 474 -15.21 37.27 -37.31
CA ARG A 474 -14.69 36.10 -36.61
C ARG A 474 -15.35 35.99 -35.24
N LEU A 475 -16.63 36.32 -35.18
CA LEU A 475 -17.44 36.26 -33.97
C LEU A 475 -18.85 35.86 -34.37
N PRO A 476 -19.61 35.26 -33.46
CA PRO A 476 -21.04 35.05 -33.71
C PRO A 476 -21.77 36.39 -33.75
N CYS A 477 -22.77 36.48 -34.62
CA CYS A 477 -23.53 37.72 -34.71
C CYS A 477 -24.87 37.44 -35.39
N CYS A 478 -25.86 38.25 -35.02
CA CYS A 478 -27.18 38.25 -35.64
C CYS A 478 -27.38 39.57 -36.37
N SER A 479 -28.04 39.50 -37.53
CA SER A 479 -28.20 40.67 -38.39
C SER A 479 -29.67 40.86 -38.75
N HIS A 480 -30.52 40.98 -37.73
CA HIS A 480 -31.94 41.21 -37.93
C HIS A 480 -32.21 42.58 -38.55
N LEU A 481 -32.64 42.59 -39.81
CA LEU A 481 -33.26 43.79 -40.37
C LEU A 481 -34.73 43.83 -39.97
N SER A 482 -35.28 45.05 -39.93
CA SER A 482 -36.71 45.24 -39.69
C SER A 482 -37.13 44.76 -38.29
N TRP A 483 -36.31 45.08 -37.30
CA TRP A 483 -36.70 44.93 -35.90
C TRP A 483 -36.09 46.07 -35.09
N SER A 484 -36.87 46.59 -34.16
CA SER A 484 -36.34 47.56 -33.21
C SER A 484 -35.42 46.85 -32.22
N SER A 485 -34.51 47.64 -31.62
CA SER A 485 -33.64 47.09 -30.58
C SER A 485 -34.47 46.45 -29.47
N SER A 486 -35.62 47.04 -29.15
CA SER A 486 -36.50 46.46 -28.14
C SER A 486 -36.99 45.08 -28.57
N ALA A 487 -37.53 44.98 -29.79
CA ALA A 487 -38.02 43.70 -30.27
C ALA A 487 -36.88 42.69 -30.38
N TYR A 488 -35.72 43.12 -30.87
CA TYR A 488 -34.58 42.22 -30.95
C TYR A 488 -34.21 41.67 -29.57
N GLN A 489 -34.10 42.55 -28.58
CA GLN A 489 -33.75 42.10 -27.24
C GLN A 489 -34.80 41.14 -26.69
N ALA A 490 -36.08 41.49 -26.83
CA ALA A 490 -37.13 40.62 -26.32
C ALA A 490 -37.08 39.25 -26.98
N TRP A 491 -36.84 39.22 -28.30
CA TRP A 491 -36.73 37.94 -28.99
C TRP A 491 -35.52 37.15 -28.51
N ALA A 492 -34.39 37.84 -28.27
CA ALA A 492 -33.18 37.16 -27.86
C ALA A 492 -33.31 36.55 -26.47
N GLN A 493 -34.11 37.15 -25.60
CA GLN A 493 -34.40 36.60 -24.28
C GLN A 493 -35.77 35.92 -24.23
N GLU A 494 -36.28 35.47 -25.38
CA GLU A 494 -37.64 34.96 -25.42
C GLU A 494 -37.74 33.58 -24.79
N ALA A 495 -36.83 32.67 -25.14
CA ALA A 495 -36.93 31.27 -24.75
C ALA A 495 -36.04 30.91 -23.57
N GLY A 496 -34.86 31.51 -23.47
CA GLY A 496 -33.91 31.15 -22.44
C GLY A 496 -34.50 31.15 -21.05
N PRO A 497 -34.80 32.35 -20.52
CA PRO A 497 -34.58 33.67 -21.12
C PRO A 497 -33.16 34.20 -20.90
N ASN A 498 -32.46 33.67 -19.89
CA ASN A 498 -31.20 34.24 -19.42
C ASN A 498 -30.01 33.88 -20.32
N GLY A 499 -30.22 33.20 -21.43
CA GLY A 499 -29.11 32.76 -22.24
C GLY A 499 -28.37 33.93 -22.88
N ASN A 500 -27.09 33.70 -23.15
CA ASN A 500 -26.26 34.69 -23.81
C ASN A 500 -26.82 34.98 -25.20
N PRO A 501 -27.25 36.20 -25.50
CA PRO A 501 -27.84 36.47 -26.82
C PRO A 501 -26.77 36.71 -27.88
N LEU A 502 -27.07 36.26 -29.10
CA LEU A 502 -26.22 36.58 -30.23
C LEU A 502 -26.17 38.11 -30.40
N PRO A 503 -24.99 38.71 -30.51
CA PRO A 503 -24.93 40.17 -30.65
C PRO A 503 -25.47 40.63 -32.00
N ARG A 504 -26.26 41.68 -31.96
CA ARG A 504 -26.89 42.21 -33.17
C ARG A 504 -25.91 43.07 -33.96
N GLU A 505 -26.02 43.01 -35.28
CA GLU A 505 -25.25 43.85 -36.18
C GLU A 505 -26.15 44.31 -37.32
N GLN A 506 -25.71 45.36 -38.01
CA GLN A 506 -26.54 46.00 -39.02
C GLN A 506 -26.02 45.73 -40.43
N LEU A 507 -25.92 44.46 -40.82
CA LEU A 507 -25.46 44.09 -42.15
C LEU A 507 -26.63 43.64 -43.03
N LEU A 508 -26.51 43.92 -44.32
CA LEU A 508 -27.45 43.46 -45.32
C LEU A 508 -26.77 42.39 -46.16
N LEU A 509 -27.38 41.21 -46.24
CA LEU A 509 -26.83 40.09 -46.99
C LEU A 509 -27.75 39.77 -48.16
N LEU A 510 -27.20 39.79 -49.37
CA LEU A 510 -27.92 39.37 -50.57
C LEU A 510 -27.04 38.41 -51.36
N GLY A 511 -27.68 37.50 -52.09
CA GLY A 511 -26.94 36.57 -52.91
C GLY A 511 -27.84 35.49 -53.45
N THR A 512 -27.20 34.58 -54.20
CA THR A 512 -27.89 33.48 -54.87
C THR A 512 -27.84 32.23 -54.00
N LEU A 513 -28.98 31.56 -53.85
CA LEU A 513 -29.12 30.38 -53.02
C LEU A 513 -29.24 29.16 -53.93
N THR A 514 -28.36 28.18 -53.73
CA THR A 514 -28.36 27.02 -54.61
C THR A 514 -27.67 25.84 -53.92
N ASP A 515 -27.96 24.65 -54.46
CA ASP A 515 -27.33 23.42 -53.98
C ASP A 515 -25.89 23.30 -54.48
N LEU A 516 -25.55 23.95 -55.58
CA LEU A 516 -24.24 23.77 -56.19
C LEU A 516 -23.11 24.23 -55.29
N SER A 517 -22.31 23.29 -54.81
CA SER A 517 -21.10 23.63 -54.08
C SER A 517 -20.02 24.08 -55.06
N ALA A 518 -18.93 24.61 -54.52
CA ALA A 518 -17.79 24.99 -55.33
C ALA A 518 -16.87 23.81 -55.65
N ASP A 519 -16.98 22.71 -54.91
CA ASP A 519 -16.12 21.56 -55.14
C ASP A 519 -16.53 20.84 -56.42
N LEU A 520 -15.58 20.10 -57.01
CA LEU A 520 -15.78 19.56 -58.34
C LEU A 520 -15.29 18.12 -58.51
N GLU A 521 -14.89 17.43 -57.43
CA GLU A 521 -14.53 16.02 -57.58
C GLU A 521 -15.68 15.25 -58.24
N GLN A 522 -16.91 15.52 -57.82
CA GLN A 522 -18.11 15.03 -58.50
C GLN A 522 -19.00 16.23 -58.77
N GLU A 523 -20.32 16.03 -58.77
CA GLU A 523 -21.22 17.17 -58.69
C GLU A 523 -21.24 17.76 -57.29
N CYS A 524 -20.82 16.98 -56.29
CA CYS A 524 -20.61 17.47 -54.93
C CYS A 524 -21.87 18.13 -54.36
N ARG A 525 -23.04 17.63 -54.75
CA ARG A 525 -24.27 18.12 -54.15
C ARG A 525 -24.31 17.77 -52.67
N ASN A 526 -24.30 16.47 -52.36
CA ASN A 526 -24.24 15.99 -50.98
C ASN A 526 -25.31 16.63 -50.10
N GLY A 527 -26.39 17.13 -50.70
CA GLY A 527 -27.45 17.74 -49.92
C GLY A 527 -27.08 19.04 -49.25
N SER A 528 -25.96 19.66 -49.63
CA SER A 528 -25.56 20.91 -49.03
C SER A 528 -26.28 22.08 -49.70
N LEU A 529 -26.32 23.21 -48.98
CA LEU A 529 -26.83 24.47 -49.50
C LEU A 529 -25.77 25.54 -49.33
N TYR A 530 -25.75 26.49 -50.26
CA TYR A 530 -24.77 27.58 -50.22
C TYR A 530 -25.41 28.85 -50.73
N VAL A 531 -24.91 29.98 -50.22
CA VAL A 531 -25.23 31.30 -50.75
C VAL A 531 -24.02 31.77 -51.56
N ARG A 532 -24.29 32.27 -52.76
CA ARG A 532 -23.22 32.62 -53.69
C ARG A 532 -23.30 34.09 -54.07
N ASP A 533 -22.12 34.67 -54.32
CA ASP A 533 -22.01 35.95 -55.01
C ASP A 533 -20.69 35.95 -55.76
N ASN A 534 -20.34 37.09 -56.35
CA ASN A 534 -19.11 37.17 -57.13
C ASN A 534 -17.89 36.89 -56.27
N THR A 535 -17.95 37.17 -54.97
CA THR A 535 -16.77 37.12 -54.12
C THR A 535 -16.48 35.72 -53.59
N GLY A 536 -17.48 34.87 -53.43
CA GLY A 536 -17.23 33.54 -52.94
C GLY A 536 -18.52 32.78 -52.67
N VAL A 537 -18.37 31.65 -51.99
CA VAL A 537 -19.46 30.74 -51.68
C VAL A 537 -19.44 30.45 -50.18
N LEU A 538 -20.60 30.45 -49.55
CA LEU A 538 -20.73 30.24 -48.12
C LEU A 538 -21.92 29.33 -47.85
N SER A 539 -21.71 28.33 -46.99
CA SER A 539 -22.76 27.36 -46.70
C SER A 539 -23.74 27.94 -45.68
N CYS A 540 -25.00 27.50 -45.77
CA CYS A 540 -26.04 28.00 -44.90
C CYS A 540 -26.99 26.86 -44.53
N GLU A 541 -27.65 27.04 -43.39
CA GLU A 541 -28.66 26.11 -42.89
C GLU A 541 -30.01 26.79 -42.97
N LEU A 542 -31.00 26.10 -43.52
CA LEU A 542 -32.30 26.68 -43.79
C LEU A 542 -33.39 25.71 -43.37
N ILE A 543 -34.48 26.24 -42.82
CA ILE A 543 -35.59 25.44 -42.32
C ILE A 543 -36.67 25.38 -43.38
N ASP A 544 -37.26 24.19 -43.54
CA ASP A 544 -38.39 23.96 -44.45
C ASP A 544 -38.20 24.71 -45.76
N LEU A 545 -37.14 24.34 -46.47
CA LEU A 545 -36.84 24.96 -47.75
C LEU A 545 -37.90 24.58 -48.79
N ASP A 546 -38.38 25.57 -49.53
CA ASP A 546 -39.20 25.33 -50.72
C ASP A 546 -38.25 25.26 -51.91
N LEU A 547 -38.07 24.06 -52.47
CA LEU A 547 -37.09 23.88 -53.53
C LEU A 547 -37.30 24.85 -54.69
N SER A 548 -38.48 25.45 -54.80
CA SER A 548 -38.69 26.50 -55.79
C SER A 548 -37.64 27.60 -55.67
N TRP A 549 -37.15 27.85 -54.46
CA TRP A 549 -36.23 28.96 -54.25
C TRP A 549 -34.86 28.73 -54.89
N LEU A 550 -34.47 27.49 -55.11
CA LEU A 550 -33.12 27.20 -55.56
C LEU A 550 -32.83 27.91 -56.88
N GLY A 551 -31.73 28.67 -56.89
CA GLY A 551 -31.26 29.34 -58.09
C GLY A 551 -31.65 30.79 -58.19
N HIS A 552 -32.55 31.28 -57.34
CA HIS A 552 -33.02 32.65 -57.40
C HIS A 552 -32.16 33.56 -56.51
N LEU A 553 -32.26 34.85 -56.77
CA LEU A 553 -31.52 35.87 -56.04
C LEU A 553 -32.44 36.50 -54.99
N PHE A 554 -31.99 36.54 -53.74
CA PHE A 554 -32.82 36.98 -52.63
C PHE A 554 -32.11 38.04 -51.80
N LEU A 555 -32.85 38.61 -50.87
CA LEU A 555 -32.35 39.48 -49.81
C LEU A 555 -32.74 38.84 -48.48
N PHE A 556 -31.76 38.24 -47.80
CA PHE A 556 -32.03 37.56 -46.54
C PHE A 556 -32.19 38.57 -45.42
N PRO A 557 -33.39 38.72 -44.84
CA PRO A 557 -33.60 39.76 -43.84
C PRO A 557 -33.30 39.34 -42.41
N ARG A 558 -33.15 38.05 -42.13
CA ARG A 558 -32.95 37.58 -40.76
C ARG A 558 -32.02 36.36 -40.81
N TRP A 559 -30.80 36.51 -40.32
CA TRP A 559 -29.86 35.40 -40.34
C TRP A 559 -28.83 35.56 -39.24
N SER A 560 -28.32 34.42 -38.79
CA SER A 560 -27.16 34.36 -37.91
C SER A 560 -25.96 33.86 -38.71
N TYR A 561 -24.79 34.42 -38.43
CA TYR A 561 -23.54 33.89 -38.92
C TYR A 561 -22.75 33.33 -37.76
N LEU A 562 -22.23 32.11 -37.92
CA LEU A 562 -21.42 31.47 -36.90
C LEU A 562 -20.04 31.18 -37.49
N PRO A 563 -18.97 31.71 -36.93
CA PRO A 563 -17.64 31.47 -37.50
C PRO A 563 -17.29 30.00 -37.42
N PRO A 564 -16.27 29.57 -38.14
CA PRO A 564 -15.83 28.16 -38.02
C PRO A 564 -15.36 27.88 -36.60
N ALA A 565 -15.83 26.76 -36.05
CA ALA A 565 -15.45 26.40 -34.69
C ALA A 565 -13.94 26.29 -34.58
N ARG A 566 -13.42 26.67 -33.41
CA ARG A 566 -11.97 26.75 -33.23
C ARG A 566 -11.28 25.45 -33.61
N TRP A 567 -11.89 24.30 -33.31
CA TRP A 567 -11.24 23.03 -33.60
C TRP A 567 -11.05 22.80 -35.09
N ASN A 568 -11.87 23.44 -35.92
CA ASN A 568 -11.97 23.08 -37.34
C ASN A 568 -10.88 23.79 -38.12
N SER A 569 -10.01 23.01 -38.77
CA SER A 569 -8.98 23.59 -39.62
C SER A 569 -9.57 24.10 -40.93
N SER A 570 -10.62 23.44 -41.44
CA SER A 570 -11.19 23.84 -42.73
C SER A 570 -11.69 25.27 -42.70
N GLY A 571 -12.12 25.77 -41.54
CA GLY A 571 -12.53 27.14 -41.42
C GLY A 571 -13.79 27.51 -42.17
N GLU A 572 -14.58 26.53 -42.59
CA GLU A 572 -15.78 26.80 -43.40
C GLU A 572 -16.95 27.07 -42.46
N GLY A 573 -17.12 28.35 -42.09
CA GLY A 573 -18.25 28.75 -41.28
C GLY A 573 -19.56 28.57 -42.02
N HIS A 574 -20.68 28.89 -41.36
CA HIS A 574 -21.98 28.68 -41.96
C HIS A 574 -22.96 29.72 -41.44
N LEU A 575 -23.92 30.07 -42.29
CA LEU A 575 -25.02 30.95 -41.92
C LEU A 575 -26.18 30.15 -41.35
N GLU A 576 -27.08 30.86 -40.69
CA GLU A 576 -28.39 30.32 -40.30
C GLU A 576 -29.45 31.31 -40.77
N LEU A 577 -30.36 30.85 -41.62
CA LEU A 577 -31.42 31.68 -42.17
C LEU A 577 -32.68 31.45 -41.34
N TRP A 578 -33.08 32.47 -40.57
CA TRP A 578 -34.20 32.30 -39.65
C TRP A 578 -35.53 32.22 -40.37
N ASP A 579 -35.73 33.02 -41.43
CA ASP A 579 -37.01 33.10 -42.08
C ASP A 579 -36.85 33.11 -43.59
N ALA A 580 -37.94 32.78 -44.27
CA ALA A 580 -37.93 32.68 -45.72
C ALA A 580 -37.33 33.95 -46.34
N PRO A 581 -36.50 33.82 -47.38
CA PRO A 581 -35.87 35.00 -47.97
C PRO A 581 -36.81 35.76 -48.90
N VAL A 582 -36.56 37.06 -48.99
CA VAL A 582 -37.33 37.94 -49.87
C VAL A 582 -36.66 37.92 -51.24
N PRO A 583 -37.30 37.42 -52.29
CA PRO A 583 -36.67 37.44 -53.62
C PRO A 583 -36.58 38.85 -54.16
N VAL A 584 -35.41 39.19 -54.71
CA VAL A 584 -35.19 40.55 -55.23
C VAL A 584 -36.16 40.84 -56.37
N PHE A 585 -36.20 39.95 -57.36
CA PHE A 585 -37.11 40.12 -58.47
C PHE A 585 -38.53 39.73 -58.08
N PRO A 586 -39.53 40.22 -58.81
CA PRO A 586 -40.91 39.78 -58.54
C PRO A 586 -41.05 38.27 -58.71
N LEU A 587 -42.11 37.73 -58.10
CA LEU A 587 -42.29 36.29 -58.06
C LEU A 587 -42.43 35.71 -59.46
N THR A 588 -41.60 34.70 -59.76
CA THR A 588 -41.63 34.02 -61.05
C THR A 588 -42.57 32.81 -61.03
N ILE A 589 -43.80 33.03 -60.53
CA ILE A 589 -44.77 31.97 -60.36
C ILE A 589 -44.96 31.24 -61.69
N SER A 590 -44.69 29.92 -61.69
CA SER A 590 -44.73 29.11 -62.91
C SER A 590 -45.86 28.09 -62.84
N PRO A 591 -46.47 27.76 -63.97
CA PRO A 591 -47.65 26.89 -63.95
C PRO A 591 -47.31 25.46 -63.54
N GLY A 592 -48.21 24.86 -62.76
CA GLY A 592 -48.11 23.46 -62.40
C GLY A 592 -48.91 22.59 -63.33
N PRO A 593 -49.06 21.30 -62.98
CA PRO A 593 -49.80 20.38 -63.85
C PRO A 593 -51.29 20.64 -63.80
N VAL A 594 -51.90 20.86 -64.96
CA VAL A 594 -53.35 20.93 -65.05
C VAL A 594 -53.94 19.54 -65.21
N THR A 595 -53.20 18.63 -65.84
CA THR A 595 -53.67 17.26 -66.03
C THR A 595 -53.53 16.46 -64.72
N PRO A 596 -54.47 15.56 -64.43
CA PRO A 596 -54.28 14.67 -63.27
C PRO A 596 -53.22 13.62 -63.53
N ILE A 597 -52.05 13.79 -62.92
CA ILE A 597 -50.92 12.90 -63.19
C ILE A 597 -51.24 11.50 -62.71
N PRO A 598 -51.10 10.47 -63.54
CA PRO A 598 -51.31 9.09 -63.05
C PRO A 598 -50.16 8.66 -62.15
N VAL A 599 -50.51 8.14 -60.98
CA VAL A 599 -49.53 7.67 -60.01
C VAL A 599 -50.05 6.40 -59.35
N LEU A 600 -49.15 5.47 -59.07
CA LEU A 600 -49.49 4.27 -58.31
C LEU A 600 -49.58 4.61 -56.82
N TYR A 601 -50.62 4.09 -56.17
CA TYR A 601 -50.78 4.33 -54.75
C TYR A 601 -50.12 3.21 -53.95
N PRO A 602 -49.87 3.45 -52.65
CA PRO A 602 -48.96 2.57 -51.90
C PRO A 602 -49.33 1.09 -51.92
N GLU A 603 -50.61 0.73 -51.93
CA GLU A 603 -50.98 -0.68 -51.91
C GLU A 603 -50.60 -1.35 -53.24
N SER A 604 -51.07 -0.79 -54.35
CA SER A 604 -50.69 -1.33 -55.65
C SER A 604 -49.19 -1.26 -55.87
N ALA A 605 -48.55 -0.19 -55.39
CA ALA A 605 -47.10 -0.07 -55.53
C ALA A 605 -46.38 -1.15 -54.73
N SER A 606 -46.92 -1.52 -53.56
CA SER A 606 -46.36 -2.62 -52.80
C SER A 606 -46.51 -3.93 -53.56
N CYS A 607 -47.71 -4.17 -54.10
CA CYS A 607 -47.94 -5.36 -54.92
C CYS A 607 -46.89 -5.45 -56.03
N LEU A 608 -46.64 -4.32 -56.70
CA LEU A 608 -45.67 -4.32 -57.80
C LEU A 608 -44.24 -4.49 -57.31
N LEU A 609 -43.91 -3.92 -56.13
CA LEU A 609 -42.58 -4.13 -55.56
C LEU A 609 -42.37 -5.59 -55.20
N ARG A 610 -43.44 -6.33 -54.90
CA ARG A 610 -43.33 -7.76 -54.76
C ARG A 610 -43.21 -8.44 -56.13
N LEU A 611 -44.17 -8.18 -57.01
CA LEU A 611 -44.20 -8.81 -58.33
C LEU A 611 -43.56 -7.87 -59.36
N ARG A 612 -42.22 -7.81 -59.28
CA ARG A 612 -41.46 -6.91 -60.13
C ARG A 612 -41.69 -7.20 -61.60
N ASN A 613 -42.06 -8.44 -61.95
CA ASN A 613 -42.27 -8.79 -63.35
C ASN A 613 -43.48 -8.09 -63.95
N LYS A 614 -44.41 -7.62 -63.13
CA LYS A 614 -45.63 -7.00 -63.61
C LYS A 614 -45.50 -5.49 -63.79
N LEU A 615 -44.28 -4.97 -63.82
CA LEU A 615 -44.07 -3.54 -64.02
C LEU A 615 -44.27 -3.17 -65.49
N ARG A 616 -45.52 -3.11 -65.93
CA ARG A 616 -45.82 -2.77 -67.32
C ARG A 616 -47.21 -2.13 -67.37
N GLY A 617 -47.38 -1.22 -68.32
CA GLY A 617 -48.64 -0.54 -68.50
C GLY A 617 -48.85 0.62 -67.56
N VAL A 618 -48.88 0.33 -66.26
CA VAL A 618 -49.09 1.38 -65.26
C VAL A 618 -47.91 2.35 -65.27
N GLN A 619 -48.20 3.62 -65.04
CA GLN A 619 -47.16 4.64 -65.06
C GLN A 619 -46.30 4.55 -63.80
N ARG A 620 -44.99 4.74 -63.98
CA ARG A 620 -44.02 4.63 -62.89
C ARG A 620 -43.92 5.96 -62.14
N ASN A 621 -45.00 6.29 -61.43
CA ASN A 621 -45.05 7.44 -60.54
C ASN A 621 -45.68 7.01 -59.21
N LEU A 622 -45.54 7.85 -58.19
CA LEU A 622 -46.06 7.57 -56.86
C LEU A 622 -46.56 8.85 -56.22
N ALA A 623 -47.34 8.67 -55.15
CA ALA A 623 -47.80 9.79 -54.33
C ALA A 623 -48.21 9.25 -52.97
N GLY A 624 -48.18 10.14 -51.98
CA GLY A 624 -48.60 9.78 -50.65
C GLY A 624 -47.99 10.69 -49.61
N SER A 625 -48.45 10.53 -48.37
CA SER A 625 -47.94 11.30 -47.25
C SER A 625 -46.61 10.72 -46.77
N LEU A 626 -45.62 11.58 -46.58
CA LEU A 626 -44.34 11.17 -46.04
C LEU A 626 -44.49 10.70 -44.60
N VAL A 627 -44.38 9.40 -44.37
CA VAL A 627 -44.62 8.83 -43.05
C VAL A 627 -43.31 8.54 -42.33
N ARG A 628 -42.25 8.24 -43.08
CA ARG A 628 -40.97 7.87 -42.47
C ARG A 628 -39.83 8.33 -43.36
N LEU A 629 -38.80 8.91 -42.75
CA LEU A 629 -37.64 9.44 -43.45
C LEU A 629 -36.37 8.96 -42.79
N SER A 630 -35.38 8.61 -43.61
CA SER A 630 -34.10 8.11 -43.14
C SER A 630 -33.05 9.21 -43.13
N ALA A 631 -31.97 8.96 -42.40
CA ALA A 631 -30.82 9.84 -42.46
C ALA A 631 -30.10 9.64 -43.79
N LEU A 632 -29.26 10.63 -44.13
CA LEU A 632 -28.47 10.55 -45.35
C LEU A 632 -27.31 9.58 -45.15
N VAL A 633 -27.22 8.58 -46.02
CA VAL A 633 -26.17 7.57 -45.97
C VAL A 633 -25.14 7.90 -47.03
N LYS A 634 -23.86 7.81 -46.65
CA LYS A 634 -22.75 8.19 -47.53
C LYS A 634 -21.75 7.04 -47.57
N SER A 635 -21.82 6.23 -48.63
CA SER A 635 -20.88 5.13 -48.81
C SER A 635 -19.61 5.64 -49.48
N LYS A 636 -18.81 4.74 -50.06
CA LYS A 636 -17.56 5.15 -50.67
C LYS A 636 -17.78 6.23 -51.73
N GLN A 637 -18.88 6.14 -52.48
CA GLN A 637 -19.21 7.14 -53.48
C GLN A 637 -20.71 7.45 -53.45
N LYS A 638 -21.53 6.40 -53.32
CA LYS A 638 -22.98 6.57 -53.32
C LYS A 638 -23.42 7.26 -52.04
N ALA A 639 -23.88 8.51 -52.17
CA ALA A 639 -24.59 9.19 -51.10
C ALA A 639 -26.08 9.16 -51.43
N TYR A 640 -26.87 8.60 -50.51
CA TYR A 640 -28.28 8.35 -50.78
C TYR A 640 -29.07 8.39 -49.48
N PHE A 641 -30.39 8.42 -49.62
CA PHE A 641 -31.29 8.34 -48.47
C PHE A 641 -32.56 7.63 -48.91
N ILE A 642 -33.38 7.26 -47.93
CA ILE A 642 -34.61 6.52 -48.17
C ILE A 642 -35.75 7.21 -47.43
N LEU A 643 -36.95 7.15 -48.04
CA LEU A 643 -38.14 7.74 -47.46
C LEU A 643 -39.31 6.79 -47.72
N SER A 644 -40.46 7.10 -47.10
CA SER A 644 -41.64 6.26 -47.21
C SER A 644 -42.89 7.12 -47.31
N LEU A 645 -43.74 6.82 -48.28
CA LEU A 645 -45.01 7.50 -48.49
C LEU A 645 -46.15 6.57 -48.08
N GLY A 646 -47.04 7.08 -47.23
CA GLY A 646 -48.19 6.32 -46.75
C GLY A 646 -49.49 6.86 -47.32
N ARG A 647 -50.46 5.96 -47.49
CA ARG A 647 -51.77 6.37 -47.97
C ARG A 647 -52.46 7.29 -46.96
N SER A 648 -52.11 7.18 -45.69
CA SER A 648 -52.66 8.03 -44.64
C SER A 648 -51.73 7.95 -43.44
N HIS A 649 -51.97 8.83 -42.46
CA HIS A 649 -51.18 8.82 -41.24
C HIS A 649 -52.09 9.11 -40.05
N PRO A 650 -52.09 8.27 -39.02
CA PRO A 650 -51.35 7.00 -38.88
C PRO A 650 -52.01 5.90 -39.69
N ALA A 651 -51.25 5.12 -40.46
CA ALA A 651 -51.83 4.05 -41.27
C ALA A 651 -50.76 3.01 -41.58
N VAL A 652 -51.22 1.84 -41.99
CA VAL A 652 -50.33 0.73 -42.28
C VAL A 652 -49.70 0.88 -43.65
N THR A 653 -50.55 0.97 -44.68
CA THR A 653 -50.11 0.82 -46.06
C THR A 653 -49.20 1.98 -46.46
N HIS A 654 -47.91 1.68 -46.65
CA HIS A 654 -46.94 2.67 -47.08
C HIS A 654 -45.89 1.99 -47.95
N VAL A 655 -45.20 2.79 -48.76
CA VAL A 655 -44.17 2.30 -49.66
C VAL A 655 -42.92 3.15 -49.51
N SER A 656 -41.76 2.49 -49.50
CA SER A 656 -40.49 3.19 -49.36
C SER A 656 -39.89 3.49 -50.72
N ILE A 657 -39.11 4.56 -50.78
CA ILE A 657 -38.46 5.00 -52.01
C ILE A 657 -37.01 5.35 -51.68
N ILE A 658 -36.09 4.96 -52.55
CA ILE A 658 -34.67 5.25 -52.41
C ILE A 658 -34.31 6.35 -53.41
N VAL A 659 -33.65 7.39 -52.92
CA VAL A 659 -33.23 8.52 -53.74
C VAL A 659 -31.71 8.50 -53.81
N GLN A 660 -31.17 8.51 -55.03
CA GLN A 660 -29.74 8.33 -55.24
C GLN A 660 -29.12 9.31 -56.22
N VAL A 661 -29.92 10.02 -57.02
CA VAL A 661 -29.35 10.97 -57.97
C VAL A 661 -28.65 12.09 -57.21
N PRO A 662 -27.38 12.40 -57.51
CA PRO A 662 -26.67 13.41 -56.71
C PRO A 662 -27.39 14.76 -56.69
N ALA A 663 -27.88 15.22 -57.84
CA ALA A 663 -28.57 16.51 -57.88
C ALA A 663 -29.80 16.54 -56.98
N GLN A 664 -30.38 15.39 -56.68
CA GLN A 664 -31.63 15.32 -55.93
C GLN A 664 -31.43 15.18 -54.42
N LEU A 665 -30.19 15.01 -53.95
CA LEU A 665 -29.97 14.88 -52.52
C LEU A 665 -30.48 16.12 -51.77
N VAL A 666 -30.54 17.26 -52.43
CA VAL A 666 -31.05 18.47 -51.79
C VAL A 666 -32.47 18.26 -51.29
N TRP A 667 -33.21 17.33 -51.91
CA TRP A 667 -34.58 17.10 -51.50
C TRP A 667 -34.68 16.73 -50.03
N HIS A 668 -33.64 16.12 -49.46
CA HIS A 668 -33.71 15.68 -48.08
C HIS A 668 -34.11 16.80 -47.15
N ARG A 669 -33.77 18.05 -47.49
CA ARG A 669 -34.19 19.18 -46.69
C ARG A 669 -35.60 19.63 -47.04
N ALA A 670 -35.97 19.53 -48.32
CA ALA A 670 -37.28 20.01 -48.75
C ALA A 670 -38.40 19.20 -48.12
N LEU A 671 -38.29 17.88 -48.15
CA LEU A 671 -39.35 17.03 -47.61
C LEU A 671 -39.52 17.28 -46.12
N ARG A 672 -40.73 17.01 -45.63
CA ARG A 672 -41.00 17.01 -44.21
C ARG A 672 -42.22 16.14 -43.96
N PRO A 673 -42.26 15.33 -42.91
CA PRO A 673 -43.33 14.34 -42.76
C PRO A 673 -44.72 14.98 -42.77
N GLY A 674 -45.71 14.12 -42.87
CA GLY A 674 -47.12 14.54 -42.86
C GLY A 674 -47.59 15.09 -44.19
N THR A 675 -46.87 16.09 -44.71
CA THR A 675 -47.19 16.62 -46.03
C THR A 675 -47.15 15.52 -47.07
N ALA A 676 -48.02 15.63 -48.08
CA ALA A 676 -48.10 14.64 -49.15
C ALA A 676 -47.40 15.16 -50.40
N TYR A 677 -46.76 14.25 -51.12
CA TYR A 677 -45.92 14.61 -52.25
C TYR A 677 -46.19 13.67 -53.41
N VAL A 678 -45.65 14.05 -54.57
CA VAL A 678 -45.74 13.25 -55.79
C VAL A 678 -44.34 13.03 -56.33
N LEU A 679 -43.99 11.77 -56.59
CA LEU A 679 -42.71 11.39 -57.16
C LEU A 679 -42.95 10.75 -58.52
N THR A 680 -42.06 11.02 -59.47
CA THR A 680 -42.32 10.74 -60.87
C THR A 680 -41.10 10.15 -61.55
N GLU A 681 -41.33 9.60 -62.74
CA GLU A 681 -40.28 9.05 -63.59
C GLU A 681 -39.37 8.10 -62.81
N LEU A 682 -40.00 7.11 -62.18
CA LEU A 682 -39.30 6.20 -61.28
C LEU A 682 -38.96 4.88 -61.96
N ARG A 683 -38.14 4.10 -61.28
CA ARG A 683 -37.90 2.71 -61.63
C ARG A 683 -37.83 1.91 -60.33
N VAL A 684 -37.94 0.59 -60.45
CA VAL A 684 -37.86 -0.31 -59.31
C VAL A 684 -36.44 -0.85 -59.22
N SER A 685 -35.80 -0.62 -58.08
CA SER A 685 -34.41 -1.00 -57.89
C SER A 685 -34.31 -2.45 -57.41
N LYS A 686 -33.11 -3.01 -57.55
CA LYS A 686 -32.79 -4.33 -57.03
C LYS A 686 -31.56 -4.21 -56.14
N ILE A 687 -31.69 -4.67 -54.90
CA ILE A 687 -30.62 -4.56 -53.91
C ILE A 687 -30.35 -5.94 -53.32
N ARG A 688 -29.08 -6.23 -53.08
CA ARG A 688 -28.69 -7.53 -52.53
C ARG A 688 -29.34 -7.75 -51.18
N GLY A 689 -30.15 -8.81 -51.09
CA GLY A 689 -30.78 -9.20 -49.84
C GLY A 689 -32.17 -8.64 -49.63
N GLN A 690 -32.67 -7.80 -50.53
CA GLN A 690 -34.00 -7.22 -50.41
C GLN A 690 -34.94 -8.02 -51.30
N ARG A 691 -35.64 -8.98 -50.69
CA ARG A 691 -36.59 -9.79 -51.45
C ARG A 691 -37.67 -8.93 -52.08
N GLN A 692 -38.35 -8.13 -51.26
CA GLN A 692 -39.25 -7.09 -51.78
C GLN A 692 -38.42 -5.87 -52.17
N HIS A 693 -38.73 -5.31 -53.34
CA HIS A 693 -37.93 -4.25 -53.91
C HIS A 693 -38.41 -2.88 -53.43
N VAL A 694 -37.77 -1.83 -53.94
CA VAL A 694 -38.15 -0.46 -53.66
C VAL A 694 -38.09 0.35 -54.95
N TRP A 695 -38.93 1.38 -55.02
CA TRP A 695 -38.88 2.31 -56.13
C TRP A 695 -37.71 3.26 -55.98
N MET A 696 -37.22 3.77 -57.11
CA MET A 696 -36.06 4.66 -57.11
C MET A 696 -36.28 5.77 -58.13
N THR A 697 -35.55 6.87 -57.92
CA THR A 697 -35.64 8.03 -58.79
C THR A 697 -34.70 7.90 -59.98
N SER A 698 -35.11 8.49 -61.10
CA SER A 698 -34.24 8.70 -62.25
C SER A 698 -33.84 10.17 -62.32
N GLN A 699 -32.91 10.47 -63.24
CA GLN A 699 -32.53 11.86 -63.45
C GLN A 699 -33.73 12.70 -63.90
N SER A 700 -34.71 12.07 -64.54
CA SER A 700 -35.91 12.78 -64.98
C SER A 700 -36.95 12.90 -63.88
N SER A 701 -36.71 12.31 -62.71
CA SER A 701 -37.70 12.33 -61.64
C SER A 701 -37.95 13.75 -61.15
N ARG A 702 -39.22 14.09 -60.98
CA ARG A 702 -39.63 15.37 -60.42
C ARG A 702 -40.30 15.15 -59.07
N LEU A 703 -39.94 15.99 -58.09
CA LEU A 703 -40.60 16.00 -56.79
C LEU A 703 -41.62 17.12 -56.77
N LEU A 704 -42.85 16.79 -56.39
CA LEU A 704 -43.97 17.71 -56.52
C LEU A 704 -44.88 17.60 -55.31
N LEU A 705 -45.39 18.76 -54.86
CA LEU A 705 -46.37 18.77 -53.79
C LEU A 705 -47.71 18.27 -54.31
N LEU A 706 -48.37 17.43 -53.52
CA LEU A 706 -49.61 16.79 -53.95
C LEU A 706 -50.78 17.76 -53.85
N LYS A 707 -51.56 17.84 -54.93
CA LYS A 707 -52.86 18.48 -54.93
C LYS A 707 -53.83 17.51 -55.59
N PRO A 708 -54.97 17.21 -54.95
CA PRO A 708 -55.79 16.07 -55.43
C PRO A 708 -56.09 16.08 -56.93
N GLU A 709 -56.67 17.16 -57.46
CA GLU A 709 -57.02 17.18 -58.87
C GLU A 709 -55.81 17.10 -59.79
N CYS A 710 -54.60 17.24 -59.26
CA CYS A 710 -53.38 17.10 -60.04
C CYS A 710 -52.88 15.67 -60.13
N VAL A 711 -53.65 14.70 -59.65
CA VAL A 711 -53.22 13.30 -59.61
C VAL A 711 -54.39 12.40 -59.97
N GLN A 712 -54.08 11.32 -60.68
CA GLN A 712 -55.00 10.21 -60.91
C GLN A 712 -54.44 8.99 -60.19
N GLU A 713 -55.26 8.40 -59.31
CA GLU A 713 -54.81 7.29 -58.47
C GLU A 713 -54.93 5.99 -59.28
N LEU A 714 -53.79 5.44 -59.69
CA LEU A 714 -53.77 4.14 -60.35
C LEU A 714 -53.88 3.04 -59.30
N GLU A 715 -54.85 2.14 -59.48
CA GLU A 715 -55.04 1.01 -58.59
C GLU A 715 -55.21 -0.25 -59.43
N LEU A 716 -54.48 -1.30 -59.06
CA LEU A 716 -54.54 -2.57 -59.78
C LEU A 716 -55.94 -3.19 -59.69
N ASP A 741 -33.67 -8.01 -17.00
CA ASP A 741 -33.59 -9.01 -15.96
C ASP A 741 -32.14 -9.44 -15.76
N PRO A 742 -31.57 -9.20 -14.57
CA PRO A 742 -30.19 -9.65 -14.31
C PRO A 742 -29.99 -11.13 -14.58
N GLU A 743 -31.09 -11.89 -14.65
CA GLU A 743 -30.99 -13.28 -15.08
C GLU A 743 -30.55 -13.36 -16.53
N SER A 744 -31.02 -12.43 -17.37
CA SER A 744 -30.65 -12.38 -18.78
C SER A 744 -30.74 -10.92 -19.21
N LEU A 745 -29.61 -10.22 -19.14
CA LEU A 745 -29.59 -8.77 -19.30
C LEU A 745 -30.06 -8.31 -20.67
N VAL A 746 -30.26 -9.22 -21.63
CA VAL A 746 -30.77 -8.83 -22.94
C VAL A 746 -32.14 -8.20 -22.77
N ARG A 747 -32.29 -6.97 -23.26
CA ARG A 747 -33.56 -6.28 -23.28
C ARG A 747 -33.73 -5.58 -24.61
N TYR A 748 -34.98 -5.28 -24.95
CA TYR A 748 -35.33 -4.69 -26.24
C TYR A 748 -35.73 -3.23 -26.06
N SER A 749 -35.33 -2.40 -27.03
CA SER A 749 -35.62 -0.97 -26.99
C SER A 749 -36.99 -0.67 -27.60
N ARG A 750 -37.58 0.44 -27.17
CA ARG A 750 -38.90 0.84 -27.60
C ARG A 750 -38.80 2.00 -28.58
N LEU A 751 -39.23 1.77 -29.81
CA LEU A 751 -39.29 2.85 -30.79
C LEU A 751 -40.36 3.86 -30.39
N LEU A 752 -40.18 5.10 -30.83
CA LEU A 752 -41.17 6.15 -30.62
C LEU A 752 -40.75 7.37 -31.43
N SER A 753 -41.57 8.41 -31.36
CA SER A 753 -41.31 9.69 -31.99
C SER A 753 -41.31 10.78 -30.93
N TYR A 754 -40.34 11.69 -31.01
CA TYR A 754 -40.15 12.67 -29.96
C TYR A 754 -39.93 14.05 -30.54
N SER A 755 -40.30 15.06 -29.76
CA SER A 755 -40.04 16.47 -30.09
C SER A 755 -39.61 17.18 -28.81
N GLY A 756 -38.54 17.94 -28.89
CA GLY A 756 -38.06 18.64 -27.71
C GLY A 756 -36.96 19.63 -28.07
N ALA A 757 -36.30 20.13 -27.03
CA ALA A 757 -35.26 21.14 -27.18
C ALA A 757 -34.04 20.78 -26.35
N VAL A 758 -32.86 20.94 -26.94
CA VAL A 758 -31.61 20.65 -26.26
C VAL A 758 -31.38 21.68 -25.16
N THR A 759 -31.24 21.23 -23.93
CA THR A 759 -30.98 22.13 -22.82
C THR A 759 -29.48 22.33 -22.56
N GLY A 760 -28.67 21.32 -22.82
CA GLY A 760 -27.25 21.44 -22.57
C GLY A 760 -26.50 20.24 -23.11
N VAL A 761 -25.20 20.43 -23.30
CA VAL A 761 -24.33 19.43 -23.92
C VAL A 761 -23.63 18.65 -22.82
N LEU A 762 -23.73 17.32 -22.89
CA LEU A 762 -23.00 16.46 -21.96
C LEU A 762 -21.59 16.21 -22.47
N ASN A 763 -21.47 15.70 -23.69
CA ASN A 763 -20.19 15.48 -24.34
C ASN A 763 -20.40 15.78 -25.82
N GLU A 764 -19.92 16.95 -26.26
CA GLU A 764 -20.21 17.40 -27.63
C GLU A 764 -19.63 16.47 -28.69
N PRO A 765 -18.31 16.27 -28.77
CA PRO A 765 -17.78 15.49 -29.89
C PRO A 765 -18.29 14.06 -29.93
N ALA A 766 -18.63 13.47 -28.79
CA ALA A 766 -19.24 12.14 -28.81
C ALA A 766 -20.70 12.18 -29.24
N GLY A 767 -21.35 13.34 -29.13
CA GLY A 767 -22.73 13.47 -29.55
C GLY A 767 -23.74 13.09 -28.49
N LEU A 768 -23.51 13.46 -27.24
CA LEU A 768 -24.41 13.16 -26.14
C LEU A 768 -24.97 14.47 -25.60
N TYR A 769 -26.26 14.70 -25.82
CA TYR A 769 -26.92 15.95 -25.42
C TYR A 769 -28.06 15.67 -24.46
N GLU A 770 -28.39 16.68 -23.66
CA GLU A 770 -29.59 16.66 -22.84
C GLU A 770 -30.76 17.23 -23.63
N LEU A 771 -31.88 16.52 -23.64
CA LEU A 771 -33.15 17.06 -24.12
C LEU A 771 -34.01 17.42 -22.93
N ASP A 772 -34.31 18.71 -22.77
CA ASP A 772 -35.22 19.19 -21.74
C ASP A 772 -34.69 18.98 -20.34
N GLY A 773 -33.40 18.70 -20.20
CA GLY A 773 -32.84 18.35 -18.91
C GLY A 773 -33.40 17.06 -18.35
N GLN A 774 -34.11 16.30 -19.19
CA GLN A 774 -34.80 15.08 -18.78
C GLN A 774 -34.26 13.84 -19.46
N LEU A 775 -34.04 13.89 -20.77
CA LEU A 775 -33.65 12.72 -21.54
C LEU A 775 -32.29 12.93 -22.18
N GLY A 776 -31.47 11.88 -22.20
CA GLY A 776 -30.23 11.93 -22.92
C GLY A 776 -30.43 11.59 -24.40
N LEU A 777 -29.73 12.32 -25.25
CA LEU A 777 -29.80 12.13 -26.70
C LEU A 777 -28.42 11.77 -27.20
N CYS A 778 -28.30 10.58 -27.80
CA CYS A 778 -27.03 10.09 -28.33
C CYS A 778 -27.17 9.93 -29.84
N LEU A 779 -26.53 10.82 -30.59
CA LEU A 779 -26.64 10.81 -32.04
C LEU A 779 -25.58 9.96 -32.72
N ALA A 780 -24.56 9.51 -31.99
CA ALA A 780 -23.37 8.97 -32.63
C ALA A 780 -23.69 7.86 -33.62
N TYR A 781 -24.81 7.17 -33.43
CA TYR A 781 -25.12 6.04 -34.29
C TYR A 781 -25.65 6.47 -35.66
N GLN A 782 -25.96 7.75 -35.84
CA GLN A 782 -26.12 8.32 -37.16
C GLN A 782 -24.82 8.99 -37.57
N GLN A 783 -24.77 9.44 -38.84
CA GLN A 783 -23.54 10.03 -39.35
C GLN A 783 -23.06 11.17 -38.46
N PHE A 784 -23.98 12.04 -38.04
CA PHE A 784 -23.72 13.05 -37.01
C PHE A 784 -22.68 14.08 -37.43
N ARG A 785 -22.17 14.00 -38.66
CA ARG A 785 -21.06 14.87 -39.02
C ARG A 785 -21.52 16.30 -39.32
N GLY A 786 -22.77 16.47 -39.76
CA GLY A 786 -23.29 17.79 -40.07
C GLY A 786 -23.92 18.48 -38.88
N LEU A 787 -24.79 17.77 -38.16
CA LEU A 787 -25.55 18.38 -37.08
C LEU A 787 -24.68 19.09 -36.07
N ARG A 788 -23.44 18.62 -35.88
CA ARG A 788 -22.60 19.19 -34.82
C ARG A 788 -22.44 20.69 -34.97
N ARG A 789 -22.55 21.23 -36.19
CA ARG A 789 -22.35 22.66 -36.37
C ARG A 789 -23.60 23.46 -36.02
N VAL A 790 -24.76 22.82 -35.91
CA VAL A 790 -25.99 23.48 -35.51
C VAL A 790 -26.31 23.23 -34.04
N MET A 791 -26.14 21.99 -33.59
CA MET A 791 -26.60 21.56 -32.28
C MET A 791 -25.97 22.39 -31.17
N ARG A 792 -26.77 23.21 -30.50
CA ARG A 792 -26.32 23.95 -29.34
C ARG A 792 -27.55 24.28 -28.50
N PRO A 793 -27.37 24.71 -27.25
CA PRO A 793 -28.52 24.90 -26.36
C PRO A 793 -29.60 25.75 -27.01
N GLY A 794 -30.84 25.31 -26.86
CA GLY A 794 -31.97 26.03 -27.40
C GLY A 794 -32.44 25.55 -28.77
N VAL A 795 -31.71 24.63 -29.40
CA VAL A 795 -32.19 24.04 -30.64
C VAL A 795 -33.46 23.25 -30.36
N CYS A 796 -34.39 23.29 -31.30
CA CYS A 796 -35.63 22.52 -31.22
C CYS A 796 -35.58 21.39 -32.23
N LEU A 797 -35.77 20.16 -31.77
CA LEU A 797 -35.63 18.96 -32.58
C LEU A 797 -36.92 18.17 -32.60
N GLN A 798 -37.22 17.56 -33.74
CA GLN A 798 -38.24 16.53 -33.85
C GLN A 798 -37.57 15.25 -34.33
N LEU A 799 -37.67 14.19 -33.53
CA LEU A 799 -37.04 12.92 -33.83
C LEU A 799 -38.12 11.89 -34.19
N GLN A 800 -37.94 11.23 -35.33
CA GLN A 800 -38.89 10.24 -35.82
C GLN A 800 -38.28 8.85 -35.68
N ASP A 801 -39.02 7.95 -35.02
CA ASP A 801 -38.61 6.55 -34.85
C ASP A 801 -37.29 6.43 -34.10
N VAL A 802 -37.03 7.37 -33.19
CA VAL A 802 -35.89 7.24 -32.29
C VAL A 802 -36.07 6.02 -31.40
N HIS A 803 -34.98 5.27 -31.21
CA HIS A 803 -34.98 4.19 -30.23
C HIS A 803 -34.84 4.77 -28.83
N LEU A 804 -35.73 4.37 -27.93
CA LEU A 804 -35.63 4.75 -26.53
C LEU A 804 -35.03 3.60 -25.74
N LEU A 805 -33.87 3.84 -25.12
CA LEU A 805 -33.21 2.85 -24.26
C LEU A 805 -33.16 3.41 -22.85
N GLN A 806 -34.12 3.01 -22.03
CA GLN A 806 -34.08 3.34 -20.61
C GLN A 806 -33.21 2.34 -19.87
N SER A 807 -32.78 2.74 -18.66
CA SER A 807 -31.97 1.88 -17.80
C SER A 807 -30.72 1.38 -18.54
N VAL A 808 -30.08 2.28 -19.28
CA VAL A 808 -28.99 1.86 -20.17
C VAL A 808 -27.79 1.35 -19.39
N GLY A 809 -27.69 1.65 -18.10
CA GLY A 809 -26.61 1.14 -17.28
C GLY A 809 -25.41 2.06 -17.28
N GLY A 810 -24.27 1.48 -16.89
CA GLY A 810 -23.04 2.25 -16.78
C GLY A 810 -23.14 3.41 -15.82
N GLY A 811 -24.07 3.36 -14.87
CA GLY A 811 -24.30 4.46 -13.96
C GLY A 811 -25.13 5.59 -14.51
N THR A 812 -25.26 5.70 -15.83
CA THR A 812 -26.02 6.77 -16.46
C THR A 812 -27.51 6.52 -16.25
N ARG A 813 -28.11 7.26 -15.33
CA ARG A 813 -29.52 7.07 -15.03
C ARG A 813 -30.40 7.48 -16.22
N ARG A 814 -30.23 8.71 -16.70
CA ARG A 814 -31.05 9.30 -17.74
C ARG A 814 -31.34 8.30 -18.86
N PRO A 815 -32.61 8.05 -19.20
CA PRO A 815 -32.91 7.24 -20.38
C PRO A 815 -32.36 7.91 -21.63
N VAL A 816 -31.65 7.13 -22.46
CA VAL A 816 -30.95 7.67 -23.61
C VAL A 816 -31.78 7.42 -24.86
N LEU A 817 -32.42 8.46 -25.38
CA LEU A 817 -32.90 8.43 -26.75
C LEU A 817 -31.71 8.29 -27.69
N ALA A 818 -31.85 7.46 -28.71
CA ALA A 818 -30.73 7.24 -29.62
C ALA A 818 -31.22 6.92 -31.01
N PRO A 819 -31.10 7.84 -31.97
CA PRO A 819 -31.51 7.54 -33.34
C PRO A 819 -30.55 6.62 -34.05
N CYS A 820 -31.11 5.71 -34.85
CA CYS A 820 -30.35 4.90 -35.79
C CYS A 820 -30.67 5.37 -37.21
N LEU A 821 -30.02 4.75 -38.19
CA LEU A 821 -30.19 5.21 -39.57
C LEU A 821 -31.64 5.17 -40.01
N ARG A 822 -32.47 4.33 -39.41
CA ARG A 822 -33.87 4.23 -39.85
C ARG A 822 -34.64 5.49 -39.50
N GLY A 823 -34.30 6.15 -38.40
CA GLY A 823 -34.92 7.40 -38.03
C GLY A 823 -34.24 8.57 -38.72
N ALA A 824 -34.65 9.78 -38.32
CA ALA A 824 -34.08 10.99 -38.88
C ALA A 824 -34.27 12.13 -37.89
N VAL A 825 -33.37 13.10 -37.95
CA VAL A 825 -33.40 14.28 -37.09
C VAL A 825 -33.94 15.44 -37.90
N LEU A 826 -35.01 16.07 -37.40
CA LEU A 826 -35.60 17.24 -38.03
C LEU A 826 -35.35 18.47 -37.15
N LEU A 827 -34.65 19.45 -37.70
CA LEU A 827 -34.45 20.72 -36.99
C LEU A 827 -35.74 21.54 -37.05
N GLN A 828 -36.32 21.80 -35.88
CA GLN A 828 -37.52 22.63 -35.83
C GLN A 828 -37.18 24.11 -35.79
N SER A 829 -36.21 24.49 -34.96
CA SER A 829 -35.82 25.89 -34.83
C SER A 829 -34.35 25.97 -34.45
N PHE A 830 -33.64 26.92 -35.05
CA PHE A 830 -32.27 27.19 -34.66
C PHE A 830 -32.22 27.78 -33.26
N SER A 831 -31.01 27.95 -32.74
CA SER A 831 -30.81 28.42 -31.38
C SER A 831 -30.51 29.91 -31.36
N ARG A 832 -31.02 30.59 -30.33
CA ARG A 832 -30.76 32.01 -30.15
C ARG A 832 -29.42 32.28 -29.48
N GLN A 833 -28.83 31.29 -28.83
CA GLN A 833 -27.67 31.51 -27.96
C GLN A 833 -26.38 31.37 -28.74
N LYS A 834 -25.39 32.19 -28.38
CA LYS A 834 -24.07 32.08 -28.97
C LYS A 834 -23.40 30.78 -28.53
N PRO A 835 -22.55 30.19 -29.36
CA PRO A 835 -21.91 28.93 -28.98
C PRO A 835 -21.00 29.11 -27.77
N GLY A 836 -20.82 28.01 -27.03
CA GLY A 836 -19.95 28.05 -25.86
C GLY A 836 -18.50 28.26 -26.25
N ALA A 837 -17.77 28.92 -25.35
CA ALA A 837 -16.37 29.20 -25.61
C ALA A 837 -15.58 27.91 -25.75
N HIS A 838 -14.67 27.90 -26.71
CA HIS A 838 -13.86 26.72 -26.99
C HIS A 838 -13.04 26.32 -25.77
N SER A 839 -13.04 25.02 -25.46
CA SER A 839 -12.19 24.45 -24.42
C SER A 839 -11.43 23.29 -25.04
N SER A 840 -10.10 23.39 -25.05
CA SER A 840 -9.28 22.40 -25.76
C SER A 840 -9.57 20.99 -25.28
N ARG A 841 -10.03 20.83 -24.03
CA ARG A 841 -10.31 19.50 -23.51
C ARG A 841 -11.60 18.93 -24.08
N GLN A 842 -12.50 19.78 -24.58
CA GLN A 842 -13.86 19.40 -24.89
C GLN A 842 -14.08 19.08 -26.35
N ALA A 843 -13.50 19.86 -27.27
CA ALA A 843 -13.91 19.77 -28.67
C ALA A 843 -13.24 18.62 -29.39
N TYR A 844 -11.99 18.31 -29.07
CA TYR A 844 -11.22 17.37 -29.88
C TYR A 844 -11.67 15.93 -29.67
N GLY A 845 -11.50 15.13 -30.72
CA GLY A 845 -11.64 13.69 -30.63
C GLY A 845 -12.82 13.07 -31.33
N ALA A 846 -13.62 13.85 -32.07
CA ALA A 846 -14.82 13.28 -32.69
C ALA A 846 -14.49 12.10 -33.59
N SER A 847 -13.35 12.14 -34.28
CA SER A 847 -13.03 11.07 -35.21
C SER A 847 -12.80 9.74 -34.47
N LEU A 848 -12.20 9.80 -33.29
CA LEU A 848 -11.94 8.57 -32.55
C LEU A 848 -13.24 7.91 -32.13
N TYR A 849 -14.19 8.68 -31.60
CA TYR A 849 -15.48 8.11 -31.22
C TYR A 849 -16.23 7.60 -32.45
N GLU A 850 -16.17 8.35 -33.55
CA GLU A 850 -16.77 7.86 -34.78
C GLU A 850 -16.20 6.51 -35.16
N GLN A 851 -14.88 6.36 -35.03
CA GLN A 851 -14.26 5.06 -35.29
C GLN A 851 -14.82 4.00 -34.35
N LEU A 852 -14.86 4.31 -33.05
CA LEU A 852 -15.43 3.37 -32.10
C LEU A 852 -16.75 2.83 -32.59
N VAL A 853 -17.60 3.70 -33.13
CA VAL A 853 -18.96 3.26 -33.45
C VAL A 853 -19.09 2.66 -34.85
N TRP A 854 -18.31 3.12 -35.82
CA TRP A 854 -18.47 2.70 -37.21
C TRP A 854 -17.38 1.76 -37.70
N GLU A 855 -16.45 1.35 -36.84
CA GLU A 855 -15.44 0.38 -37.21
C GLU A 855 -15.37 -0.72 -36.17
N ARG A 856 -15.25 -0.34 -34.89
CA ARG A 856 -15.29 -1.33 -33.83
C ARG A 856 -16.70 -1.83 -33.58
N GLN A 857 -17.71 -1.01 -33.86
CA GLN A 857 -19.11 -1.42 -33.79
C GLN A 857 -19.54 -1.77 -32.38
N LEU A 858 -19.18 -0.90 -31.43
CA LEU A 858 -19.62 -1.09 -30.06
C LEU A 858 -21.13 -0.88 -29.94
N GLY A 859 -21.68 -1.34 -28.81
CA GLY A 859 -23.07 -1.07 -28.48
C GLY A 859 -23.20 0.19 -27.62
N LEU A 860 -24.44 0.62 -27.43
CA LEU A 860 -24.66 1.91 -26.77
C LEU A 860 -24.11 1.94 -25.35
N PRO A 861 -24.40 0.98 -24.47
CA PRO A 861 -23.85 1.07 -23.11
C PRO A 861 -22.33 1.11 -23.08
N LEU A 862 -21.70 0.24 -23.87
CA LEU A 862 -20.25 0.20 -23.91
C LEU A 862 -19.69 1.47 -24.53
N TYR A 863 -20.40 2.06 -25.49
CA TYR A 863 -19.97 3.34 -26.06
C TYR A 863 -20.02 4.44 -25.01
N LEU A 864 -21.11 4.51 -24.25
CA LEU A 864 -21.18 5.45 -23.14
C LEU A 864 -19.99 5.28 -22.19
N TRP A 865 -19.74 4.03 -21.78
CA TRP A 865 -18.65 3.79 -20.85
C TRP A 865 -17.31 4.21 -21.44
N ALA A 866 -17.08 3.88 -22.72
CA ALA A 866 -15.82 4.25 -23.35
C ALA A 866 -15.66 5.76 -23.37
N THR A 867 -16.74 6.49 -23.63
CA THR A 867 -16.67 7.94 -23.58
C THR A 867 -16.21 8.41 -22.21
N LYS A 868 -16.84 7.91 -21.14
CA LYS A 868 -16.45 8.37 -19.81
C LYS A 868 -15.01 7.95 -19.49
N ALA A 869 -14.60 6.77 -19.95
CA ALA A 869 -13.25 6.31 -19.67
C ALA A 869 -12.21 7.17 -20.36
N LEU A 870 -12.48 7.57 -21.61
CA LEU A 870 -11.56 8.48 -22.27
C LEU A 870 -11.54 9.83 -21.61
N GLU A 871 -12.66 10.28 -21.05
CA GLU A 871 -12.62 11.50 -20.24
C GLU A 871 -11.65 11.34 -19.08
N GLU A 872 -11.74 10.21 -18.36
CA GLU A 872 -10.83 9.99 -17.24
C GLU A 872 -9.37 9.96 -17.70
N LEU A 873 -9.10 9.26 -18.79
CA LEU A 873 -7.73 9.18 -19.29
C LEU A 873 -7.21 10.56 -19.66
N ALA A 874 -8.02 11.34 -20.38
CA ALA A 874 -7.59 12.69 -20.73
C ALA A 874 -7.33 13.52 -19.49
N CYS A 875 -8.10 13.29 -18.42
CA CYS A 875 -7.84 13.99 -17.18
C CYS A 875 -6.57 13.53 -16.50
N LYS A 876 -6.10 12.32 -16.80
CA LYS A 876 -4.86 11.83 -16.21
C LYS A 876 -3.63 12.29 -17.01
N LEU A 877 -3.68 12.16 -18.34
CA LEU A 877 -2.48 12.27 -19.17
C LEU A 877 -2.33 13.61 -19.86
N CYS A 878 -3.41 14.28 -20.22
CA CYS A 878 -3.29 15.50 -21.00
C CYS A 878 -3.58 16.73 -20.14
N PRO A 879 -3.10 17.91 -20.53
CA PRO A 879 -2.30 18.24 -21.73
C PRO A 879 -0.80 18.18 -21.51
N HIS A 880 -0.33 17.87 -20.30
CA HIS A 880 1.10 18.00 -20.03
C HIS A 880 1.88 16.83 -20.63
N VAL A 881 1.44 15.61 -20.38
CA VAL A 881 2.18 14.46 -20.91
C VAL A 881 1.97 14.32 -22.41
N LEU A 882 0.78 14.64 -22.88
CA LEU A 882 0.41 14.33 -24.27
C LEU A 882 -0.81 15.16 -24.63
N ARG A 883 -0.65 16.10 -25.57
CA ARG A 883 -1.72 17.02 -25.91
C ARG A 883 -2.96 16.26 -26.35
N HIS A 884 -4.13 16.90 -26.20
CA HIS A 884 -5.39 16.21 -26.49
C HIS A 884 -5.46 15.76 -27.95
N HIS A 885 -5.14 16.65 -28.88
CA HIS A 885 -5.32 16.29 -30.28
C HIS A 885 -4.37 15.20 -30.73
N GLN A 886 -3.36 14.86 -29.94
CA GLN A 886 -2.55 13.67 -30.19
C GLN A 886 -3.15 12.45 -29.50
N PHE A 887 -3.69 12.66 -28.30
CA PHE A 887 -4.21 11.54 -27.54
C PHE A 887 -5.47 10.95 -28.17
N LEU A 888 -6.28 11.80 -28.81
CA LEU A 888 -7.58 11.40 -29.33
C LEU A 888 -7.65 11.33 -30.84
N GLN A 889 -6.52 11.27 -31.53
CA GLN A 889 -6.55 11.13 -32.98
C GLN A 889 -7.04 9.75 -33.37
N HIS A 890 -7.60 9.67 -34.59
CA HIS A 890 -8.16 8.41 -35.05
C HIS A 890 -7.07 7.38 -35.30
N SER A 891 -7.27 6.17 -34.79
CA SER A 891 -6.31 5.09 -35.00
C SER A 891 -6.21 4.79 -36.50
N SER A 892 -5.00 4.84 -37.02
CA SER A 892 -4.76 4.67 -38.45
C SER A 892 -3.58 3.72 -38.65
N PRO A 893 -3.44 3.16 -39.85
CA PRO A 893 -2.26 2.31 -40.10
C PRO A 893 -0.95 3.06 -39.96
N GLY A 894 -0.92 4.33 -40.37
CA GLY A 894 0.31 5.10 -40.24
C GLY A 894 0.78 5.19 -38.80
N SER A 895 -0.14 5.42 -37.87
CA SER A 895 0.18 5.44 -36.46
C SER A 895 -1.07 5.17 -35.64
N PRO A 896 -1.02 4.27 -34.66
CA PRO A 896 -2.16 4.08 -33.76
C PRO A 896 -2.21 5.23 -32.75
N SER A 897 -3.27 5.21 -31.92
CA SER A 897 -3.55 6.27 -30.96
C SER A 897 -3.73 5.66 -29.59
N LEU A 898 -3.13 6.28 -28.57
CA LEU A 898 -3.21 5.69 -27.23
C LEU A 898 -4.65 5.51 -26.79
N GLY A 899 -5.52 6.45 -27.11
CA GLY A 899 -6.89 6.38 -26.62
C GLY A 899 -7.57 5.07 -26.94
N LEU A 900 -7.28 4.49 -28.11
CA LEU A 900 -7.85 3.21 -28.46
C LEU A 900 -7.07 2.06 -27.83
N GLN A 901 -5.75 2.19 -27.73
CA GLN A 901 -4.93 1.12 -27.21
C GLN A 901 -5.16 0.91 -25.71
N LEU A 902 -5.33 1.99 -24.95
CA LEU A 902 -5.59 1.85 -23.53
C LEU A 902 -6.97 1.27 -23.24
N LEU A 903 -7.89 1.37 -24.19
CA LEU A 903 -9.22 0.79 -24.03
C LEU A 903 -9.31 -0.63 -24.55
N ALA A 904 -8.60 -0.93 -25.65
CA ALA A 904 -8.74 -2.20 -26.35
C ALA A 904 -8.71 -3.42 -25.43
N PRO A 905 -7.82 -3.53 -24.46
CA PRO A 905 -7.79 -4.76 -23.65
C PRO A 905 -9.10 -5.07 -22.96
N THR A 906 -9.92 -4.07 -22.66
CA THR A 906 -11.22 -4.32 -22.04
C THR A 906 -12.31 -4.54 -23.09
N LEU A 907 -12.26 -3.79 -24.18
CA LEU A 907 -13.28 -3.97 -25.22
C LEU A 907 -13.18 -5.35 -25.86
N ASP A 908 -11.96 -5.84 -26.07
CA ASP A 908 -11.80 -7.19 -26.59
C ASP A 908 -12.51 -8.20 -25.71
N LEU A 909 -12.46 -8.00 -24.40
CA LEU A 909 -13.16 -8.88 -23.47
C LEU A 909 -14.67 -8.72 -23.60
N LEU A 910 -15.15 -7.48 -23.45
CA LEU A 910 -16.59 -7.24 -23.42
C LEU A 910 -17.21 -7.29 -24.81
N ALA A 911 -16.45 -7.00 -25.86
CA ALA A 911 -16.99 -6.91 -27.22
C ALA A 911 -15.92 -7.34 -28.21
N PRO A 912 -15.60 -8.65 -28.24
CA PRO A 912 -14.53 -9.10 -29.12
C PRO A 912 -14.90 -8.88 -30.58
N PRO A 913 -13.92 -8.63 -31.43
CA PRO A 913 -14.22 -8.45 -32.86
C PRO A 913 -14.91 -9.68 -33.44
N GLY A 914 -15.53 -9.48 -34.60
CA GLY A 914 -16.25 -10.53 -35.30
C GLY A 914 -17.75 -10.29 -35.40
N SER A 915 -18.27 -9.26 -34.76
CA SER A 915 -19.68 -8.91 -34.87
C SER A 915 -20.02 -8.69 -36.34
N PRO A 916 -21.28 -8.89 -36.73
CA PRO A 916 -21.64 -8.66 -38.14
C PRO A 916 -21.52 -7.18 -38.51
N VAL A 917 -21.13 -6.95 -39.76
CA VAL A 917 -21.03 -5.58 -40.27
C VAL A 917 -22.41 -4.95 -40.32
N ARG A 918 -22.47 -3.65 -40.01
CA ARG A 918 -23.70 -2.90 -40.18
C ARG A 918 -23.98 -2.71 -41.66
N ASN A 919 -25.13 -3.19 -42.12
CA ASN A 919 -25.60 -2.96 -43.48
C ASN A 919 -26.74 -1.94 -43.43
N ALA A 920 -26.51 -0.78 -44.03
CA ALA A 920 -27.49 0.30 -43.93
C ALA A 920 -28.81 -0.10 -44.57
N HIS A 921 -28.77 -0.69 -45.77
CA HIS A 921 -29.99 -1.11 -46.43
C HIS A 921 -30.84 -1.98 -45.52
N ASN A 922 -30.22 -3.00 -44.91
CA ASN A 922 -30.95 -3.85 -43.99
C ASN A 922 -31.45 -3.06 -42.79
N GLU A 923 -30.58 -2.21 -42.23
CA GLU A 923 -30.95 -1.44 -41.05
C GLU A 923 -32.19 -0.59 -41.32
N ILE A 924 -32.42 -0.18 -42.55
CA ILE A 924 -33.55 0.68 -42.88
C ILE A 924 -34.76 -0.13 -43.33
N LEU A 925 -34.54 -1.23 -44.06
CA LEU A 925 -35.61 -1.90 -44.79
C LEU A 925 -36.02 -3.23 -44.19
N GLU A 926 -35.25 -3.80 -43.27
CA GLU A 926 -35.66 -5.03 -42.61
C GLU A 926 -37.01 -4.83 -41.93
N GLU A 927 -37.82 -5.90 -41.92
CA GLU A 927 -39.12 -5.82 -41.26
C GLU A 927 -38.97 -5.77 -39.75
N PRO A 928 -38.39 -6.79 -39.08
CA PRO A 928 -38.04 -6.65 -37.66
C PRO A 928 -36.63 -6.09 -37.49
N HIS A 929 -36.41 -4.90 -38.05
CA HIS A 929 -35.05 -4.42 -38.28
C HIS A 929 -34.21 -4.51 -37.01
N HIS A 930 -32.99 -5.02 -37.18
CA HIS A 930 -32.03 -5.14 -36.09
C HIS A 930 -30.92 -4.13 -36.30
N CYS A 931 -30.56 -3.42 -35.23
CA CYS A 931 -29.48 -2.45 -35.27
C CYS A 931 -28.88 -2.38 -33.88
N PRO A 932 -27.69 -1.79 -33.73
CA PRO A 932 -27.00 -1.83 -32.44
C PRO A 932 -27.85 -1.38 -31.26
N LEU A 933 -28.95 -0.67 -31.52
CA LEU A 933 -29.84 -0.21 -30.46
C LEU A 933 -31.05 -1.11 -30.25
N GLN A 934 -31.38 -1.96 -31.23
CA GLN A 934 -32.59 -2.76 -31.13
C GLN A 934 -32.54 -3.69 -29.93
N LYS A 935 -31.49 -4.49 -29.83
CA LYS A 935 -31.33 -5.50 -28.79
C LYS A 935 -30.01 -5.26 -28.07
N TYR A 936 -30.07 -5.12 -26.75
CA TYR A 936 -28.89 -4.70 -26.00
C TYR A 936 -28.87 -5.38 -24.63
N THR A 937 -27.69 -5.38 -24.02
CA THR A 937 -27.48 -5.89 -22.67
C THR A 937 -27.03 -4.75 -21.77
N ARG A 938 -27.74 -4.55 -20.66
CA ARG A 938 -27.31 -3.58 -19.67
C ARG A 938 -25.91 -3.93 -19.17
N LEU A 939 -25.07 -2.92 -19.03
CA LEU A 939 -23.66 -3.11 -18.70
C LEU A 939 -23.39 -2.66 -17.27
N GLN A 940 -22.79 -3.55 -16.48
CA GLN A 940 -22.28 -3.18 -15.17
C GLN A 940 -20.91 -2.51 -15.32
N THR A 941 -20.71 -1.41 -14.59
CA THR A 941 -19.51 -0.60 -14.73
C THR A 941 -18.27 -1.48 -14.71
N PRO A 942 -17.60 -1.68 -15.84
CA PRO A 942 -16.55 -2.70 -15.91
C PRO A 942 -15.23 -2.28 -15.28
N SER A 943 -14.83 -1.02 -15.40
CA SER A 943 -13.60 -0.57 -14.77
C SER A 943 -13.49 0.94 -14.86
N SER A 944 -12.62 1.50 -14.05
CA SER A 944 -12.35 2.93 -14.03
C SER A 944 -10.86 3.15 -13.78
N PHE A 945 -10.35 4.27 -14.31
CA PHE A 945 -8.94 4.61 -14.20
C PHE A 945 -8.77 5.71 -13.15
N PRO A 946 -8.29 5.40 -11.96
CA PRO A 946 -8.12 6.43 -10.94
C PRO A 946 -6.86 7.27 -11.16
N THR A 947 -6.96 8.54 -10.79
CA THR A 947 -5.76 9.35 -10.63
C THR A 947 -4.93 8.79 -9.47
N LEU A 948 -3.62 8.72 -9.67
CA LEU A 948 -2.80 8.08 -8.65
C LEU A 948 -3.00 8.71 -7.28
N ALA A 949 -3.40 9.98 -7.23
CA ALA A 949 -3.65 10.61 -5.94
C ALA A 949 -4.87 10.00 -5.25
N THR A 950 -5.94 9.74 -6.00
CA THR A 950 -7.13 9.18 -5.35
C THR A 950 -6.89 7.74 -4.94
N LEU A 951 -6.02 7.03 -5.64
CA LEU A 951 -5.64 5.68 -5.22
C LEU A 951 -4.85 5.72 -3.92
N LYS A 952 -3.84 6.59 -3.87
CA LYS A 952 -3.04 6.75 -2.66
C LYS A 952 -3.91 7.14 -1.46
N GLU A 953 -4.85 8.05 -1.67
CA GLU A 953 -5.70 8.53 -0.59
C GLU A 953 -6.93 7.67 -0.35
N GLU A 954 -7.13 6.62 -1.14
CA GLU A 954 -8.01 5.53 -0.70
C GLU A 954 -7.24 4.56 0.17
N GLY A 955 -5.98 4.34 -0.14
CA GLY A 955 -5.13 3.55 0.73
C GLY A 955 -5.06 4.12 2.13
N GLN A 956 -4.62 5.39 2.23
CA GLN A 956 -4.51 6.04 3.55
C GLN A 956 -5.87 6.36 4.19
N ARG A 957 -6.97 5.85 3.64
CA ARG A 957 -8.30 5.98 4.22
C ARG A 957 -8.77 4.64 4.76
N LYS A 958 -8.79 3.61 3.90
CA LYS A 958 -9.16 2.29 4.34
C LYS A 958 -8.19 1.75 5.40
N ALA A 959 -6.92 2.17 5.34
CA ALA A 959 -5.95 1.69 6.32
C ALA A 959 -6.41 2.01 7.74
N TRP A 960 -6.68 3.28 8.03
CA TRP A 960 -7.07 3.66 9.39
C TRP A 960 -8.54 3.40 9.67
N ALA A 961 -9.36 3.16 8.64
CA ALA A 961 -10.72 2.71 8.90
C ALA A 961 -10.74 1.27 9.41
N SER A 962 -9.83 0.42 8.92
CA SER A 962 -9.82 -0.98 9.32
C SER A 962 -8.90 -1.29 10.50
N PHE A 963 -8.05 -0.35 10.90
CA PHE A 963 -7.09 -0.55 12.00
C PHE A 963 -7.83 -0.59 13.33
N ASP A 964 -8.00 -1.80 13.89
CA ASP A 964 -8.59 -1.98 15.22
C ASP A 964 -7.62 -2.77 16.08
N PRO A 965 -7.06 -2.20 17.16
CA PRO A 965 -6.11 -2.97 17.98
C PRO A 965 -6.69 -4.23 18.58
N LYS A 966 -7.99 -4.25 18.89
CA LYS A 966 -8.58 -5.42 19.54
C LYS A 966 -8.61 -6.64 18.63
N ALA A 967 -8.40 -6.45 17.32
CA ALA A 967 -8.26 -7.57 16.41
C ALA A 967 -6.80 -8.00 16.25
N LEU A 968 -5.86 -7.09 16.50
CA LEU A 968 -4.45 -7.40 16.37
C LEU A 968 -3.90 -8.06 17.64
N LEU A 969 -4.42 -7.66 18.80
CA LEU A 969 -4.04 -8.22 20.10
C LEU A 969 -5.20 -9.03 20.68
N PRO A 970 -5.33 -10.30 20.30
CA PRO A 970 -6.52 -11.07 20.69
C PRO A 970 -6.48 -11.53 22.14
N LEU A 971 -7.67 -11.90 22.64
CA LEU A 971 -7.80 -12.56 23.93
C LEU A 971 -7.71 -14.08 23.74
N PRO A 972 -7.25 -14.82 24.76
CA PRO A 972 -6.79 -14.38 26.09
C PRO A 972 -5.31 -14.00 26.10
N GLU A 973 -4.61 -14.14 24.96
CA GLU A 973 -3.18 -13.88 24.94
C GLU A 973 -2.86 -12.48 25.45
N ALA A 974 -3.62 -11.48 25.01
CA ALA A 974 -3.28 -10.09 25.35
C ALA A 974 -3.41 -9.81 26.84
N SER A 975 -4.06 -10.68 27.61
CA SER A 975 -4.26 -10.40 29.02
C SER A 975 -2.98 -10.40 29.83
N TYR A 976 -1.89 -10.95 29.28
CA TYR A 976 -0.66 -11.17 30.03
C TYR A 976 0.47 -10.26 29.61
N LEU A 977 0.17 -9.17 28.90
CA LEU A 977 1.22 -8.33 28.31
C LEU A 977 1.47 -7.11 29.17
N PRO A 978 2.74 -6.78 29.48
CA PRO A 978 3.03 -5.44 30.01
C PRO A 978 2.82 -4.39 28.92
N SER A 979 2.65 -3.14 29.36
CA SER A 979 2.33 -2.07 28.42
C SER A 979 3.41 -1.94 27.35
N CYS A 980 4.69 -2.06 27.74
CA CYS A 980 5.77 -1.90 26.77
C CYS A 980 5.65 -2.94 25.66
N GLN A 981 5.52 -4.22 26.02
CA GLN A 981 5.36 -5.24 25.00
C GLN A 981 4.06 -5.06 24.24
N LEU A 982 3.00 -4.63 24.91
CA LEU A 982 1.72 -4.44 24.22
C LEU A 982 1.87 -3.43 23.08
N ASN A 983 2.42 -2.25 23.39
CA ASN A 983 2.57 -1.22 22.37
C ASN A 983 3.61 -1.61 21.34
N ARG A 984 4.65 -2.35 21.72
CA ARG A 984 5.61 -2.82 20.72
C ARG A 984 4.96 -3.80 19.76
N ARG A 985 4.07 -4.65 20.27
CA ARG A 985 3.31 -5.55 19.40
C ARG A 985 2.45 -4.76 18.43
N LEU A 986 1.79 -3.71 18.92
CA LEU A 986 0.85 -2.96 18.11
C LEU A 986 1.51 -2.01 17.13
N ALA A 987 2.81 -1.73 17.27
CA ALA A 987 3.43 -0.59 16.60
C ALA A 987 3.76 -0.83 15.13
N TRP A 988 3.47 -2.00 14.56
CA TRP A 988 3.68 -2.17 13.12
C TRP A 988 2.74 -3.24 12.59
N SER A 989 2.03 -2.93 11.51
CA SER A 989 1.17 -3.88 10.84
C SER A 989 0.99 -3.45 9.40
N TRP A 990 0.57 -4.40 8.56
CA TRP A 990 0.49 -4.18 7.12
C TRP A 990 -0.89 -4.59 6.63
N LEU A 991 -1.32 -3.96 5.53
CA LEU A 991 -2.61 -4.23 4.91
C LEU A 991 -2.39 -4.38 3.41
N CYS A 992 -3.13 -5.30 2.79
CA CYS A 992 -3.01 -5.60 1.37
C CYS A 992 -4.41 -5.63 0.77
N LEU A 993 -4.70 -4.68 -0.11
CA LEU A 993 -6.09 -4.45 -0.54
C LEU A 993 -6.46 -5.18 -1.82
N LEU A 994 -5.54 -5.30 -2.77
CA LEU A 994 -5.90 -5.88 -4.07
C LEU A 994 -7.09 -5.13 -4.64
N PRO A 995 -6.92 -3.85 -4.98
CA PRO A 995 -8.09 -3.03 -5.37
C PRO A 995 -8.77 -3.50 -6.63
N SER A 996 -8.14 -4.36 -7.42
CA SER A 996 -8.80 -4.91 -8.60
C SER A 996 -10.09 -5.63 -8.23
N ALA A 997 -10.27 -6.00 -6.96
CA ALA A 997 -11.50 -6.64 -6.52
C ALA A 997 -12.61 -5.64 -6.26
N PHE A 998 -12.30 -4.37 -6.08
CA PHE A 998 -13.32 -3.37 -5.85
C PHE A 998 -14.34 -3.39 -6.99
N CYS A 999 -15.52 -2.88 -6.71
CA CYS A 999 -16.55 -2.70 -7.73
C CYS A 999 -16.79 -1.21 -7.91
N PRO A 1000 -16.45 -0.60 -9.06
CA PRO A 1000 -15.85 -1.19 -10.26
C PRO A 1000 -14.36 -1.47 -10.10
N ALA A 1001 -13.82 -2.41 -10.88
CA ALA A 1001 -12.41 -2.75 -10.78
C ALA A 1001 -11.57 -1.57 -11.23
N GLN A 1002 -10.69 -1.10 -10.35
CA GLN A 1002 -9.79 -0.01 -10.69
C GLN A 1002 -8.59 -0.53 -11.45
N VAL A 1003 -8.12 0.25 -12.42
CA VAL A 1003 -7.03 -0.14 -13.31
C VAL A 1003 -5.91 0.88 -13.16
N LEU A 1004 -4.74 0.40 -12.76
CA LEU A 1004 -3.59 1.28 -12.54
C LEU A 1004 -3.01 1.73 -13.87
N LEU A 1005 -2.69 3.01 -13.99
CA LEU A 1005 -2.13 3.55 -15.21
C LEU A 1005 -1.26 4.75 -14.88
N GLY A 1006 -0.05 4.79 -15.44
CA GLY A 1006 0.83 5.91 -15.23
C GLY A 1006 2.17 5.65 -15.91
N VAL A 1007 2.89 6.74 -16.16
CA VAL A 1007 4.18 6.65 -16.83
C VAL A 1007 5.25 6.34 -15.79
N LEU A 1008 6.04 5.31 -16.06
CA LEU A 1008 7.03 4.83 -15.11
C LEU A 1008 8.31 5.65 -15.21
N VAL A 1009 8.81 6.12 -14.06
CA VAL A 1009 10.04 6.91 -14.00
C VAL A 1009 10.83 6.51 -12.76
N ALA A 1010 12.13 6.78 -12.80
CA ALA A 1010 13.04 6.49 -11.68
C ALA A 1010 13.47 7.80 -11.05
N SER A 1011 13.07 8.02 -9.80
CA SER A 1011 13.24 9.32 -9.15
C SER A 1011 14.67 9.45 -8.63
N SER A 1012 15.42 10.41 -9.18
CA SER A 1012 16.85 10.53 -8.86
C SER A 1012 17.11 11.10 -7.48
N HIS A 1013 16.09 11.44 -6.69
CA HIS A 1013 16.29 11.84 -5.31
C HIS A 1013 16.15 10.67 -4.34
N LYS A 1014 15.82 9.48 -4.84
CA LYS A 1014 15.71 8.28 -4.01
C LYS A 1014 16.14 7.00 -4.70
N GLY A 1015 16.35 6.99 -6.01
CA GLY A 1015 16.68 5.78 -6.73
C GLY A 1015 15.52 4.83 -6.94
N CYS A 1016 14.43 4.99 -6.21
CA CYS A 1016 13.31 4.07 -6.31
C CYS A 1016 12.47 4.40 -7.54
N LEU A 1017 11.82 3.37 -8.08
CA LEU A 1017 10.92 3.58 -9.21
C LEU A 1017 9.64 4.26 -8.74
N GLN A 1018 8.95 4.89 -9.68
CA GLN A 1018 7.69 5.56 -9.39
C GLN A 1018 6.79 5.51 -10.60
N LEU A 1019 5.50 5.25 -10.36
CA LEU A 1019 4.47 5.52 -11.36
C LEU A 1019 4.01 6.96 -11.17
N ARG A 1020 4.00 7.72 -12.25
CA ARG A 1020 3.78 9.15 -12.19
C ARG A 1020 2.75 9.56 -13.23
N ASP A 1021 1.96 10.58 -12.90
CA ASP A 1021 1.08 11.23 -13.87
C ASP A 1021 0.73 12.61 -13.33
N GLN A 1022 -0.22 13.28 -13.99
CA GLN A 1022 -0.52 14.67 -13.69
C GLN A 1022 -1.14 14.87 -12.31
N SER A 1023 -1.49 13.79 -11.59
CA SER A 1023 -2.12 13.94 -10.28
C SER A 1023 -1.17 13.69 -9.13
N GLY A 1024 0.02 13.17 -9.38
CA GLY A 1024 0.97 12.90 -8.32
C GLY A 1024 1.87 11.73 -8.70
N SER A 1025 2.26 10.96 -7.67
CA SER A 1025 3.20 9.87 -7.87
C SER A 1025 2.95 8.79 -6.83
N LEU A 1026 3.23 7.53 -7.21
CA LEU A 1026 2.98 6.37 -6.36
C LEU A 1026 4.19 5.45 -6.44
N PRO A 1027 4.86 5.13 -5.34
CA PRO A 1027 5.99 4.19 -5.42
C PRO A 1027 5.53 2.82 -5.84
N CYS A 1028 6.37 2.14 -6.63
CA CYS A 1028 6.03 0.83 -7.16
C CYS A 1028 7.23 -0.10 -7.06
N LEU A 1029 6.96 -1.40 -7.10
CA LEU A 1029 7.96 -2.46 -7.01
C LEU A 1029 7.74 -3.44 -8.15
N LEU A 1030 8.24 -3.11 -9.34
CA LEU A 1030 8.11 -4.01 -10.48
C LEU A 1030 9.01 -5.23 -10.30
N LEU A 1031 8.54 -6.38 -10.78
CA LEU A 1031 9.36 -7.56 -10.99
C LEU A 1031 9.25 -7.97 -12.44
N ALA A 1032 10.38 -8.34 -13.05
CA ALA A 1032 10.36 -8.77 -14.45
C ALA A 1032 9.56 -10.06 -14.60
N LYS A 1033 9.82 -11.02 -13.73
CA LYS A 1033 9.04 -12.25 -13.65
C LYS A 1033 9.40 -12.93 -12.35
N HIS A 1034 8.55 -13.87 -11.94
CA HIS A 1034 8.69 -14.51 -10.64
C HIS A 1034 10.13 -14.94 -10.41
N SER A 1035 10.76 -14.34 -9.40
CA SER A 1035 12.14 -14.66 -9.03
C SER A 1035 13.14 -14.17 -10.07
N GLN A 1036 12.87 -13.02 -10.68
CA GLN A 1036 13.88 -12.34 -11.48
C GLN A 1036 13.60 -10.84 -11.49
N PRO A 1037 14.54 -10.00 -11.09
CA PRO A 1037 14.26 -8.58 -10.90
C PRO A 1037 14.19 -7.83 -12.24
N LEU A 1038 13.73 -6.59 -12.15
CA LEU A 1038 13.71 -5.70 -13.31
C LEU A 1038 15.14 -5.30 -13.66
N SER A 1039 15.56 -5.59 -14.89
CA SER A 1039 16.95 -5.53 -15.27
C SER A 1039 17.26 -4.55 -16.40
N ASP A 1040 16.24 -3.92 -17.00
CA ASP A 1040 16.41 -3.21 -18.28
C ASP A 1040 16.18 -1.71 -18.12
N PRO A 1041 17.20 -0.87 -18.28
CA PRO A 1041 16.98 0.59 -18.17
C PRO A 1041 16.07 1.18 -19.23
N ARG A 1042 15.69 0.41 -20.25
CA ARG A 1042 14.95 0.98 -21.37
C ARG A 1042 13.47 1.22 -21.04
N LEU A 1043 12.99 0.75 -19.89
CA LEU A 1043 11.58 0.95 -19.54
C LEU A 1043 11.30 2.36 -19.03
N ILE A 1044 12.33 3.17 -18.80
CA ILE A 1044 12.14 4.53 -18.31
C ILE A 1044 11.21 5.28 -19.27
N GLY A 1045 10.12 5.83 -18.73
CA GLY A 1045 9.28 6.71 -19.49
C GLY A 1045 8.16 6.05 -20.28
N CYS A 1046 8.04 4.73 -20.23
CA CYS A 1046 6.93 4.07 -20.91
C CYS A 1046 5.66 4.16 -20.08
N LEU A 1047 4.52 4.12 -20.77
CA LEU A 1047 3.22 4.20 -20.11
C LEU A 1047 2.79 2.79 -19.72
N VAL A 1048 2.74 2.52 -18.42
CA VAL A 1048 2.49 1.18 -17.90
C VAL A 1048 1.01 1.09 -17.52
N ARG A 1049 0.35 0.04 -17.99
CA ARG A 1049 -1.02 -0.25 -17.62
C ARG A 1049 -1.05 -1.62 -16.95
N ALA A 1050 -1.64 -1.69 -15.76
CA ALA A 1050 -1.71 -2.93 -15.01
C ALA A 1050 -3.06 -3.04 -14.34
N GLU A 1051 -3.77 -4.14 -14.56
CA GLU A 1051 -5.09 -4.35 -14.00
C GLU A 1051 -5.14 -5.55 -13.05
N ARG A 1052 -3.99 -6.09 -12.65
CA ARG A 1052 -3.93 -7.19 -11.68
C ARG A 1052 -2.74 -6.90 -10.75
N PHE A 1053 -2.96 -6.00 -9.79
CA PHE A 1053 -1.88 -5.48 -8.96
C PHE A 1053 -2.30 -5.47 -7.49
N GLN A 1054 -1.30 -5.38 -6.62
CA GLN A 1054 -1.53 -5.31 -5.17
C GLN A 1054 -1.20 -3.91 -4.67
N LEU A 1055 -2.07 -3.37 -3.83
CA LEU A 1055 -1.84 -2.08 -3.18
C LEU A 1055 -1.53 -2.34 -1.71
N ILE A 1056 -0.29 -2.13 -1.30
CA ILE A 1056 0.17 -2.44 0.05
C ILE A 1056 0.10 -1.17 0.88
N VAL A 1057 -0.12 -1.33 2.19
CA VAL A 1057 -0.16 -0.21 3.13
C VAL A 1057 0.54 -0.65 4.40
N GLU A 1058 1.72 -0.12 4.65
CA GLU A 1058 2.42 -0.35 5.91
C GLU A 1058 1.99 0.73 6.90
N ARG A 1059 1.57 0.31 8.10
CA ARG A 1059 1.11 1.23 9.14
C ARG A 1059 2.11 1.23 10.29
N ASP A 1060 2.60 2.41 10.64
CA ASP A 1060 3.42 2.62 11.83
C ASP A 1060 2.60 3.40 12.84
N VAL A 1061 2.59 2.94 14.09
CA VAL A 1061 1.80 3.56 15.15
C VAL A 1061 2.67 3.66 16.41
N ARG A 1062 2.53 4.75 17.14
CA ARG A 1062 3.31 4.96 18.37
C ARG A 1062 2.37 5.04 19.56
N SER A 1063 1.59 3.98 19.79
CA SER A 1063 0.56 3.97 20.80
C SER A 1063 1.15 3.93 22.21
N SER A 1064 0.28 4.16 23.21
CA SER A 1064 0.67 4.12 24.61
C SER A 1064 -0.37 3.41 25.47
N PHE A 1065 -1.03 2.38 24.93
CA PHE A 1065 -2.06 1.67 25.67
C PHE A 1065 -1.46 1.07 26.95
N PRO A 1066 -2.10 1.23 28.12
CA PRO A 1066 -1.59 0.56 29.33
C PRO A 1066 -1.85 -0.95 29.35
N SER A 1067 -3.06 -1.39 29.02
CA SER A 1067 -3.39 -2.81 29.13
C SER A 1067 -4.45 -3.17 28.10
N TRP A 1068 -4.79 -4.46 28.07
CA TRP A 1068 -5.79 -4.94 27.13
C TRP A 1068 -7.12 -4.22 27.30
N LYS A 1069 -7.41 -3.70 28.50
CA LYS A 1069 -8.67 -3.02 28.74
C LYS A 1069 -8.78 -1.75 27.89
N GLU A 1070 -7.71 -0.97 27.84
CA GLU A 1070 -7.77 0.33 27.17
C GLU A 1070 -7.81 0.22 25.65
N LEU A 1071 -7.75 -0.98 25.08
CA LEU A 1071 -7.81 -1.13 23.64
C LEU A 1071 -9.17 -0.71 23.07
N SER A 1072 -10.14 -0.41 23.92
CA SER A 1072 -11.39 0.21 23.49
C SER A 1072 -11.32 1.73 23.48
N MET A 1073 -10.25 2.32 24.05
CA MET A 1073 -10.20 3.76 24.23
C MET A 1073 -9.55 4.43 23.02
N PRO A 1074 -9.91 5.67 22.70
CA PRO A 1074 -9.35 6.33 21.51
C PRO A 1074 -8.09 7.16 21.80
N GLY A 1075 -7.98 7.70 23.01
CA GLY A 1075 -7.03 8.76 23.26
C GLY A 1075 -5.57 8.37 23.22
N PHE A 1076 -5.26 7.08 23.14
CA PHE A 1076 -3.89 6.62 23.31
C PHE A 1076 -3.11 6.44 22.01
N ILE A 1077 -3.77 6.51 20.85
CA ILE A 1077 -3.08 6.37 19.57
C ILE A 1077 -2.45 7.71 19.21
N GLN A 1078 -1.23 7.96 19.71
CA GLN A 1078 -0.70 9.32 19.71
C GLN A 1078 -0.14 9.74 18.35
N LYS A 1079 0.33 8.80 17.52
CA LYS A 1079 0.87 9.16 16.21
C LYS A 1079 0.61 8.03 15.23
N GLN A 1080 0.20 8.38 14.01
CA GLN A 1080 -0.13 7.43 12.95
C GLN A 1080 0.56 7.83 11.66
N GLN A 1081 1.28 6.88 11.05
CA GLN A 1081 1.94 7.09 9.76
C GLN A 1081 1.67 5.89 8.87
N ALA A 1082 1.24 6.15 7.64
CA ALA A 1082 1.10 5.12 6.62
C ALA A 1082 2.22 5.26 5.60
N ARG A 1083 2.30 4.30 4.69
CA ARG A 1083 3.36 4.27 3.69
C ARG A 1083 2.93 3.42 2.51
N VAL A 1084 2.03 3.95 1.68
CA VAL A 1084 1.31 3.16 0.70
C VAL A 1084 2.12 3.10 -0.60
N TYR A 1085 2.26 1.89 -1.15
CA TYR A 1085 2.94 1.69 -2.42
C TYR A 1085 2.31 0.48 -3.10
N VAL A 1086 2.67 0.29 -4.36
CA VAL A 1086 2.06 -0.72 -5.20
C VAL A 1086 3.14 -1.70 -5.64
N GLN A 1087 2.72 -2.89 -6.07
CA GLN A 1087 3.67 -3.91 -6.50
C GLN A 1087 2.98 -4.90 -7.43
N PHE A 1088 3.67 -5.30 -8.50
CA PHE A 1088 3.09 -6.21 -9.48
C PHE A 1088 4.19 -6.68 -10.42
N PHE A 1089 3.86 -7.69 -11.23
CA PHE A 1089 4.80 -8.24 -12.21
C PHE A 1089 4.69 -7.49 -13.53
N LEU A 1090 5.81 -7.38 -14.24
CA LEU A 1090 5.76 -6.84 -15.59
C LEU A 1090 4.97 -7.76 -16.52
N ALA A 1091 5.01 -9.06 -16.26
CA ALA A 1091 4.25 -10.00 -17.08
C ALA A 1091 2.75 -9.75 -17.01
N ASP A 1092 2.27 -9.15 -15.92
CA ASP A 1092 0.87 -8.83 -15.76
C ASP A 1092 0.52 -7.43 -16.25
N ALA A 1093 1.51 -6.65 -16.69
CA ALA A 1093 1.28 -5.29 -17.15
C ALA A 1093 1.34 -5.22 -18.67
N LEU A 1094 0.73 -4.17 -19.21
CA LEU A 1094 0.82 -3.82 -20.62
C LEU A 1094 1.59 -2.52 -20.73
N ILE A 1095 2.53 -2.44 -21.67
CA ILE A 1095 3.48 -1.34 -21.74
C ILE A 1095 3.40 -0.72 -23.13
N LEU A 1096 3.18 0.59 -23.17
CA LEU A 1096 3.05 1.36 -24.39
C LEU A 1096 4.05 2.51 -24.38
N PRO A 1097 4.76 2.77 -25.46
CA PRO A 1097 5.63 3.95 -25.51
C PRO A 1097 4.83 5.20 -25.85
N VAL A 1098 5.08 6.28 -25.11
CA VAL A 1098 4.36 7.54 -25.31
C VAL A 1098 4.88 8.21 -26.59
N PRO A 1099 4.02 8.59 -27.53
CA PRO A 1099 4.51 9.20 -28.76
C PRO A 1099 5.22 10.52 -28.52
N ARG A 1100 6.08 10.89 -29.47
CA ARG A 1100 6.68 12.21 -29.45
C ARG A 1100 5.62 13.26 -29.80
N PRO A 1101 5.86 14.53 -29.46
CA PRO A 1101 4.96 15.59 -29.91
C PRO A 1101 5.02 15.75 -31.43
N CYS A 1102 3.88 16.12 -32.01
CA CYS A 1102 3.79 16.33 -33.45
C CYS A 1102 2.72 17.36 -33.73
N LEU A 1103 2.76 17.92 -34.94
CA LEU A 1103 1.90 19.05 -35.29
C LEU A 1103 1.43 18.94 -36.74
N LEU A 1123 31.09 12.31 -31.13
CA LEU A 1123 29.94 12.87 -30.43
C LEU A 1123 29.26 11.85 -29.50
N GLY A 1124 29.95 10.74 -29.22
CA GLY A 1124 29.46 9.75 -28.28
C GLY A 1124 30.36 8.54 -28.21
N GLN A 1125 30.61 8.05 -26.99
CA GLN A 1125 31.46 6.89 -26.79
C GLN A 1125 30.84 5.98 -25.72
N SER A 1126 31.09 4.68 -25.85
CA SER A 1126 30.44 3.67 -25.04
C SER A 1126 31.45 2.61 -24.63
N ARG A 1127 31.04 1.75 -23.69
CA ARG A 1127 31.87 0.63 -23.26
C ARG A 1127 31.02 -0.38 -22.50
N LEU A 1128 31.44 -1.64 -22.53
CA LEU A 1128 30.74 -2.75 -21.89
C LEU A 1128 31.46 -3.17 -20.61
N PHE A 1129 30.70 -3.64 -19.62
CA PHE A 1129 31.30 -4.15 -18.40
C PHE A 1129 30.34 -5.09 -17.68
N LEU A 1130 30.92 -6.02 -16.92
CA LEU A 1130 30.18 -6.90 -16.02
C LEU A 1130 30.48 -6.50 -14.58
N LEU A 1131 29.45 -6.51 -13.73
CA LEU A 1131 29.57 -6.03 -12.37
C LEU A 1131 29.59 -7.20 -11.40
N CYS A 1132 30.57 -7.19 -10.48
CA CYS A 1132 30.66 -8.26 -9.49
C CYS A 1132 29.54 -8.16 -8.47
N HIS A 1133 29.46 -7.06 -7.75
CA HIS A 1133 28.36 -6.84 -6.82
C HIS A 1133 28.18 -5.35 -6.59
N LYS A 1134 27.02 -5.01 -6.05
CA LYS A 1134 26.55 -3.62 -5.94
C LYS A 1134 26.42 -3.28 -4.46
N GLU A 1135 27.11 -2.22 -4.04
CA GLU A 1135 27.07 -1.84 -2.64
C GLU A 1135 25.66 -1.35 -2.27
N ALA A 1136 25.50 -1.04 -0.98
CA ALA A 1136 24.20 -0.62 -0.49
C ALA A 1136 23.96 0.85 -0.84
N LEU A 1137 22.69 1.19 -1.03
CA LEU A 1137 22.26 2.57 -1.28
C LEU A 1137 22.06 3.26 0.06
N MET A 1138 22.89 4.27 0.35
CA MET A 1138 22.81 4.96 1.63
C MET A 1138 23.52 6.30 1.51
N LYS A 1139 23.33 7.14 2.52
CA LYS A 1139 23.99 8.43 2.57
C LYS A 1139 25.46 8.26 2.97
N ARG A 1140 26.36 8.69 2.11
CA ARG A 1140 27.80 8.60 2.34
C ARG A 1140 28.43 9.98 2.25
N ASN A 1141 29.56 10.13 2.94
CA ASN A 1141 30.41 11.30 2.78
C ASN A 1141 31.62 10.93 1.92
N PHE A 1142 32.31 11.96 1.42
CA PHE A 1142 33.33 11.78 0.39
C PHE A 1142 34.62 12.48 0.80
N CYS A 1143 35.69 12.16 0.07
CA CYS A 1143 37.01 12.72 0.33
C CYS A 1143 37.20 14.04 -0.41
N VAL A 1144 38.26 14.75 -0.05
CA VAL A 1144 38.63 15.98 -0.77
C VAL A 1144 39.12 15.60 -2.16
N PRO A 1145 38.66 16.26 -3.22
CA PRO A 1145 38.96 15.79 -4.58
C PRO A 1145 40.45 15.65 -4.84
N PRO A 1146 40.88 14.56 -5.49
CA PRO A 1146 42.28 14.45 -5.89
C PRO A 1146 42.54 15.13 -7.23
N GLY A 1147 43.67 15.81 -7.33
CA GLY A 1147 44.04 16.50 -8.55
C GLY A 1147 43.09 17.62 -8.96
N ALA A 1148 42.26 18.11 -8.05
CA ALA A 1148 41.24 19.10 -8.39
C ALA A 1148 40.93 19.96 -7.16
N SER A 1149 40.01 20.91 -7.35
CA SER A 1149 39.66 21.86 -6.30
C SER A 1149 39.26 21.12 -5.02
N PRO A 1150 39.81 21.50 -3.83
CA PRO A 1150 39.56 20.78 -2.58
C PRO A 1150 38.27 21.19 -1.86
N GLU A 1151 37.13 20.98 -2.52
CA GLU A 1151 35.84 21.30 -1.91
C GLU A 1151 35.48 20.20 -0.92
N VAL A 1152 35.48 20.55 0.37
CA VAL A 1152 35.16 19.61 1.44
C VAL A 1152 33.74 19.08 1.24
N PRO A 1153 33.56 17.77 1.00
CA PRO A 1153 32.20 17.25 0.74
C PRO A 1153 31.33 17.17 1.98
N LYS A 1154 30.10 16.69 1.80
CA LYS A 1154 29.15 16.46 2.87
C LYS A 1154 28.30 15.25 2.52
N PRO A 1155 27.60 14.67 3.50
CA PRO A 1155 26.85 13.43 3.24
C PRO A 1155 25.81 13.60 2.13
N ALA A 1156 25.71 12.58 1.27
CA ALA A 1156 24.75 12.57 0.19
C ALA A 1156 24.44 11.13 -0.18
N LEU A 1157 23.27 10.94 -0.80
CA LEU A 1157 22.83 9.61 -1.22
C LEU A 1157 23.69 9.10 -2.36
N SER A 1158 24.20 7.88 -2.24
CA SER A 1158 25.12 7.36 -3.24
C SER A 1158 25.34 5.86 -3.04
N PHE A 1159 25.96 5.25 -4.05
CA PHE A 1159 26.38 3.86 -4.01
C PHE A 1159 27.44 3.67 -5.10
N TYR A 1160 28.13 2.54 -5.07
CA TYR A 1160 29.10 2.24 -6.10
C TYR A 1160 29.13 0.75 -6.38
N VAL A 1161 29.63 0.40 -7.58
CA VAL A 1161 29.53 -0.94 -8.14
C VAL A 1161 30.92 -1.42 -8.52
N LEU A 1162 31.25 -2.65 -8.14
CA LEU A 1162 32.47 -3.29 -8.59
C LEU A 1162 32.21 -4.03 -9.90
N GLY A 1163 33.04 -3.80 -10.91
CA GLY A 1163 32.84 -4.46 -12.18
C GLY A 1163 34.12 -4.53 -13.00
N SER A 1164 34.05 -5.29 -14.09
CA SER A 1164 35.18 -5.54 -14.96
C SER A 1164 34.80 -5.15 -16.39
N TRP A 1165 35.60 -4.26 -16.99
CA TRP A 1165 35.35 -3.86 -18.37
C TRP A 1165 35.43 -5.07 -19.31
N LEU A 1166 34.63 -5.03 -20.37
CA LEU A 1166 34.75 -5.95 -21.50
C LEU A 1166 35.04 -5.11 -22.75
N GLY A 1167 36.20 -5.33 -23.35
CA GLY A 1167 36.58 -4.59 -24.53
C GLY A 1167 36.95 -3.14 -24.20
N GLY A 1168 37.48 -2.46 -25.23
CA GLY A 1168 37.84 -1.06 -25.10
C GLY A 1168 36.68 -0.14 -25.44
N THR A 1169 36.99 1.16 -25.45
CA THR A 1169 35.97 2.16 -25.73
C THR A 1169 35.48 2.04 -27.17
N GLN A 1170 34.19 2.25 -27.36
CA GLN A 1170 33.55 2.21 -28.67
C GLN A 1170 32.96 3.57 -29.00
N ARG A 1171 32.79 3.84 -30.29
CA ARG A 1171 32.39 5.15 -30.78
C ARG A 1171 31.07 5.07 -31.52
N LYS A 1172 30.26 6.13 -31.38
CA LYS A 1172 28.97 6.21 -32.04
C LYS A 1172 29.15 6.12 -33.55
N GLU A 1173 28.52 5.11 -34.17
CA GLU A 1173 28.75 4.76 -35.57
C GLU A 1173 27.39 4.56 -36.25
N GLY A 1174 26.65 5.66 -36.42
CA GLY A 1174 25.36 5.61 -37.07
C GLY A 1174 24.36 4.73 -36.35
N THR A 1175 23.94 3.64 -37.00
CA THR A 1175 22.97 2.73 -36.41
C THR A 1175 23.55 1.88 -35.30
N GLY A 1176 24.86 1.96 -35.04
CA GLY A 1176 25.47 1.13 -34.02
C GLY A 1176 26.70 1.75 -33.39
N TRP A 1177 27.48 0.93 -32.70
CA TRP A 1177 28.70 1.37 -32.03
C TRP A 1177 29.89 0.66 -32.67
N GLY A 1178 30.88 1.45 -33.08
CA GLY A 1178 32.04 0.90 -33.76
C GLY A 1178 32.84 -0.03 -32.86
N LEU A 1179 33.81 -0.70 -33.49
CA LEU A 1179 34.61 -1.69 -32.78
C LEU A 1179 35.53 -1.00 -31.78
N PRO A 1180 35.96 -1.71 -30.74
CA PRO A 1180 36.70 -1.06 -29.65
C PRO A 1180 38.02 -0.42 -30.11
N GLU A 1181 38.41 0.63 -29.38
CA GLU A 1181 39.78 1.12 -29.43
C GLU A 1181 40.69 0.14 -28.69
N PRO A 1182 41.98 0.08 -29.06
CA PRO A 1182 42.88 -0.89 -28.40
C PRO A 1182 42.89 -0.78 -26.89
N GLN A 1183 42.66 -1.90 -26.21
CA GLN A 1183 42.57 -1.95 -24.74
C GLN A 1183 43.65 -2.86 -24.20
N GLY A 1184 44.35 -2.38 -23.17
CA GLY A 1184 45.36 -3.21 -22.51
C GLY A 1184 44.72 -4.37 -21.78
N ASN A 1185 45.47 -5.48 -21.69
CA ASN A 1185 44.93 -6.71 -21.14
C ASN A 1185 44.94 -6.73 -19.62
N ASP A 1186 45.83 -5.96 -18.99
CA ASP A 1186 46.05 -6.02 -17.56
C ASP A 1186 44.74 -6.08 -16.79
N ASP A 1187 44.61 -7.09 -15.93
CA ASP A 1187 43.44 -7.26 -15.08
C ASP A 1187 43.08 -5.94 -14.39
N ASN A 1188 44.09 -5.30 -13.78
CA ASN A 1188 43.86 -4.04 -13.08
C ASN A 1188 43.18 -3.02 -13.97
N ASP A 1189 43.50 -3.04 -15.27
CA ASP A 1189 42.85 -2.14 -16.22
C ASP A 1189 41.45 -2.59 -16.60
N GLN A 1190 41.03 -3.78 -16.17
CA GLN A 1190 39.67 -4.26 -16.42
C GLN A 1190 38.73 -3.97 -15.26
N LYS A 1191 39.15 -4.31 -14.03
CA LYS A 1191 38.28 -4.16 -12.88
C LYS A 1191 38.22 -2.69 -12.45
N VAL A 1192 37.01 -2.22 -12.13
CA VAL A 1192 36.76 -0.80 -11.93
C VAL A 1192 35.64 -0.63 -10.92
N HIS A 1193 35.63 0.53 -10.25
CA HIS A 1193 34.55 0.91 -9.34
C HIS A 1193 33.73 2.03 -9.99
N LEU A 1194 32.54 1.70 -10.45
CA LEU A 1194 31.60 2.72 -10.90
C LEU A 1194 30.97 3.38 -9.68
N ILE A 1195 31.19 4.68 -9.51
CA ILE A 1195 30.70 5.41 -8.35
C ILE A 1195 29.50 6.24 -8.79
N PHE A 1196 28.34 5.98 -8.20
CA PHE A 1196 27.11 6.69 -8.50
C PHE A 1196 26.79 7.62 -7.33
N PHE A 1197 26.69 8.91 -7.61
CA PHE A 1197 26.19 9.86 -6.62
C PHE A 1197 25.44 10.98 -7.32
N GLY A 1198 24.57 11.64 -6.56
CA GLY A 1198 23.78 12.73 -7.13
C GLY A 1198 22.66 12.18 -8.00
N SER A 1199 22.32 12.95 -9.03
CA SER A 1199 21.20 12.59 -9.89
C SER A 1199 21.43 11.31 -10.67
N SER A 1200 22.65 10.77 -10.66
CA SER A 1200 22.89 9.49 -11.33
C SER A 1200 22.38 8.33 -10.50
N VAL A 1201 21.94 8.58 -9.26
CA VAL A 1201 21.42 7.52 -8.41
C VAL A 1201 20.17 6.88 -8.99
N ARG A 1202 19.59 7.48 -10.03
CA ARG A 1202 18.39 6.89 -10.59
C ARG A 1202 18.63 5.52 -11.21
N TRP A 1203 19.89 5.13 -11.41
CA TRP A 1203 20.19 3.83 -12.03
C TRP A 1203 20.21 2.68 -11.04
N PHE A 1204 19.98 2.92 -9.75
CA PHE A 1204 20.19 1.86 -8.77
C PHE A 1204 19.28 0.66 -9.03
N GLU A 1205 18.01 0.90 -9.33
CA GLU A 1205 17.05 -0.20 -9.37
C GLU A 1205 17.28 -1.13 -10.56
N PHE A 1206 18.02 -0.67 -11.58
CA PHE A 1206 18.18 -1.45 -12.80
C PHE A 1206 19.43 -2.33 -12.79
N LEU A 1207 20.48 -1.92 -12.09
CA LEU A 1207 21.73 -2.67 -12.10
C LEU A 1207 21.62 -3.90 -11.21
N HIS A 1208 22.03 -5.06 -11.74
CA HIS A 1208 22.05 -6.30 -10.96
C HIS A 1208 23.32 -7.09 -11.29
N PRO A 1209 23.85 -7.84 -10.32
CA PRO A 1209 25.11 -8.55 -10.55
C PRO A 1209 24.96 -9.68 -11.55
N GLY A 1210 26.04 -9.98 -12.24
CA GLY A 1210 26.09 -11.12 -13.14
C GLY A 1210 25.53 -10.88 -14.51
N GLN A 1211 25.40 -9.61 -14.93
CA GLN A 1211 24.93 -9.27 -16.27
C GLN A 1211 25.80 -8.14 -16.81
N VAL A 1212 25.77 -7.96 -18.13
CA VAL A 1212 26.65 -7.02 -18.81
C VAL A 1212 25.83 -5.81 -19.26
N TYR A 1213 26.30 -4.62 -18.91
CA TYR A 1213 25.68 -3.36 -19.25
C TYR A 1213 26.61 -2.55 -20.14
N ARG A 1214 26.04 -1.94 -21.18
CA ARG A 1214 26.80 -1.07 -22.08
C ARG A 1214 26.60 0.36 -21.63
N LEU A 1215 27.58 0.91 -20.90
CA LEU A 1215 27.52 2.30 -20.50
C LEU A 1215 27.76 3.19 -21.71
N ILE A 1216 27.07 4.33 -21.75
CA ILE A 1216 27.15 5.27 -22.86
C ILE A 1216 27.40 6.66 -22.32
N ALA A 1217 28.41 7.34 -22.86
CA ALA A 1217 28.68 8.74 -22.54
C ALA A 1217 28.43 9.58 -23.78
N PRO A 1218 27.48 10.52 -23.77
CA PRO A 1218 27.36 11.43 -24.91
C PRO A 1218 28.45 12.48 -24.90
N GLY A 1219 28.62 13.15 -26.04
CA GLY A 1219 29.58 14.20 -26.18
C GLY A 1219 30.80 13.78 -26.97
N PRO A 1220 31.74 14.71 -27.17
CA PRO A 1220 32.88 14.44 -28.05
C PRO A 1220 33.73 13.29 -27.54
N ALA A 1221 34.16 12.43 -28.45
CA ALA A 1221 35.04 11.31 -28.11
C ALA A 1221 36.32 11.84 -27.48
N THR A 1222 36.73 11.22 -26.36
CA THR A 1222 37.81 11.76 -25.52
C THR A 1222 38.67 10.64 -24.92
N PRO A 1223 39.99 10.71 -25.06
CA PRO A 1223 40.85 9.72 -24.38
C PRO A 1223 40.78 9.86 -22.86
N MET A 1224 40.99 8.75 -22.17
CA MET A 1224 40.88 8.67 -20.71
C MET A 1224 39.49 9.09 -20.25
N LEU A 1225 38.46 8.70 -21.01
CA LEU A 1225 37.07 8.91 -20.63
C LEU A 1225 36.51 7.72 -19.87
N PHE A 1226 36.89 6.50 -20.28
CA PHE A 1226 36.58 5.28 -19.56
C PHE A 1226 37.81 4.51 -19.11
N GLU A 1227 38.99 4.80 -19.68
CA GLU A 1227 40.18 4.04 -19.37
C GLU A 1227 40.58 4.18 -17.91
N LYS A 1228 40.28 5.33 -17.30
CA LYS A 1228 40.51 5.58 -15.88
C LYS A 1228 39.92 6.95 -15.56
N ASP A 1229 39.76 7.21 -14.27
CA ASP A 1229 39.55 8.59 -13.83
C ASP A 1229 40.84 9.39 -14.00
N GLY A 1230 41.90 8.95 -13.32
CA GLY A 1230 43.20 9.57 -13.44
C GLY A 1230 43.23 10.98 -12.90
N SER A 1231 42.49 11.88 -13.56
CA SER A 1231 42.35 13.25 -13.11
C SER A 1231 41.11 13.85 -13.75
N SER A 1232 40.18 14.34 -12.94
CA SER A 1232 38.98 15.00 -13.46
C SER A 1232 38.49 16.01 -12.44
N CYS A 1233 37.73 16.98 -12.93
CA CYS A 1233 37.32 18.13 -12.11
C CYS A 1233 36.38 17.70 -10.99
N ILE A 1234 36.76 18.03 -9.75
CA ILE A 1234 36.04 17.66 -8.53
C ILE A 1234 35.68 16.18 -8.54
N SER A 1235 36.67 15.31 -8.77
CA SER A 1235 36.49 13.89 -8.53
C SER A 1235 36.33 13.63 -7.04
N ARG A 1236 35.52 12.63 -6.68
CA ARG A 1236 35.20 12.36 -5.28
C ARG A 1236 35.05 10.86 -5.07
N ARG A 1237 35.97 10.28 -4.28
CA ARG A 1237 35.85 8.89 -3.84
C ARG A 1237 35.27 8.85 -2.43
N PRO A 1238 34.29 7.99 -2.15
CA PRO A 1238 33.82 7.85 -0.76
C PRO A 1238 34.94 7.44 0.18
N LEU A 1239 34.70 7.56 1.50
CA LEU A 1239 35.73 7.23 2.46
C LEU A 1239 36.10 5.75 2.40
N GLU A 1240 35.10 4.87 2.27
CA GLU A 1240 35.39 3.44 2.17
C GLU A 1240 35.97 3.04 0.82
N LEU A 1241 36.17 3.99 -0.08
CA LEU A 1241 36.76 3.73 -1.39
C LEU A 1241 37.92 4.66 -1.69
N ALA A 1242 38.41 5.42 -0.70
CA ALA A 1242 39.45 6.40 -0.92
C ALA A 1242 40.72 5.75 -1.44
N GLY A 1243 41.41 6.46 -2.33
CA GLY A 1243 42.73 6.06 -2.79
C GLY A 1243 42.76 4.97 -3.84
N CYS A 1244 41.68 4.22 -4.03
CA CYS A 1244 41.69 3.14 -4.99
C CYS A 1244 41.91 3.69 -6.40
N ALA A 1245 42.70 2.97 -7.19
CA ALA A 1245 43.15 3.49 -8.49
C ALA A 1245 42.01 3.49 -9.51
N SER A 1246 41.39 2.34 -9.74
CA SER A 1246 40.37 2.22 -10.78
C SER A 1246 38.98 2.57 -10.23
N CYS A 1247 38.81 3.86 -9.93
CA CYS A 1247 37.51 4.45 -9.65
C CYS A 1247 37.05 5.26 -10.86
N LEU A 1248 35.75 5.48 -10.96
CA LEU A 1248 35.21 6.27 -12.06
C LEU A 1248 33.88 6.90 -11.64
N THR A 1249 33.84 8.23 -11.62
CA THR A 1249 32.62 8.97 -11.34
C THR A 1249 31.75 8.98 -12.60
N VAL A 1250 30.59 8.33 -12.55
CA VAL A 1250 29.67 8.39 -13.69
C VAL A 1250 28.94 9.73 -13.66
N GLN A 1251 29.03 10.47 -14.76
CA GLN A 1251 28.47 11.82 -14.84
C GLN A 1251 26.95 11.77 -14.99
N ASP A 1252 26.28 12.82 -14.51
CA ASP A 1252 24.83 12.78 -14.35
C ASP A 1252 24.08 12.64 -15.67
N ASN A 1253 24.76 12.80 -16.81
CA ASN A 1253 24.10 12.73 -18.10
C ASN A 1253 24.50 11.51 -18.92
N TRP A 1254 25.30 10.60 -18.36
CA TRP A 1254 25.57 9.32 -19.01
C TRP A 1254 24.39 8.38 -18.81
N THR A 1255 24.38 7.30 -19.60
CA THR A 1255 23.26 6.35 -19.56
C THR A 1255 23.78 4.93 -19.77
N LEU A 1256 22.95 3.96 -19.39
CA LEU A 1256 23.30 2.55 -19.46
C LEU A 1256 22.24 1.77 -20.25
N GLU A 1257 22.70 0.79 -21.02
CA GLU A 1257 21.82 -0.08 -21.80
C GLU A 1257 22.13 -1.53 -21.47
N LEU A 1258 21.10 -2.32 -21.17
CA LEU A 1258 21.28 -3.74 -20.98
C LEU A 1258 21.71 -4.39 -22.28
N GLU A 1259 22.73 -5.26 -22.22
CA GLU A 1259 23.17 -6.02 -23.38
C GLU A 1259 23.02 -7.50 -23.11
N SER A 1260 22.36 -8.19 -24.04
CA SER A 1260 22.06 -9.61 -23.93
C SER A 1260 22.42 -10.38 -25.20
N SER A 1261 23.23 -9.79 -26.08
CA SER A 1261 23.63 -10.44 -27.32
C SER A 1261 24.26 -11.80 -27.06
N GLN A 1262 24.04 -12.73 -28.00
CA GLN A 1262 24.40 -14.13 -27.80
C GLN A 1262 25.89 -14.32 -27.54
N ASP A 1263 26.75 -13.46 -28.09
CA ASP A 1263 28.19 -13.61 -27.91
C ASP A 1263 28.63 -13.47 -26.46
N ILE A 1264 27.73 -13.03 -25.57
CA ILE A 1264 28.03 -12.92 -24.14
C ILE A 1264 27.34 -14.00 -23.32
N GLN A 1265 26.57 -14.89 -23.96
CA GLN A 1265 25.68 -15.80 -23.23
C GLN A 1265 26.44 -16.74 -22.30
N ASP A 1266 27.66 -17.16 -22.68
CA ASP A 1266 28.40 -18.10 -21.84
C ASP A 1266 28.85 -17.44 -20.53
N VAL A 1267 29.09 -16.13 -20.55
CA VAL A 1267 29.38 -15.41 -19.31
C VAL A 1267 28.09 -15.19 -18.54
N LEU A 1268 27.01 -14.86 -19.25
CA LEU A 1268 25.71 -14.65 -18.63
C LEU A 1268 25.14 -15.95 -18.05
N ASP A 1269 25.78 -17.09 -18.26
CA ASP A 1269 25.32 -18.34 -17.67
C ASP A 1269 25.34 -18.31 -16.15
N ALA A 1270 25.99 -17.30 -15.55
CA ALA A 1270 25.89 -17.12 -14.12
C ALA A 1270 24.46 -16.74 -13.72
N ASN A 1271 23.70 -16.17 -14.63
CA ASN A 1271 22.34 -15.77 -14.34
C ASN A 1271 21.41 -16.99 -14.31
N LYS A 1272 20.15 -16.74 -13.95
CA LYS A 1272 19.17 -17.77 -13.62
C LYS A 1272 19.56 -18.55 -12.36
N SER A 1273 20.57 -18.09 -11.65
CA SER A 1273 21.02 -18.71 -10.41
C SER A 1273 21.63 -17.62 -9.53
N LEU A 1274 21.48 -17.78 -8.22
CA LEU A 1274 21.89 -16.77 -7.27
C LEU A 1274 22.81 -17.37 -6.22
N PRO A 1275 23.94 -16.74 -5.89
CA PRO A 1275 24.87 -17.34 -4.93
C PRO A 1275 24.25 -17.47 -3.54
N GLU A 1276 24.48 -18.61 -2.91
CA GLU A 1276 23.99 -18.88 -1.57
C GLU A 1276 25.04 -19.64 -0.77
N SER A 1277 25.33 -19.16 0.44
CA SER A 1277 26.26 -19.86 1.31
C SER A 1277 25.59 -21.05 1.97
N SER A 1278 26.42 -21.95 2.50
CA SER A 1278 25.93 -23.17 3.13
C SER A 1278 25.47 -22.90 4.55
N LEU A 1279 24.52 -23.71 5.02
CA LEU A 1279 24.09 -23.62 6.41
C LEU A 1279 25.20 -23.99 7.39
N THR A 1280 26.35 -24.42 6.90
CA THR A 1280 27.55 -24.57 7.72
C THR A 1280 28.36 -23.28 7.80
N ASP A 1281 28.33 -22.47 6.75
CA ASP A 1281 28.85 -21.11 6.85
C ASP A 1281 28.00 -20.29 7.80
N LEU A 1282 26.68 -20.38 7.65
CA LEU A 1282 25.75 -19.87 8.64
C LEU A 1282 25.71 -20.79 9.85
N LEU A 1283 25.04 -20.33 10.91
CA LEU A 1283 24.69 -21.18 12.04
C LEU A 1283 25.89 -21.93 12.60
N SER A 1284 27.06 -21.29 12.64
CA SER A 1284 28.26 -21.93 13.18
C SER A 1284 29.14 -20.90 13.85
N ASP A 1285 29.90 -21.36 14.84
CA ASP A 1285 30.83 -20.52 15.58
C ASP A 1285 32.18 -20.38 14.89
N ASN A 1286 32.29 -20.83 13.64
CA ASN A 1286 33.59 -20.90 12.99
C ASN A 1286 34.20 -19.51 12.80
N PHE A 1287 33.38 -18.49 12.57
CA PHE A 1287 33.91 -17.15 12.36
C PHE A 1287 32.83 -16.12 12.71
N THR A 1288 33.29 -14.96 13.15
CA THR A 1288 32.44 -13.83 13.53
C THR A 1288 32.92 -12.57 12.85
N ASP A 1289 33.40 -12.69 11.60
CA ASP A 1289 34.01 -11.57 10.93
C ASP A 1289 33.81 -11.58 9.42
N SER A 1290 32.82 -12.33 8.91
CA SER A 1290 32.66 -12.52 7.47
C SER A 1290 31.20 -12.39 7.10
N LEU A 1291 30.94 -12.41 5.80
CA LEU A 1291 29.65 -12.03 5.22
C LEU A 1291 28.98 -13.24 4.58
N VAL A 1292 27.65 -13.19 4.51
CA VAL A 1292 26.85 -14.29 3.98
C VAL A 1292 25.77 -13.76 3.06
N SER A 1293 25.21 -14.67 2.26
CA SER A 1293 24.09 -14.37 1.37
C SER A 1293 23.18 -15.59 1.30
N PHE A 1294 21.87 -15.37 1.31
CA PHE A 1294 20.93 -16.49 1.31
C PHE A 1294 19.56 -16.02 0.87
N SER A 1295 18.75 -16.98 0.43
CA SER A 1295 17.33 -16.78 0.19
C SER A 1295 16.57 -17.09 1.47
N ALA A 1296 15.45 -16.41 1.67
CA ALA A 1296 14.69 -16.64 2.88
C ALA A 1296 13.27 -16.10 2.71
N GLU A 1297 12.31 -16.87 3.17
CA GLU A 1297 10.97 -16.35 3.39
C GLU A 1297 10.95 -15.59 4.71
N ILE A 1298 10.24 -14.48 4.73
CA ILE A 1298 10.11 -13.69 5.94
C ILE A 1298 8.92 -14.20 6.73
N LEU A 1299 9.14 -14.49 8.00
CA LEU A 1299 8.11 -15.05 8.86
C LEU A 1299 7.34 -13.98 9.62
N SER A 1300 8.02 -12.92 10.05
CA SER A 1300 7.34 -11.79 10.68
C SER A 1300 8.34 -10.66 10.86
N ARG A 1301 7.81 -9.44 11.00
CA ARG A 1301 8.62 -8.24 11.17
C ARG A 1301 7.99 -7.38 12.26
N THR A 1302 8.84 -6.84 13.14
CA THR A 1302 8.36 -6.00 14.23
C THR A 1302 9.41 -4.96 14.57
N LEU A 1303 8.97 -3.92 15.29
CA LEU A 1303 9.93 -2.94 15.79
C LEU A 1303 10.77 -3.53 16.90
N CYS A 1304 11.99 -3.03 17.03
CA CYS A 1304 12.92 -3.42 18.08
C CYS A 1304 13.28 -2.18 18.88
N GLU A 1305 13.12 -2.27 20.21
CA GLU A 1305 13.16 -1.07 21.05
C GLU A 1305 14.51 -0.74 21.65
N PRO A 1306 15.32 -1.73 22.07
CA PRO A 1306 16.62 -1.38 22.68
C PRO A 1306 17.49 -0.49 21.81
N LEU A 1307 17.64 -0.82 20.53
CA LEU A 1307 18.41 0.04 19.63
C LEU A 1307 17.64 1.27 19.20
N VAL A 1308 16.34 1.33 19.48
CA VAL A 1308 15.51 2.45 19.02
C VAL A 1308 15.49 3.58 20.04
N ALA A 1309 15.36 3.25 21.32
CA ALA A 1309 15.19 4.28 22.34
C ALA A 1309 15.81 3.90 23.68
N SER A 1310 15.77 2.61 24.04
CA SER A 1310 16.23 2.19 25.36
C SER A 1310 17.73 2.40 25.54
N LEU A 1311 18.52 2.16 24.49
CA LEU A 1311 19.97 2.38 24.57
C LEU A 1311 20.55 2.89 23.25
N TRP A 1312 19.78 3.66 22.48
CA TRP A 1312 20.19 4.03 21.13
C TRP A 1312 21.34 5.04 21.13
N MET A 1313 22.05 5.08 20.00
CA MET A 1313 23.09 6.09 19.74
C MET A 1313 24.18 6.07 20.81
N LYS A 1314 24.59 4.87 21.23
CA LYS A 1314 25.61 4.74 22.28
C LYS A 1314 26.97 5.23 21.82
N LEU A 1315 27.29 5.08 20.53
CA LEU A 1315 28.58 5.51 19.99
C LEU A 1315 28.39 6.33 18.73
N GLY A 1316 27.49 5.88 17.86
CA GLY A 1316 27.14 6.68 16.69
C GLY A 1316 26.21 7.83 17.07
N ASN A 1317 26.45 8.99 16.48
CA ASN A 1317 25.74 10.21 16.83
C ASN A 1317 24.33 10.31 16.25
N THR A 1318 23.85 9.28 15.56
CA THR A 1318 22.54 9.34 14.90
C THR A 1318 21.39 9.11 15.88
N GLY A 1319 21.19 10.05 16.80
CA GLY A 1319 20.12 9.90 17.78
C GLY A 1319 18.75 10.07 17.15
N ALA A 1320 17.78 9.31 17.67
CA ALA A 1320 16.38 9.34 17.21
C ALA A 1320 16.26 9.13 15.70
N MET A 1321 17.12 8.29 15.14
CA MET A 1321 17.08 7.96 13.71
C MET A 1321 16.04 6.89 13.40
N ARG A 1322 14.82 7.07 13.88
CA ARG A 1322 13.74 6.09 13.76
C ARG A 1322 14.07 4.80 14.50
N ARG A 1323 13.06 3.98 14.77
CA ARG A 1323 13.25 2.78 15.58
C ARG A 1323 13.90 1.66 14.78
N CYS A 1324 14.70 0.85 15.46
CA CYS A 1324 15.32 -0.32 14.83
C CYS A 1324 14.26 -1.36 14.47
N VAL A 1325 14.58 -2.20 13.50
CA VAL A 1325 13.63 -3.16 12.92
C VAL A 1325 14.27 -4.54 12.93
N LYS A 1326 13.45 -5.57 13.22
CA LYS A 1326 13.94 -6.94 13.38
C LYS A 1326 13.11 -7.88 12.52
N LEU A 1327 13.78 -8.67 11.68
CA LEU A 1327 13.15 -9.63 10.80
C LEU A 1327 13.48 -11.05 11.25
N THR A 1328 12.48 -11.94 11.24
CA THR A 1328 12.69 -13.36 11.46
C THR A 1328 12.36 -14.08 10.15
N VAL A 1329 13.30 -14.87 9.65
CA VAL A 1329 13.23 -15.40 8.30
C VAL A 1329 13.54 -16.90 8.32
N ALA A 1330 12.86 -17.65 7.44
CA ALA A 1330 13.08 -19.08 7.30
C ALA A 1330 14.03 -19.30 6.13
N LEU A 1331 15.23 -19.78 6.42
CA LEU A 1331 16.21 -20.01 5.37
C LEU A 1331 15.68 -21.04 4.37
N GLU A 1332 16.04 -20.85 3.10
CA GLU A 1332 15.71 -21.80 2.04
C GLU A 1332 16.99 -22.43 1.53
N THR A 1333 17.06 -23.76 1.62
CA THR A 1333 18.22 -24.49 1.14
C THR A 1333 17.84 -25.96 1.02
N ALA A 1334 18.61 -26.68 0.22
CA ALA A 1334 18.46 -28.12 0.09
C ALA A 1334 19.32 -28.90 1.08
N GLU A 1335 20.17 -28.20 1.84
CA GLU A 1335 21.10 -28.87 2.75
C GLU A 1335 20.40 -29.46 3.96
N CYS A 1336 19.20 -29.00 4.28
CA CYS A 1336 18.44 -29.55 5.40
C CYS A 1336 17.00 -29.78 4.96
N GLU A 1337 16.41 -30.88 5.46
CA GLU A 1337 14.99 -31.10 5.24
C GLU A 1337 14.16 -30.01 5.89
N PHE A 1338 14.62 -29.46 7.00
CA PHE A 1338 13.88 -28.47 7.76
C PHE A 1338 14.60 -27.13 7.73
N PRO A 1339 13.91 -26.04 7.37
CA PRO A 1339 14.58 -24.74 7.25
C PRO A 1339 14.82 -24.13 8.63
N PRO A 1340 16.07 -23.85 8.98
CA PRO A 1340 16.33 -23.18 10.27
C PRO A 1340 15.92 -21.71 10.23
N HIS A 1341 15.28 -21.26 11.30
CA HIS A 1341 14.88 -19.86 11.41
C HIS A 1341 16.07 -19.02 11.85
N LEU A 1342 16.00 -17.72 11.55
CA LEU A 1342 17.12 -16.83 11.75
C LEU A 1342 16.62 -15.41 11.96
N ASP A 1343 17.41 -14.61 12.68
CA ASP A 1343 17.05 -13.23 12.99
C ASP A 1343 17.95 -12.27 12.22
N VAL A 1344 17.34 -11.25 11.62
CA VAL A 1344 18.06 -10.22 10.88
C VAL A 1344 17.71 -8.86 11.48
N TYR A 1345 18.72 -8.08 11.82
CA TYR A 1345 18.55 -6.78 12.45
C TYR A 1345 18.92 -5.68 11.47
N ILE A 1346 18.03 -4.70 11.31
CA ILE A 1346 18.28 -3.55 10.45
C ILE A 1346 18.59 -2.38 11.37
N GLU A 1347 19.88 -2.15 11.63
CA GLU A 1347 20.25 -1.02 12.48
C GLU A 1347 19.99 0.28 11.73
N ASP A 1348 19.95 1.38 12.49
CA ASP A 1348 19.19 2.55 12.06
C ASP A 1348 19.65 3.26 10.78
N PRO A 1349 20.93 3.35 10.41
CA PRO A 1349 21.28 4.17 9.24
C PRO A 1349 20.69 3.68 7.93
N HIS A 1350 20.10 2.48 7.88
CA HIS A 1350 19.48 1.97 6.66
C HIS A 1350 17.99 2.26 6.58
N LEU A 1351 17.39 2.84 7.61
CA LEU A 1351 15.95 2.95 7.67
C LEU A 1351 15.46 4.12 6.80
N PRO A 1352 14.23 4.04 6.28
CA PRO A 1352 13.28 2.91 6.35
C PRO A 1352 13.68 1.77 5.43
N PRO A 1353 13.27 0.54 5.71
CA PRO A 1353 13.72 -0.60 4.90
C PRO A 1353 13.23 -0.49 3.46
N SER A 1354 13.78 -1.35 2.62
CA SER A 1354 13.36 -1.42 1.23
C SER A 1354 11.91 -1.87 1.14
N LEU A 1355 11.27 -1.53 0.02
CA LEU A 1355 9.90 -1.92 -0.19
C LEU A 1355 9.78 -3.44 -0.27
N GLY A 1356 8.65 -3.97 0.17
CA GLY A 1356 8.31 -5.34 -0.06
C GLY A 1356 8.85 -6.35 0.94
N LEU A 1357 9.44 -5.89 2.04
CA LEU A 1357 9.86 -6.80 3.11
C LEU A 1357 8.66 -7.02 4.02
N LEU A 1358 7.82 -7.98 3.65
CA LEU A 1358 6.56 -8.28 4.33
C LEU A 1358 6.48 -9.76 4.68
N PRO A 1359 5.68 -10.12 5.68
CA PRO A 1359 5.47 -11.55 5.98
C PRO A 1359 5.06 -12.32 4.73
N GLY A 1360 5.74 -13.45 4.51
CA GLY A 1360 5.46 -14.30 3.37
C GLY A 1360 6.23 -13.92 2.11
N ALA A 1361 6.81 -12.73 2.05
CA ALA A 1361 7.61 -12.34 0.90
C ALA A 1361 8.90 -13.14 0.86
N ARG A 1362 9.19 -13.77 -0.27
CA ARG A 1362 10.45 -14.43 -0.47
C ARG A 1362 11.51 -13.42 -0.90
N VAL A 1363 12.62 -13.37 -0.17
CA VAL A 1363 13.59 -12.29 -0.32
C VAL A 1363 14.98 -12.89 -0.38
N HIS A 1364 15.80 -12.39 -1.30
CA HIS A 1364 17.20 -12.74 -1.35
C HIS A 1364 18.00 -11.68 -0.59
N PHE A 1365 18.57 -12.08 0.55
CA PHE A 1365 19.46 -11.23 1.32
C PHE A 1365 20.90 -11.52 0.91
N SER A 1366 21.67 -10.47 0.64
CA SER A 1366 23.04 -10.66 0.18
C SER A 1366 23.98 -9.73 0.94
N GLN A 1367 25.20 -10.22 1.17
CA GLN A 1367 26.24 -9.48 1.88
C GLN A 1367 25.77 -9.06 3.27
N LEU A 1368 25.10 -9.98 3.97
CA LEU A 1368 24.76 -9.76 5.37
C LEU A 1368 25.98 -9.99 6.25
N GLU A 1369 26.07 -9.23 7.33
CA GLU A 1369 27.10 -9.46 8.33
C GLU A 1369 26.62 -10.52 9.29
N LYS A 1370 27.33 -11.65 9.33
CA LYS A 1370 27.03 -12.69 10.31
C LYS A 1370 27.66 -12.31 11.65
N ARG A 1371 26.92 -12.51 12.72
CA ARG A 1371 27.34 -12.07 14.05
C ARG A 1371 26.83 -13.05 15.09
N VAL A 1372 27.50 -13.11 16.23
CA VAL A 1372 27.15 -14.02 17.31
C VAL A 1372 27.18 -13.26 18.62
N SER A 1373 26.20 -13.51 19.48
CA SER A 1373 26.13 -12.87 20.78
C SER A 1373 27.12 -13.53 21.74
N ARG A 1374 27.33 -12.88 22.89
CA ARG A 1374 28.12 -13.51 23.95
C ARG A 1374 27.46 -14.80 24.42
N SER A 1375 26.13 -14.88 24.33
CA SER A 1375 25.39 -16.08 24.69
C SER A 1375 25.36 -17.11 23.56
N HIS A 1376 26.18 -16.93 22.51
CA HIS A 1376 26.32 -17.91 21.45
C HIS A 1376 25.04 -18.06 20.63
N ASN A 1377 24.40 -16.94 20.32
CA ASN A 1377 23.25 -16.92 19.42
C ASN A 1377 23.66 -16.22 18.13
N VAL A 1378 23.44 -16.88 17.01
CA VAL A 1378 23.81 -16.33 15.70
C VAL A 1378 22.71 -15.41 15.22
N TYR A 1379 23.08 -14.19 14.81
CA TYR A 1379 22.13 -13.26 14.21
C TYR A 1379 22.86 -12.38 13.22
N CYS A 1380 22.14 -11.94 12.20
CA CYS A 1380 22.71 -11.22 11.06
C CYS A 1380 22.25 -9.76 11.08
N CYS A 1381 23.07 -8.89 10.51
CA CYS A 1381 22.84 -7.45 10.60
C CYS A 1381 23.28 -6.77 9.31
N PHE A 1382 22.59 -5.68 8.97
CA PHE A 1382 22.87 -4.96 7.73
C PHE A 1382 24.19 -4.19 7.83
N ARG A 1383 24.86 -4.03 6.69
CA ARG A 1383 26.10 -3.27 6.58
C ARG A 1383 26.05 -2.42 5.31
N SER A 1384 27.16 -1.70 5.06
CA SER A 1384 27.21 -0.78 3.92
C SER A 1384 27.18 -1.51 2.58
N SER A 1385 27.39 -2.83 2.56
CA SER A 1385 27.34 -3.61 1.33
C SER A 1385 26.11 -4.49 1.25
N THR A 1386 25.24 -4.46 2.25
CA THR A 1386 24.07 -5.32 2.28
C THR A 1386 23.06 -4.88 1.24
N TYR A 1387 22.61 -5.82 0.41
CA TYR A 1387 21.73 -5.54 -0.70
C TYR A 1387 20.62 -6.58 -0.73
N VAL A 1388 19.38 -6.13 -0.93
CA VAL A 1388 18.19 -6.96 -0.73
C VAL A 1388 17.37 -6.94 -2.01
N GLN A 1389 16.70 -8.06 -2.29
CA GLN A 1389 16.07 -8.26 -3.60
C GLN A 1389 14.86 -9.17 -3.43
N VAL A 1390 13.65 -8.61 -3.51
CA VAL A 1390 12.45 -9.41 -3.34
C VAL A 1390 12.26 -10.30 -4.56
N LEU A 1391 11.96 -11.58 -4.32
CA LEU A 1391 11.73 -12.55 -5.38
C LEU A 1391 10.27 -12.85 -5.61
N SER A 1392 9.41 -12.68 -4.60
CA SER A 1392 8.00 -12.92 -4.76
C SER A 1392 7.23 -12.14 -3.71
N PHE A 1393 5.99 -11.80 -4.05
CA PHE A 1393 5.13 -11.06 -3.14
C PHE A 1393 4.44 -12.00 -2.17
N PRO A 1394 3.90 -11.47 -1.09
CA PRO A 1394 3.10 -12.30 -0.18
C PRO A 1394 1.97 -12.98 -0.93
N PRO A 1395 1.55 -14.17 -0.48
CA PRO A 1395 0.37 -14.80 -1.08
C PRO A 1395 -0.90 -14.08 -0.66
N GLU A 1396 -1.94 -14.23 -1.48
CA GLU A 1396 -3.21 -13.59 -1.19
C GLU A 1396 -3.93 -14.27 -0.04
N THR A 1397 -3.67 -15.56 0.20
CA THR A 1397 -4.34 -16.30 1.25
C THR A 1397 -3.32 -17.08 2.06
N THR A 1398 -3.36 -16.92 3.37
CA THR A 1398 -2.41 -17.59 4.25
C THR A 1398 -2.57 -19.10 4.15
N ILE A 1399 -1.45 -19.80 4.05
CA ILE A 1399 -1.45 -21.25 3.89
C ILE A 1399 -1.64 -21.90 5.25
N SER A 1400 -2.63 -22.79 5.35
CA SER A 1400 -2.93 -23.49 6.60
C SER A 1400 -2.02 -24.72 6.71
N ILE A 1401 -0.77 -24.45 7.06
CA ILE A 1401 0.25 -25.51 7.17
C ILE A 1401 0.12 -26.17 8.54
N PRO A 1402 -0.22 -27.45 8.63
CA PRO A 1402 -0.21 -28.14 9.92
C PRO A 1402 1.19 -28.61 10.26
N LEU A 1403 1.56 -28.49 11.54
CA LEU A 1403 2.87 -28.93 11.97
C LEU A 1403 3.00 -30.44 11.83
N PRO A 1404 4.21 -30.95 11.67
CA PRO A 1404 4.40 -32.40 11.58
C PRO A 1404 4.14 -33.07 12.92
N HIS A 1405 3.91 -34.38 12.86
CA HIS A 1405 3.69 -35.20 14.04
C HIS A 1405 4.79 -36.23 14.13
N ILE A 1406 5.54 -36.22 15.24
CA ILE A 1406 6.66 -37.13 15.43
C ILE A 1406 6.70 -37.61 16.87
N TYR A 1407 7.23 -38.82 17.05
CA TYR A 1407 7.45 -39.36 18.38
C TYR A 1407 8.71 -38.75 18.97
N LEU A 1408 8.67 -38.45 20.28
CA LEU A 1408 9.77 -37.72 20.89
C LEU A 1408 11.11 -38.42 20.70
N ALA A 1409 11.11 -39.73 20.45
CA ALA A 1409 12.39 -40.41 20.22
C ALA A 1409 13.12 -39.82 19.02
N GLU A 1410 12.38 -39.21 18.08
CA GLU A 1410 13.02 -38.67 16.88
C GLU A 1410 13.92 -37.49 17.21
N LEU A 1411 13.61 -36.74 18.26
CA LEU A 1411 14.42 -35.58 18.60
C LEU A 1411 15.71 -35.95 19.32
N LEU A 1412 15.75 -37.12 19.97
CA LEU A 1412 16.99 -37.58 20.57
C LEU A 1412 18.04 -37.95 19.53
N GLN A 1413 17.67 -38.01 18.25
CA GLN A 1413 18.62 -38.34 17.19
C GLN A 1413 19.56 -37.19 16.86
N GLY A 1414 19.32 -36.01 17.43
CA GLY A 1414 20.22 -34.88 17.19
C GLY A 1414 19.84 -34.14 15.93
N GLY A 1415 20.83 -33.91 15.06
CA GLY A 1415 20.59 -33.16 13.85
C GLY A 1415 19.58 -33.84 12.95
N GLN A 1416 19.07 -33.05 12.00
CA GLN A 1416 18.05 -33.51 11.05
C GLN A 1416 16.78 -33.94 11.79
N SER A 1417 16.42 -33.18 12.83
CA SER A 1417 15.15 -33.34 13.53
C SER A 1417 14.46 -31.99 13.61
N PRO A 1418 13.15 -31.94 13.41
CA PRO A 1418 12.50 -30.65 13.19
C PRO A 1418 12.56 -29.72 14.41
N PHE A 1419 12.45 -28.43 14.10
CA PHE A 1419 12.46 -27.40 15.14
C PHE A 1419 11.14 -27.39 15.91
N GLN A 1420 10.02 -27.53 15.19
CA GLN A 1420 8.70 -27.46 15.79
C GLN A 1420 7.91 -28.70 15.38
N ALA A 1421 7.06 -29.19 16.27
CA ALA A 1421 6.38 -30.45 16.03
C ALA A 1421 5.19 -30.58 16.97
N THR A 1422 4.39 -31.63 16.72
CA THR A 1422 3.33 -32.06 17.61
C THR A 1422 3.62 -33.48 18.09
N ALA A 1423 3.09 -33.83 19.25
CA ALA A 1423 3.34 -35.15 19.82
C ALA A 1423 2.10 -35.59 20.58
N SER A 1424 1.88 -36.90 20.63
CA SER A 1424 0.73 -37.50 21.30
C SER A 1424 1.11 -38.02 22.68
N CYS A 1425 1.65 -37.14 23.52
CA CYS A 1425 2.27 -37.57 24.76
C CYS A 1425 1.25 -37.63 25.91
N HIS A 1426 1.77 -37.95 27.10
CA HIS A 1426 0.96 -38.14 28.30
C HIS A 1426 1.68 -37.49 29.47
N ILE A 1427 0.98 -36.65 30.21
CA ILE A 1427 1.60 -35.87 31.28
C ILE A 1427 1.89 -36.78 32.46
N VAL A 1428 3.15 -36.85 32.86
CA VAL A 1428 3.55 -37.75 33.93
C VAL A 1428 3.47 -37.06 35.29
N SER A 1429 4.05 -35.87 35.43
CA SER A 1429 4.04 -35.17 36.71
C SER A 1429 4.32 -33.70 36.48
N VAL A 1430 4.12 -32.91 37.54
CA VAL A 1430 4.34 -31.48 37.53
C VAL A 1430 5.48 -31.16 38.49
N PHE A 1431 6.51 -30.46 37.99
CA PHE A 1431 7.64 -30.11 38.83
C PHE A 1431 7.33 -28.90 39.70
N SER A 1432 7.15 -27.73 39.08
CA SER A 1432 6.97 -26.51 39.84
C SER A 1432 5.93 -25.64 39.16
N LEU A 1433 5.44 -24.64 39.90
CA LEU A 1433 4.32 -23.82 39.46
C LEU A 1433 4.40 -22.48 40.17
N GLN A 1434 4.44 -21.41 39.39
CA GLN A 1434 4.45 -20.05 39.93
C GLN A 1434 3.29 -19.25 39.35
N LEU A 1435 2.65 -18.45 40.20
CA LEU A 1435 1.69 -17.45 39.77
C LEU A 1435 2.12 -16.10 40.30
N PHE A 1436 1.88 -15.05 39.51
CA PHE A 1436 2.21 -13.69 39.90
C PHE A 1436 1.06 -12.75 39.56
N TRP A 1437 1.10 -11.57 40.17
CA TRP A 1437 0.46 -10.37 39.65
C TRP A 1437 1.53 -9.28 39.67
N VAL A 1438 1.89 -8.78 38.48
CA VAL A 1438 2.93 -7.76 38.36
C VAL A 1438 2.31 -6.51 37.77
N CYS A 1439 3.00 -5.38 37.99
CA CYS A 1439 2.47 -4.10 37.55
C CYS A 1439 2.61 -3.94 36.05
N ALA A 1440 1.59 -3.37 35.41
CA ALA A 1440 1.57 -3.28 33.95
C ALA A 1440 2.73 -2.46 33.41
N TYR A 1441 3.15 -1.43 34.16
CA TYR A 1441 4.21 -0.54 33.69
C TYR A 1441 5.61 -1.00 34.06
N CYS A 1442 5.74 -1.94 34.99
CA CYS A 1442 7.05 -2.32 35.51
C CYS A 1442 6.98 -3.74 36.04
N THR A 1443 7.99 -4.55 35.69
CA THR A 1443 7.96 -5.99 35.96
C THR A 1443 8.45 -6.28 37.39
N SER A 1444 7.55 -6.04 38.35
CA SER A 1444 7.74 -6.49 39.71
C SER A 1444 6.38 -6.72 40.34
N ILE A 1445 6.37 -7.48 41.44
CA ILE A 1445 5.11 -7.98 41.99
C ILE A 1445 4.27 -6.81 42.49
N CYS A 1446 2.93 -6.97 42.39
CA CYS A 1446 1.97 -5.91 42.71
C CYS A 1446 0.77 -6.55 43.40
N ARG A 1447 0.92 -6.86 44.68
CA ARG A 1447 -0.14 -7.52 45.45
C ARG A 1447 -1.35 -6.60 45.57
N GLN A 1448 -2.50 -7.09 45.09
CA GLN A 1448 -3.76 -6.35 45.17
C GLN A 1448 -3.64 -4.94 44.59
N GLY A 1449 -2.73 -4.76 43.64
CA GLY A 1449 -2.52 -3.47 43.02
C GLY A 1449 -1.61 -2.54 43.79
N LYS A 1450 -0.97 -3.01 44.87
CA LYS A 1450 -0.07 -2.20 45.68
C LYS A 1450 1.31 -2.26 45.04
N CYS A 1451 1.58 -1.34 44.12
CA CYS A 1451 2.83 -1.37 43.37
C CYS A 1451 3.98 -0.87 44.25
N THR A 1452 5.10 -1.61 44.24
CA THR A 1452 6.28 -1.20 45.00
C THR A 1452 7.13 -0.20 44.21
N ARG A 1453 7.00 -0.18 42.88
CA ARG A 1453 7.76 0.75 42.05
C ARG A 1453 7.06 2.07 41.82
N LEU A 1454 5.89 2.29 42.42
CA LEU A 1454 5.08 3.47 42.11
C LEU A 1454 5.90 4.74 42.25
N GLY A 1455 5.90 5.56 41.20
CA GLY A 1455 6.66 6.79 41.14
C GLY A 1455 8.05 6.62 40.57
N SER A 1456 8.69 5.47 40.79
CA SER A 1456 10.01 5.19 40.23
C SER A 1456 9.82 4.67 38.80
N THR A 1457 9.65 5.62 37.88
CA THR A 1457 9.33 5.36 36.47
C THR A 1457 7.90 4.89 36.30
N CYS A 1458 7.38 4.09 37.23
CA CYS A 1458 6.00 3.63 37.22
C CYS A 1458 5.04 4.81 37.39
N PRO A 1459 4.24 5.17 36.36
CA PRO A 1459 3.38 6.36 36.49
C PRO A 1459 2.09 6.12 37.27
N THR A 1460 1.56 4.90 37.24
CA THR A 1460 0.26 4.61 37.83
C THR A 1460 0.20 3.11 38.13
N GLN A 1461 -0.66 2.74 39.08
CA GLN A 1461 -0.72 1.36 39.56
C GLN A 1461 -1.87 0.61 38.89
N THR A 1462 -1.52 -0.45 38.17
CA THR A 1462 -2.47 -1.43 37.66
C THR A 1462 -1.70 -2.71 37.40
N ALA A 1463 -2.36 -3.86 37.59
CA ALA A 1463 -1.66 -5.13 37.72
C ALA A 1463 -2.11 -6.13 36.66
N ILE A 1464 -1.20 -7.05 36.32
CA ILE A 1464 -1.40 -8.06 35.28
C ILE A 1464 -0.92 -9.41 35.82
N SER A 1465 -1.65 -10.47 35.46
CA SER A 1465 -1.31 -11.81 35.95
C SER A 1465 -0.29 -12.50 35.05
N GLN A 1466 0.48 -13.40 35.64
CA GLN A 1466 1.46 -14.18 34.90
C GLN A 1466 1.66 -15.52 35.59
N ALA A 1467 1.97 -16.55 34.81
CA ALA A 1467 2.02 -17.92 35.34
C ALA A 1467 3.03 -18.74 34.56
N ILE A 1468 3.82 -19.54 35.29
CA ILE A 1468 4.81 -20.45 34.72
C ILE A 1468 4.61 -21.81 35.36
N ILE A 1469 4.63 -22.87 34.54
CA ILE A 1469 4.50 -24.24 35.04
C ILE A 1469 5.46 -25.13 34.27
N ARG A 1470 5.93 -26.19 34.92
CA ARG A 1470 6.88 -27.14 34.35
C ARG A 1470 6.30 -28.53 34.41
N LEU A 1471 6.36 -29.26 33.30
CA LEU A 1471 5.73 -30.56 33.18
C LEU A 1471 6.71 -31.59 32.67
N LEU A 1472 6.48 -32.86 33.06
CA LEU A 1472 7.06 -34.00 32.37
C LEU A 1472 6.03 -34.56 31.41
N VAL A 1473 6.41 -34.74 30.16
CA VAL A 1473 5.57 -35.42 29.19
C VAL A 1473 6.33 -36.62 28.65
N GLU A 1474 5.57 -37.68 28.36
CA GLU A 1474 6.16 -38.92 27.88
C GLU A 1474 5.13 -39.60 26.98
N ASP A 1475 5.60 -40.14 25.85
CA ASP A 1475 4.71 -40.55 24.77
C ASP A 1475 4.83 -42.03 24.40
N GLY A 1476 5.49 -42.83 25.22
CA GLY A 1476 5.73 -44.22 24.89
C GLY A 1476 7.08 -44.49 24.25
N THR A 1477 7.86 -43.44 23.95
CA THR A 1477 9.18 -43.63 23.37
C THR A 1477 10.23 -42.82 24.11
N ALA A 1478 9.87 -41.64 24.60
CA ALA A 1478 10.84 -40.79 25.28
C ALA A 1478 10.13 -39.86 26.25
N GLU A 1479 10.91 -39.30 27.18
CA GLU A 1479 10.41 -38.44 28.24
C GLU A 1479 11.10 -37.09 28.15
N ALA A 1480 10.32 -36.01 28.22
CA ALA A 1480 10.84 -34.67 28.01
C ALA A 1480 10.24 -33.70 29.00
N VAL A 1481 11.03 -32.69 29.38
CA VAL A 1481 10.59 -31.64 30.29
C VAL A 1481 9.99 -30.52 29.45
N VAL A 1482 8.71 -30.23 29.68
CA VAL A 1482 8.01 -29.17 28.97
C VAL A 1482 7.87 -27.96 29.90
N THR A 1483 8.36 -26.81 29.45
CA THR A 1483 8.20 -25.56 30.19
C THR A 1483 7.08 -24.75 29.55
N CYS A 1484 5.97 -24.62 30.26
CA CYS A 1484 4.74 -24.08 29.72
C CYS A 1484 4.43 -22.77 30.43
N ARG A 1485 4.10 -21.73 29.68
CA ARG A 1485 4.05 -20.38 30.23
C ARG A 1485 2.74 -19.67 29.89
N ASN A 1486 2.28 -18.86 30.84
CA ASN A 1486 1.12 -17.98 30.69
C ASN A 1486 -0.10 -18.73 30.15
N HIS A 1487 -0.85 -18.12 29.22
CA HIS A 1487 -2.19 -18.61 28.91
C HIS A 1487 -2.23 -20.10 28.63
N HIS A 1488 -1.10 -20.71 28.26
CA HIS A 1488 -1.10 -22.14 27.97
C HIS A 1488 -1.37 -22.96 29.22
N VAL A 1489 -0.86 -22.51 30.38
CA VAL A 1489 -0.97 -23.33 31.58
C VAL A 1489 -2.43 -23.61 31.89
N ALA A 1490 -3.30 -22.65 31.64
CA ALA A 1490 -4.73 -22.87 31.87
C ALA A 1490 -5.20 -24.13 31.13
N ALA A 1491 -4.64 -24.38 29.96
CA ALA A 1491 -4.93 -25.62 29.26
C ALA A 1491 -4.07 -26.77 29.76
N ALA A 1492 -2.84 -26.49 30.19
CA ALA A 1492 -2.00 -27.56 30.72
C ALA A 1492 -2.62 -28.18 31.97
N LEU A 1493 -3.24 -27.35 32.82
CA LEU A 1493 -4.00 -27.87 33.95
C LEU A 1493 -5.42 -28.24 33.56
N GLY A 1494 -5.95 -27.66 32.49
CA GLY A 1494 -7.25 -28.04 31.99
C GLY A 1494 -8.43 -27.32 32.60
N LEU A 1495 -8.20 -26.19 33.25
CA LEU A 1495 -9.29 -25.46 33.87
C LEU A 1495 -10.14 -24.72 32.83
N CYS A 1496 -11.43 -24.64 33.10
CA CYS A 1496 -12.30 -23.78 32.31
C CYS A 1496 -11.86 -22.33 32.48
N PRO A 1497 -11.93 -21.50 31.43
CA PRO A 1497 -11.52 -20.10 31.59
C PRO A 1497 -12.16 -19.42 32.78
N ARG A 1498 -13.42 -19.75 33.07
CA ARG A 1498 -14.08 -19.17 34.24
C ARG A 1498 -13.35 -19.54 35.53
N GLU A 1499 -13.02 -20.83 35.68
CA GLU A 1499 -12.39 -21.30 36.92
C GLU A 1499 -10.97 -20.78 37.04
N TRP A 1500 -10.24 -20.75 35.91
CA TRP A 1500 -8.89 -20.18 35.93
C TRP A 1500 -8.93 -18.70 36.28
N ALA A 1501 -9.90 -17.96 35.74
CA ALA A 1501 -10.06 -16.56 36.10
C ALA A 1501 -10.35 -16.41 37.59
N SER A 1502 -11.23 -17.26 38.13
CA SER A 1502 -11.54 -17.19 39.55
C SER A 1502 -10.32 -17.47 40.41
N LEU A 1503 -9.54 -18.49 40.04
CA LEU A 1503 -8.33 -18.81 40.78
C LEU A 1503 -7.36 -17.64 40.77
N LEU A 1504 -7.09 -17.08 39.58
CA LEU A 1504 -6.22 -15.93 39.49
C LEU A 1504 -6.74 -14.78 40.34
N ASP A 1505 -8.06 -14.55 40.32
CA ASP A 1505 -8.63 -13.42 41.05
C ASP A 1505 -8.46 -13.61 42.54
N PHE A 1506 -8.56 -14.85 43.03
CA PHE A 1506 -8.36 -15.08 44.45
C PHE A 1506 -6.89 -14.88 44.83
N VAL A 1507 -5.97 -15.49 44.09
CA VAL A 1507 -4.57 -15.42 44.45
C VAL A 1507 -4.03 -13.99 44.40
N GLN A 1508 -4.80 -13.04 43.87
CA GLN A 1508 -4.37 -11.65 43.88
C GLN A 1508 -4.24 -11.11 45.29
N VAL A 1509 -4.88 -11.74 46.26
CA VAL A 1509 -4.82 -11.30 47.65
C VAL A 1509 -3.39 -11.42 48.15
N PRO A 1510 -2.79 -12.62 48.14
CA PRO A 1510 -1.35 -12.71 48.44
C PRO A 1510 -0.46 -12.23 47.30
N GLY A 1511 -0.98 -12.21 46.07
CA GLY A 1511 -0.25 -11.73 44.93
C GLY A 1511 0.77 -12.70 44.35
N ARG A 1512 1.11 -13.77 45.06
CA ARG A 1512 2.07 -14.73 44.55
C ARG A 1512 1.82 -16.09 45.19
N VAL A 1513 1.89 -17.13 44.37
CA VAL A 1513 1.78 -18.51 44.82
C VAL A 1513 2.90 -19.31 44.19
N VAL A 1514 3.68 -20.00 45.01
CA VAL A 1514 4.78 -20.84 44.53
C VAL A 1514 4.60 -22.23 45.10
N LEU A 1515 4.66 -23.24 44.24
CA LEU A 1515 4.71 -24.63 44.65
C LEU A 1515 5.92 -25.28 44.01
N GLN A 1516 6.41 -26.35 44.65
CA GLN A 1516 7.59 -27.06 44.18
C GLN A 1516 7.50 -28.48 44.70
N PHE A 1517 7.40 -29.44 43.77
CA PHE A 1517 7.06 -30.81 44.12
C PHE A 1517 8.30 -31.69 44.19
N ALA A 1518 8.27 -32.68 45.08
CA ALA A 1518 9.38 -33.62 45.21
C ALA A 1518 9.41 -34.66 44.11
N GLY A 1519 8.35 -34.79 43.31
CA GLY A 1519 8.33 -35.73 42.23
C GLY A 1519 6.93 -36.28 41.96
N PRO A 1520 6.85 -37.29 41.09
CA PRO A 1520 5.54 -37.91 40.80
C PRO A 1520 4.89 -38.46 42.06
N GLY A 1521 3.72 -37.93 42.38
CA GLY A 1521 2.96 -38.40 43.52
C GLY A 1521 3.56 -38.10 44.88
N ALA A 1522 4.66 -37.35 44.94
CA ALA A 1522 5.35 -37.10 46.19
C ALA A 1522 4.83 -35.83 46.87
N GLN A 1523 5.34 -35.58 48.07
CA GLN A 1523 4.84 -34.48 48.90
C GLN A 1523 5.40 -33.14 48.41
N LEU A 1524 4.79 -32.07 48.92
CA LEU A 1524 5.23 -30.71 48.63
C LEU A 1524 6.57 -30.45 49.30
N GLU A 1525 7.44 -29.72 48.60
CA GLU A 1525 8.77 -29.43 49.11
C GLU A 1525 8.77 -28.16 49.96
N SER A 1526 9.78 -28.06 50.82
CA SER A 1526 9.80 -27.04 51.86
C SER A 1526 9.80 -25.61 51.32
N SER A 1527 9.94 -25.42 50.01
CA SER A 1527 9.75 -24.09 49.45
C SER A 1527 8.33 -23.59 49.63
N ALA A 1528 7.39 -24.49 49.93
CA ALA A 1528 6.00 -24.15 50.16
C ALA A 1528 5.53 -24.88 51.41
N ARG A 1529 4.35 -24.48 51.91
CA ARG A 1529 3.88 -24.92 53.22
C ARG A 1529 2.51 -25.58 53.12
N VAL A 1530 2.25 -26.49 54.06
CA VAL A 1530 0.96 -27.18 54.14
C VAL A 1530 -0.13 -26.33 54.75
N ASP A 1531 0.23 -25.19 55.34
CA ASP A 1531 -0.74 -24.40 56.10
C ASP A 1531 -1.84 -23.83 55.21
N GLU A 1532 -1.46 -23.07 54.19
CA GLU A 1532 -2.44 -22.35 53.38
C GLU A 1532 -3.37 -23.35 52.67
N PRO A 1533 -4.70 -23.19 52.78
CA PRO A 1533 -5.59 -24.06 51.98
C PRO A 1533 -5.45 -23.85 50.49
N MET A 1534 -5.04 -22.66 50.06
CA MET A 1534 -4.71 -22.43 48.66
C MET A 1534 -3.72 -23.48 48.17
N THR A 1535 -2.59 -23.58 48.87
CA THR A 1535 -1.57 -24.56 48.52
C THR A 1535 -2.12 -25.97 48.55
N MET A 1536 -2.99 -26.27 49.51
CA MET A 1536 -3.61 -27.60 49.57
C MET A 1536 -4.37 -27.90 48.29
N PHE A 1537 -5.35 -27.05 47.96
CA PHE A 1537 -6.13 -27.25 46.75
C PHE A 1537 -5.23 -27.43 45.54
N LEU A 1538 -4.23 -26.55 45.39
CA LEU A 1538 -3.41 -26.59 44.19
C LEU A 1538 -2.58 -27.86 44.15
N TRP A 1539 -1.96 -28.24 45.26
CA TRP A 1539 -1.12 -29.43 45.29
C TRP A 1539 -1.93 -30.68 44.99
N THR A 1540 -3.13 -30.80 45.56
CA THR A 1540 -3.95 -31.97 45.30
C THR A 1540 -4.29 -32.08 43.82
N LEU A 1541 -4.60 -30.96 43.17
CA LEU A 1541 -4.91 -30.99 41.75
C LEU A 1541 -3.70 -31.43 40.94
N CYS A 1542 -2.53 -30.88 41.22
CA CYS A 1542 -1.34 -31.14 40.42
C CYS A 1542 -0.76 -32.53 40.62
N THR A 1543 -1.38 -33.38 41.44
CA THR A 1543 -1.00 -34.78 41.55
C THR A 1543 -2.17 -35.72 41.26
N SER A 1544 -3.25 -35.21 40.68
CA SER A 1544 -4.46 -35.98 40.45
C SER A 1544 -4.57 -36.41 39.00
N PRO A 1545 -5.31 -37.50 38.72
CA PRO A 1545 -5.60 -37.85 37.32
C PRO A 1545 -6.42 -36.81 36.57
N SER A 1546 -6.80 -35.72 37.24
CA SER A 1546 -7.45 -34.62 36.53
C SER A 1546 -6.46 -33.79 35.74
N VAL A 1547 -5.19 -33.78 36.14
CA VAL A 1547 -4.12 -33.15 35.38
C VAL A 1547 -3.29 -34.19 34.62
N LEU A 1548 -2.84 -35.23 35.32
CA LEU A 1548 -2.00 -36.26 34.72
C LEU A 1548 -2.82 -37.08 33.74
N ARG A 1549 -2.82 -36.70 32.47
CA ARG A 1549 -3.78 -37.22 31.50
C ARG A 1549 -3.12 -37.26 30.13
N PRO A 1550 -3.80 -37.84 29.14
CA PRO A 1550 -3.29 -37.80 27.77
C PRO A 1550 -3.58 -36.46 27.10
N ILE A 1551 -2.69 -36.07 26.20
CA ILE A 1551 -2.82 -34.82 25.45
C ILE A 1551 -2.19 -34.99 24.08
N VAL A 1552 -2.36 -33.96 23.24
CA VAL A 1552 -1.59 -33.78 22.03
C VAL A 1552 -0.86 -32.46 22.16
N LEU A 1553 0.44 -32.52 22.42
CA LEU A 1553 1.26 -31.35 22.62
C LEU A 1553 1.78 -30.81 21.30
N SER A 1554 2.04 -29.50 21.27
CA SER A 1554 2.78 -28.87 20.18
C SER A 1554 3.81 -27.96 20.80
N PHE A 1555 5.05 -28.06 20.32
CA PHE A 1555 6.17 -27.49 21.06
C PHE A 1555 7.25 -27.00 20.11
N GLU A 1556 8.14 -26.17 20.66
CA GLU A 1556 9.41 -25.84 20.05
C GLU A 1556 10.52 -26.51 20.84
N LEU A 1557 11.53 -27.01 20.14
CA LEU A 1557 12.73 -27.41 20.85
C LEU A 1557 13.37 -26.18 21.46
N GLU A 1558 13.63 -26.21 22.76
CA GLU A 1558 13.89 -25.00 23.51
C GLU A 1558 15.09 -24.21 22.98
N ARG A 1559 15.96 -24.84 22.21
CA ARG A 1559 17.13 -24.17 21.64
C ARG A 1559 16.94 -23.96 20.15
N LYS A 1560 17.19 -22.73 19.69
CA LYS A 1560 17.06 -22.34 18.29
C LYS A 1560 17.72 -23.38 17.39
N PRO A 1561 17.12 -23.72 16.24
CA PRO A 1561 17.72 -24.74 15.38
C PRO A 1561 19.07 -24.32 14.80
N SER A 1562 20.14 -24.95 15.27
CA SER A 1562 21.48 -24.59 14.84
C SER A 1562 22.43 -25.73 15.22
N LYS A 1563 23.59 -25.74 14.56
CA LYS A 1563 24.66 -26.69 14.87
C LYS A 1563 25.62 -26.16 15.93
N ILE A 1564 25.40 -24.94 16.44
CA ILE A 1564 26.37 -24.26 17.29
C ILE A 1564 26.34 -24.73 18.74
N VAL A 1565 25.43 -25.63 19.08
CA VAL A 1565 25.17 -25.92 20.50
C VAL A 1565 26.39 -26.56 21.14
N PRO A 1566 26.79 -26.16 22.35
CA PRO A 1566 27.84 -26.90 23.07
C PRO A 1566 27.46 -28.36 23.28
N LEU A 1567 28.40 -29.13 23.84
CA LEU A 1567 28.20 -30.56 23.96
C LEU A 1567 28.99 -31.11 25.16
N GLU A 1568 28.47 -32.17 25.75
CA GLU A 1568 29.11 -32.88 26.85
C GLU A 1568 28.67 -34.33 26.80
N PRO A 1569 29.43 -35.23 27.43
CA PRO A 1569 29.11 -36.67 27.34
C PRO A 1569 27.84 -37.01 28.11
N PRO A 1570 27.28 -38.20 27.89
CA PRO A 1570 26.14 -38.63 28.69
C PRO A 1570 26.54 -38.83 30.15
N ARG A 1571 25.68 -38.38 31.05
CA ARG A 1571 25.98 -38.36 32.47
C ARG A 1571 25.61 -39.69 33.13
N LEU A 1572 26.23 -39.94 34.28
CA LEU A 1572 25.89 -41.10 35.10
C LEU A 1572 24.72 -40.77 36.01
N GLN A 1573 23.80 -41.73 36.15
CA GLN A 1573 22.73 -41.64 37.13
C GLN A 1573 22.57 -42.99 37.79
N ARG A 1574 22.29 -42.97 39.09
CA ARG A 1574 22.29 -44.17 39.93
C ARG A 1574 20.85 -44.50 40.31
N PHE A 1575 20.19 -45.29 39.47
CA PHE A 1575 18.83 -45.71 39.75
C PHE A 1575 18.81 -46.78 40.84
N GLN A 1576 17.60 -47.06 41.34
CA GLN A 1576 17.42 -48.03 42.43
C GLN A 1576 16.05 -48.68 42.24
N CYS A 1577 16.04 -49.79 41.50
CA CYS A 1577 14.80 -50.46 41.12
C CYS A 1577 14.85 -51.92 41.57
N GLY A 1578 13.74 -52.39 42.13
CA GLY A 1578 13.68 -53.75 42.64
C GLY A 1578 14.71 -54.01 43.73
N GLU A 1579 15.15 -52.98 44.43
CA GLU A 1579 16.19 -53.06 45.45
C GLU A 1579 17.55 -53.36 44.86
N LEU A 1580 17.69 -53.32 43.53
CA LEU A 1580 18.99 -53.46 42.87
C LEU A 1580 19.53 -52.10 42.49
N PRO A 1581 20.78 -51.77 42.81
CA PRO A 1581 21.35 -50.50 42.34
C PRO A 1581 21.76 -50.61 40.87
N PHE A 1582 21.17 -49.76 40.04
CA PHE A 1582 21.51 -49.66 38.62
C PHE A 1582 22.29 -48.37 38.40
N LEU A 1583 23.48 -48.49 37.83
CA LEU A 1583 24.31 -47.34 37.48
C LEU A 1583 24.43 -47.30 35.97
N THR A 1584 23.96 -46.21 35.36
CA THR A 1584 23.80 -46.15 33.90
C THR A 1584 24.28 -44.81 33.36
N HIS A 1585 24.85 -44.87 32.16
CA HIS A 1585 24.98 -43.66 31.35
C HIS A 1585 23.62 -43.30 30.77
N VAL A 1586 23.29 -42.00 30.78
CA VAL A 1586 21.97 -41.56 30.36
C VAL A 1586 22.09 -40.20 29.69
N ASN A 1587 21.18 -39.93 28.75
CA ASN A 1587 21.18 -38.68 28.02
C ASN A 1587 20.64 -37.54 28.87
N PRO A 1588 21.04 -36.30 28.60
CA PRO A 1588 20.33 -35.16 29.18
C PRO A 1588 18.91 -35.06 28.65
N ARG A 1589 17.99 -34.69 29.53
CA ARG A 1589 16.58 -34.66 29.15
C ARG A 1589 16.31 -33.62 28.06
N LEU A 1590 15.35 -33.93 27.19
CA LEU A 1590 14.83 -32.93 26.28
C LEU A 1590 14.22 -31.78 27.06
N ARG A 1591 14.35 -30.57 26.53
CA ARG A 1591 13.65 -29.40 27.06
C ARG A 1591 12.86 -28.76 25.93
N LEU A 1592 11.54 -28.71 26.10
CA LEU A 1592 10.63 -28.26 25.06
C LEU A 1592 9.81 -27.07 25.58
N SER A 1593 9.61 -26.08 24.72
CA SER A 1593 8.75 -24.94 25.03
C SER A 1593 7.37 -25.19 24.43
N CYS A 1594 6.35 -25.15 25.27
CA CYS A 1594 5.00 -25.43 24.80
C CYS A 1594 4.53 -24.35 23.84
N LEU A 1595 3.70 -24.77 22.88
CA LEU A 1595 2.98 -23.86 22.00
C LEU A 1595 1.48 -23.99 22.13
N SER A 1596 0.97 -25.20 22.36
CA SER A 1596 -0.44 -25.39 22.64
C SER A 1596 -0.66 -26.75 23.29
N ILE A 1597 -1.70 -26.83 24.09
CA ILE A 1597 -2.16 -28.07 24.71
C ILE A 1597 -3.58 -28.32 24.24
N ARG A 1598 -3.88 -29.57 23.89
CA ARG A 1598 -5.23 -29.94 23.50
C ARG A 1598 -5.54 -31.37 23.95
N GLU A 1599 -6.79 -31.58 24.35
CA GLU A 1599 -7.27 -32.93 24.62
C GLU A 1599 -7.44 -33.67 23.30
N SER A 1600 -7.32 -35.00 23.36
CA SER A 1600 -7.46 -35.84 22.17
C SER A 1600 -8.38 -37.02 22.49
N GLU A 1601 -9.35 -37.24 21.62
CA GLU A 1601 -10.34 -38.31 21.77
C GLU A 1601 -11.06 -38.24 23.12
N TYR A 1602 -10.96 -37.10 23.81
CA TYR A 1602 -11.50 -36.98 25.15
C TYR A 1602 -11.13 -38.21 25.99
N SER A 1603 -9.89 -38.67 25.83
CA SER A 1603 -9.43 -39.90 26.49
C SER A 1603 -9.37 -39.67 28.00
N SER A 1604 -10.32 -40.26 28.72
CA SER A 1604 -10.44 -40.08 30.17
C SER A 1604 -10.29 -38.63 30.61
N MET B 453 -38.86 68.17 -40.22
CA MET B 453 -38.39 67.97 -38.86
C MET B 453 -38.66 66.54 -38.38
N ARG B 454 -39.52 65.83 -39.11
CA ARG B 454 -39.88 64.47 -38.72
C ARG B 454 -38.64 63.61 -38.52
N GLU B 455 -37.73 63.59 -39.50
CA GLU B 455 -36.52 62.79 -39.38
C GLU B 455 -35.64 63.28 -38.23
N ASP B 456 -35.44 64.60 -38.16
CA ASP B 456 -34.59 65.16 -37.12
C ASP B 456 -35.14 64.88 -35.73
N GLN B 457 -36.43 65.16 -35.52
CA GLN B 457 -37.03 64.91 -34.23
C GLN B 457 -37.04 63.42 -33.91
N GLU B 458 -37.21 62.57 -34.94
CA GLU B 458 -37.15 61.13 -34.71
C GLU B 458 -35.79 60.71 -34.21
N HIS B 459 -34.73 61.24 -34.82
CA HIS B 459 -33.36 60.91 -34.39
C HIS B 459 -33.12 61.38 -32.95
N GLN B 460 -33.42 62.65 -32.68
CA GLN B 460 -33.19 63.18 -31.34
C GLN B 460 -34.06 62.44 -30.32
N GLY B 461 -35.26 62.04 -30.70
CA GLY B 461 -36.11 61.28 -29.80
C GLY B 461 -35.62 59.87 -29.60
N ALA B 462 -34.96 59.29 -30.59
CA ALA B 462 -34.27 58.02 -30.38
C ALA B 462 -33.22 58.17 -29.28
N LEU B 463 -32.38 59.20 -29.40
CA LEU B 463 -31.37 59.44 -28.36
C LEU B 463 -32.03 59.65 -27.00
N VAL B 464 -33.07 60.50 -26.96
CA VAL B 464 -33.76 60.80 -25.71
C VAL B 464 -34.39 59.55 -25.13
N CYS B 465 -34.91 58.68 -25.99
CA CYS B 465 -35.53 57.45 -25.53
C CYS B 465 -34.50 56.53 -24.89
N LEU B 466 -33.37 56.33 -25.56
CA LEU B 466 -32.29 55.56 -24.96
C LEU B 466 -31.93 56.13 -23.59
N ALA B 467 -31.71 57.45 -23.52
CA ALA B 467 -31.34 58.08 -22.26
C ALA B 467 -32.37 57.83 -21.18
N GLU B 468 -33.62 58.24 -21.43
CA GLU B 468 -34.65 58.19 -20.39
C GLU B 468 -34.96 56.76 -19.97
N SER B 469 -34.96 55.82 -20.92
CA SER B 469 -35.16 54.42 -20.57
C SER B 469 -34.02 53.91 -19.71
N CYS B 470 -32.79 54.37 -19.98
CA CYS B 470 -31.68 53.99 -19.13
C CYS B 470 -31.74 54.70 -17.78
N LEU B 471 -32.18 55.96 -17.78
CA LEU B 471 -32.22 56.74 -16.56
C LEU B 471 -33.29 56.20 -15.61
N THR B 472 -32.99 56.23 -14.31
CA THR B 472 -33.93 55.82 -13.27
C THR B 472 -34.87 57.00 -13.00
N LEU B 473 -35.91 57.09 -13.83
CA LEU B 473 -36.80 58.24 -13.78
C LEU B 473 -37.53 58.34 -12.44
N GLU B 474 -37.86 57.22 -11.81
CA GLU B 474 -38.55 57.22 -10.53
C GLU B 474 -38.24 55.93 -9.80
N GLY B 475 -38.56 55.92 -8.51
CA GLY B 475 -38.35 54.76 -7.67
C GLY B 475 -36.93 54.67 -7.16
N PRO B 476 -36.65 53.63 -6.37
CA PRO B 476 -35.32 53.48 -5.80
C PRO B 476 -34.30 52.99 -6.81
N CYS B 477 -33.03 53.00 -6.38
CA CYS B 477 -31.95 52.50 -7.21
C CYS B 477 -32.00 50.97 -7.28
N THR B 478 -31.13 50.40 -8.12
CA THR B 478 -31.11 48.96 -8.33
C THR B 478 -29.65 48.51 -8.46
N ALA B 479 -29.42 47.23 -8.12
CA ALA B 479 -28.07 46.66 -8.14
C ALA B 479 -27.75 46.11 -9.52
N PRO B 480 -26.63 46.50 -10.14
CA PRO B 480 -26.25 45.91 -11.43
C PRO B 480 -25.66 44.53 -11.24
N PRO B 481 -25.46 43.78 -12.32
CA PRO B 481 -24.79 42.49 -12.19
C PRO B 481 -23.34 42.65 -11.78
N VAL B 482 -22.81 41.61 -11.14
CA VAL B 482 -21.46 41.62 -10.59
C VAL B 482 -20.74 40.35 -11.02
N THR B 483 -19.49 40.48 -11.45
CA THR B 483 -18.70 39.34 -11.88
C THR B 483 -17.96 38.74 -10.70
N HIS B 484 -17.34 37.59 -10.94
CA HIS B 484 -16.67 36.83 -9.88
C HIS B 484 -15.64 37.69 -9.15
N TRP B 485 -14.70 38.26 -9.90
CA TRP B 485 -13.62 39.01 -9.26
C TRP B 485 -14.15 40.25 -8.55
N ALA B 486 -15.13 40.93 -9.13
CA ALA B 486 -15.69 42.12 -8.49
C ALA B 486 -16.34 41.77 -7.17
N ALA B 487 -17.18 40.73 -7.17
CA ALA B 487 -17.82 40.30 -5.93
C ALA B 487 -16.79 39.85 -4.90
N SER B 488 -15.74 39.16 -5.35
CA SER B 488 -14.71 38.71 -4.43
C SER B 488 -13.96 39.88 -3.81
N ARG B 489 -13.70 40.92 -4.61
CA ARG B 489 -13.06 42.13 -4.08
C ARG B 489 -13.97 42.79 -3.05
N CYS B 490 -15.26 42.92 -3.39
CA CYS B 490 -16.20 43.52 -2.43
C CYS B 490 -16.22 42.74 -1.12
N LYS B 491 -16.20 41.40 -1.22
CA LYS B 491 -16.21 40.58 -0.02
C LYS B 491 -14.92 40.72 0.79
N ALA B 492 -13.77 40.77 0.10
CA ALA B 492 -12.48 40.80 0.74
C ALA B 492 -12.01 42.22 1.10
N THR B 493 -12.83 43.23 0.81
CA THR B 493 -12.46 44.61 1.13
C THR B 493 -12.03 44.71 2.59
N GLY B 494 -10.79 45.15 2.79
CA GLY B 494 -10.18 45.22 4.11
C GLY B 494 -8.89 44.44 4.23
N GLU B 495 -8.64 43.50 3.33
CA GLU B 495 -7.37 42.78 3.31
C GLU B 495 -6.26 43.69 2.81
N ALA B 496 -5.07 43.51 3.37
CA ALA B 496 -3.89 44.26 2.95
C ALA B 496 -3.58 43.96 1.49
N VAL B 497 -3.90 44.90 0.60
CA VAL B 497 -3.86 44.64 -0.83
C VAL B 497 -2.42 44.52 -1.31
N TYR B 498 -2.20 43.65 -2.29
CA TYR B 498 -0.89 43.44 -2.87
C TYR B 498 -0.53 44.57 -3.82
N THR B 499 0.72 45.03 -3.77
CA THR B 499 1.23 46.01 -4.71
C THR B 499 2.74 45.97 -4.69
N VAL B 500 3.35 46.56 -5.71
CA VAL B 500 4.80 46.53 -5.88
C VAL B 500 5.31 47.89 -6.32
N PRO B 501 6.43 48.37 -5.79
CA PRO B 501 6.98 49.65 -6.28
C PRO B 501 7.44 49.54 -7.73
N SER B 502 7.10 50.56 -8.53
CA SER B 502 7.54 50.58 -9.92
C SER B 502 9.05 50.69 -10.03
N SER B 503 9.72 51.19 -9.00
CA SER B 503 11.18 51.21 -9.01
C SER B 503 11.74 49.81 -9.23
N MET B 504 11.21 48.83 -8.51
CA MET B 504 11.66 47.45 -8.69
C MET B 504 11.32 46.94 -10.09
N LEU B 505 10.26 47.47 -10.70
CA LEU B 505 9.82 46.99 -12.01
C LEU B 505 10.43 47.83 -13.14
N CYS B 506 11.77 47.88 -13.11
CA CYS B 506 12.57 48.36 -14.24
C CYS B 506 12.37 49.85 -14.50
N ILE B 507 12.54 50.65 -13.45
CA ILE B 507 12.71 52.09 -13.62
C ILE B 507 14.10 52.43 -14.14
N SER B 508 15.03 51.47 -14.10
CA SER B 508 16.42 51.69 -14.46
C SER B 508 16.56 51.76 -15.98
N GLU B 509 16.34 52.96 -16.53
CA GLU B 509 16.44 53.11 -17.98
C GLU B 509 17.87 52.94 -18.47
N ASN B 510 18.86 53.15 -17.61
CA ASN B 510 20.24 52.85 -17.99
C ASN B 510 20.42 51.36 -18.23
N ASP B 511 19.90 50.54 -17.32
CA ASP B 511 19.93 49.10 -17.52
C ASP B 511 19.12 48.71 -18.76
N GLN B 512 17.98 49.36 -18.99
CA GLN B 512 17.22 49.12 -20.21
C GLN B 512 18.08 49.40 -21.43
N LEU B 513 18.82 50.51 -21.42
CA LEU B 513 19.65 50.88 -22.55
C LEU B 513 20.69 49.81 -22.83
N ILE B 514 21.48 49.45 -21.82
CA ILE B 514 22.56 48.50 -22.08
C ILE B 514 22.00 47.11 -22.34
N LEU B 515 20.83 46.78 -21.80
CA LEU B 515 20.15 45.54 -22.13
C LEU B 515 19.82 45.50 -23.62
N SER B 516 19.08 46.49 -24.10
CA SER B 516 18.71 46.54 -25.50
C SER B 516 19.93 46.63 -26.41
N SER B 517 21.06 47.09 -25.89
CA SER B 517 22.29 47.06 -26.67
C SER B 517 22.76 45.63 -26.92
N LEU B 518 22.51 44.73 -25.96
CA LEU B 518 22.96 43.35 -26.10
C LEU B 518 22.36 42.70 -27.34
N GLY B 519 23.12 41.78 -27.92
CA GLY B 519 22.63 40.96 -29.00
C GLY B 519 21.72 39.84 -28.51
N ARG B 688 23.60 -65.60 23.03
CA ARG B 688 24.01 -65.18 21.67
C ARG B 688 24.44 -63.71 21.69
N CYS B 689 25.30 -63.34 20.72
CA CYS B 689 26.14 -62.16 20.89
C CYS B 689 25.38 -60.84 20.81
N GLU B 690 24.20 -60.81 20.19
CA GLU B 690 23.40 -59.59 20.13
C GLU B 690 22.17 -59.65 21.01
N GLU B 691 21.68 -60.84 21.35
CA GLU B 691 20.53 -60.97 22.22
C GLU B 691 20.90 -60.80 23.70
N GLU B 692 22.17 -60.97 24.04
CA GLU B 692 22.61 -60.76 25.41
C GLU B 692 22.63 -59.27 25.74
N THR B 693 22.36 -58.96 27.02
CA THR B 693 22.18 -57.58 27.47
C THR B 693 23.39 -56.70 27.14
N PRO B 694 23.22 -55.71 26.27
CA PRO B 694 24.34 -54.78 26.02
C PRO B 694 24.60 -53.88 27.22
N SER B 695 25.88 -53.67 27.50
CA SER B 695 26.32 -52.84 28.63
C SER B 695 25.58 -53.35 29.88
N LEU B 696 25.36 -52.46 30.84
CA LEU B 696 24.42 -52.74 31.94
C LEU B 696 23.03 -52.21 31.61
N LEU B 697 22.61 -52.41 30.36
CA LEU B 697 21.37 -51.84 29.84
C LEU B 697 21.29 -50.35 30.15
N TRP B 698 22.37 -49.65 29.82
CA TRP B 698 22.46 -48.21 30.09
C TRP B 698 21.32 -47.47 29.40
N GLY B 699 21.01 -46.29 29.94
CA GLY B 699 19.85 -45.55 29.51
C GLY B 699 20.04 -44.67 28.29
N LEU B 700 21.01 -45.01 27.43
CA LEU B 700 21.12 -44.26 26.18
C LEU B 700 19.91 -44.48 25.29
N ASP B 701 19.33 -45.67 25.34
CA ASP B 701 18.12 -45.95 24.58
C ASP B 701 16.95 -45.20 25.20
N PRO B 702 16.26 -44.32 24.48
CA PRO B 702 15.24 -43.48 25.14
C PRO B 702 14.10 -44.25 25.77
N VAL B 703 13.71 -45.41 25.24
CA VAL B 703 12.56 -46.12 25.79
C VAL B 703 12.81 -46.64 27.18
N PHE B 704 14.06 -46.55 27.67
CA PHE B 704 14.35 -46.92 29.05
C PHE B 704 13.62 -46.01 30.04
N LEU B 705 13.24 -44.80 29.60
CA LEU B 705 12.56 -43.83 30.44
C LEU B 705 11.09 -43.65 30.05
N ALA B 706 10.54 -44.58 29.29
CA ALA B 706 9.20 -44.44 28.73
C ALA B 706 8.28 -45.54 29.23
N PHE B 707 6.98 -45.22 29.29
CA PHE B 707 5.94 -46.20 29.51
C PHE B 707 5.61 -46.83 28.16
N ALA B 708 6.47 -47.75 27.73
CA ALA B 708 6.35 -48.31 26.39
C ALA B 708 4.97 -48.92 26.18
N LYS B 709 4.44 -48.73 24.97
CA LYS B 709 3.05 -49.08 24.66
C LYS B 709 2.97 -50.45 23.97
N LEU B 710 3.31 -51.48 24.74
CA LEU B 710 3.39 -52.84 24.21
C LEU B 710 2.04 -53.54 24.22
N TYR B 711 1.97 -54.65 23.48
CA TYR B 711 0.87 -55.58 23.61
C TYR B 711 1.06 -56.42 24.87
N ILE B 712 -0.05 -56.77 25.51
CA ILE B 712 -0.01 -57.56 26.73
C ILE B 712 0.67 -58.92 26.46
N ARG B 713 0.36 -59.52 25.32
CA ARG B 713 1.00 -60.79 24.96
C ARG B 713 2.50 -60.63 24.86
N ASP B 714 2.97 -59.49 24.34
CA ASP B 714 4.41 -59.25 24.32
C ASP B 714 4.97 -59.13 25.73
N ILE B 715 4.20 -58.55 26.66
CA ILE B 715 4.61 -58.57 28.06
C ILE B 715 4.88 -60.01 28.48
N LEU B 716 3.99 -60.93 28.09
CA LEU B 716 4.21 -62.32 28.43
C LEU B 716 5.40 -62.92 27.68
N ASP B 717 5.80 -62.35 26.54
CA ASP B 717 6.93 -62.86 25.78
C ASP B 717 8.27 -62.26 26.22
N MET B 718 8.27 -61.24 27.07
CA MET B 718 9.51 -60.57 27.45
C MET B 718 10.51 -61.57 28.04
N LYS B 719 11.80 -61.25 27.90
CA LYS B 719 12.88 -61.94 28.58
C LYS B 719 13.49 -61.03 29.62
N GLU B 720 13.66 -61.52 30.84
CA GLU B 720 14.26 -60.73 31.89
C GLU B 720 15.76 -60.63 31.69
N SER B 721 16.35 -59.54 32.20
CA SER B 721 17.78 -59.31 32.09
C SER B 721 18.50 -60.19 33.10
N ARG B 722 19.33 -61.13 32.62
CA ARG B 722 20.01 -62.05 33.52
C ARG B 722 21.18 -61.40 34.24
N GLN B 723 21.73 -60.29 33.72
CA GLN B 723 22.85 -59.65 34.40
C GLN B 723 22.42 -59.02 35.71
N VAL B 724 21.26 -58.37 35.72
CA VAL B 724 20.66 -57.82 36.94
C VAL B 724 19.15 -57.93 36.78
N PRO B 725 18.44 -58.60 37.69
CA PRO B 725 17.01 -58.85 37.47
C PRO B 725 16.18 -57.59 37.60
N GLY B 726 14.90 -57.72 37.25
CA GLY B 726 13.92 -56.68 37.46
C GLY B 726 13.48 -55.95 36.20
N VAL B 727 14.36 -55.80 35.21
CA VAL B 727 14.01 -55.15 33.96
C VAL B 727 13.95 -56.21 32.87
N PHE B 728 13.41 -55.83 31.71
CA PHE B 728 13.05 -56.79 30.69
C PHE B 728 13.49 -56.28 29.33
N LEU B 729 13.44 -57.16 28.34
CA LEU B 729 14.01 -56.92 27.03
C LEU B 729 12.98 -57.16 25.94
N TYR B 730 12.99 -56.31 24.93
CA TYR B 730 12.31 -56.57 23.66
C TYR B 730 13.19 -56.07 22.54
N ASN B 731 13.63 -56.99 21.69
CA ASN B 731 14.35 -56.63 20.46
C ASN B 731 15.57 -55.76 20.79
N GLY B 732 16.27 -56.11 21.86
CA GLY B 732 17.41 -55.34 22.32
C GLY B 732 17.07 -54.06 23.06
N HIS B 733 15.81 -53.61 23.01
CA HIS B 733 15.41 -52.43 23.75
C HIS B 733 15.22 -52.81 25.22
N PRO B 734 15.82 -52.08 26.16
CA PRO B 734 15.52 -52.31 27.58
C PRO B 734 14.21 -51.63 27.95
N ILE B 735 13.30 -52.40 28.55
CA ILE B 735 11.98 -51.91 28.92
C ILE B 735 11.82 -52.07 30.43
N LYS B 736 11.54 -50.96 31.11
CA LYS B 736 11.35 -50.91 32.55
C LYS B 736 9.92 -50.62 32.95
N GLN B 737 9.15 -49.97 32.08
CA GLN B 737 7.78 -49.57 32.36
C GLN B 737 6.95 -49.72 31.10
N VAL B 738 5.64 -49.91 31.28
CA VAL B 738 4.73 -50.15 30.16
C VAL B 738 3.40 -49.43 30.38
N ASP B 739 2.67 -49.25 29.28
CA ASP B 739 1.34 -48.66 29.28
C ASP B 739 0.40 -49.57 28.51
N VAL B 740 -0.57 -50.16 29.21
CA VAL B 740 -1.47 -51.13 28.60
C VAL B 740 -2.91 -50.64 28.73
N LEU B 741 -3.73 -51.03 27.76
CA LEU B 741 -5.13 -50.62 27.69
C LEU B 741 -5.97 -51.85 27.37
N GLY B 742 -7.02 -52.08 28.17
CA GLY B 742 -7.87 -53.24 27.97
C GLY B 742 -9.16 -53.15 28.77
N THR B 743 -9.62 -54.30 29.30
CA THR B 743 -10.83 -54.34 30.11
C THR B 743 -10.64 -55.28 31.28
N VAL B 744 -11.34 -55.01 32.36
CA VAL B 744 -11.26 -55.81 33.58
C VAL B 744 -12.16 -57.02 33.44
N ILE B 745 -11.62 -58.21 33.76
CA ILE B 745 -12.40 -59.44 33.68
C ILE B 745 -12.19 -60.29 34.93
N GLY B 746 -11.50 -59.75 35.94
CA GLY B 746 -11.33 -60.46 37.18
C GLY B 746 -10.85 -59.55 38.29
N VAL B 747 -11.35 -59.75 39.52
CA VAL B 747 -11.11 -58.82 40.62
C VAL B 747 -10.89 -59.59 41.90
N ARG B 748 -9.89 -59.16 42.68
CA ARG B 748 -9.74 -59.57 44.06
C ARG B 748 -9.14 -58.41 44.83
N GLU B 749 -9.76 -58.05 45.95
CA GLU B 749 -9.32 -56.93 46.78
C GLU B 749 -8.60 -57.45 48.01
N ARG B 750 -7.43 -56.87 48.30
CA ARG B 750 -6.69 -57.14 49.51
C ARG B 750 -6.70 -55.88 50.39
N ASP B 751 -5.91 -55.92 51.45
CA ASP B 751 -5.87 -54.78 52.37
C ASP B 751 -5.24 -53.56 51.71
N ALA B 752 -4.10 -53.75 51.05
CA ALA B 752 -3.34 -52.63 50.50
C ALA B 752 -3.56 -52.40 49.00
N PHE B 753 -4.12 -53.37 48.28
CA PHE B 753 -4.20 -53.24 46.84
C PHE B 753 -5.36 -54.06 46.29
N TYR B 754 -5.87 -53.62 45.15
CA TYR B 754 -6.73 -54.42 44.31
C TYR B 754 -5.87 -55.23 43.34
N SER B 755 -6.40 -56.38 42.92
CA SER B 755 -5.81 -57.17 41.84
C SER B 755 -6.84 -57.31 40.73
N TYR B 756 -6.53 -56.77 39.56
CA TYR B 756 -7.43 -56.77 38.42
C TYR B 756 -6.83 -57.63 37.31
N GLY B 757 -7.58 -58.64 36.87
CA GLY B 757 -7.22 -59.37 35.67
C GLY B 757 -7.68 -58.61 34.44
N VAL B 758 -6.73 -58.08 33.67
CA VAL B 758 -7.02 -57.20 32.54
C VAL B 758 -6.80 -57.98 31.26
N ASP B 759 -7.78 -57.92 30.36
CA ASP B 759 -7.71 -58.57 29.06
C ASP B 759 -7.52 -57.52 27.97
N ASP B 760 -6.62 -57.81 27.03
CA ASP B 760 -6.38 -56.96 25.87
C ASP B 760 -6.26 -57.82 24.61
N SER B 761 -7.22 -58.73 24.43
CA SER B 761 -7.33 -59.49 23.20
C SER B 761 -6.19 -60.46 23.00
N THR B 762 -4.94 -59.96 22.97
CA THR B 762 -3.81 -60.84 22.75
C THR B 762 -3.44 -61.65 23.99
N GLY B 763 -3.81 -61.17 25.18
CA GLY B 763 -3.48 -61.89 26.40
C GLY B 763 -4.19 -61.29 27.58
N VAL B 764 -3.96 -61.89 28.74
CA VAL B 764 -4.55 -61.44 30.00
C VAL B 764 -3.47 -61.47 31.07
N ILE B 765 -3.48 -60.48 31.95
CA ILE B 765 -2.45 -60.33 32.96
C ILE B 765 -3.06 -59.73 34.22
N ASN B 766 -2.45 -60.05 35.36
CA ASN B 766 -2.87 -59.46 36.63
C ASN B 766 -2.23 -58.10 36.81
N CYS B 767 -3.03 -57.13 37.26
CA CYS B 767 -2.55 -55.79 37.57
C CYS B 767 -2.73 -55.54 39.06
N ILE B 768 -1.67 -55.07 39.71
CA ILE B 768 -1.67 -54.77 41.13
C ILE B 768 -1.82 -53.26 41.31
N CYS B 769 -2.87 -52.84 42.00
CA CYS B 769 -3.21 -51.43 42.16
C CYS B 769 -3.25 -51.10 43.65
N TRP B 770 -2.33 -50.24 44.08
CA TRP B 770 -2.32 -49.81 45.47
C TRP B 770 -3.51 -48.90 45.75
N LYS B 771 -4.17 -49.14 46.90
CA LYS B 771 -5.27 -48.29 47.32
C LYS B 771 -4.75 -47.07 48.06
N LYS B 772 -5.55 -46.00 48.02
CA LYS B 772 -5.21 -44.76 48.71
C LYS B 772 -6.48 -44.14 49.29
N LEU B 773 -6.41 -43.76 50.56
CA LEU B 773 -7.53 -43.10 51.23
C LEU B 773 -7.40 -41.59 51.12
N ASN B 774 -8.54 -40.91 51.20
CA ASN B 774 -8.59 -39.44 51.20
C ASN B 774 -8.40 -38.91 52.63
N THR B 775 -7.23 -39.22 53.19
CA THR B 775 -6.98 -38.94 54.60
C THR B 775 -6.85 -37.44 54.85
N GLU B 776 -7.29 -37.03 56.04
CA GLU B 776 -7.16 -35.65 56.50
C GLU B 776 -7.87 -34.67 55.58
N SER B 777 -9.06 -35.04 55.12
CA SER B 777 -9.83 -34.15 54.26
C SER B 777 -10.32 -32.93 55.03
N VAL B 778 -10.63 -31.87 54.30
CA VAL B 778 -10.97 -30.58 54.89
C VAL B 778 -12.44 -30.55 55.26
N SER B 779 -12.75 -29.89 56.38
CA SER B 779 -14.11 -29.79 56.85
C SER B 779 -14.88 -28.72 56.08
N ALA B 780 -16.18 -28.96 55.90
CA ALA B 780 -17.06 -27.98 55.25
C ALA B 780 -17.53 -26.95 56.27
N ALA B 781 -17.70 -25.71 55.80
CA ALA B 781 -18.09 -24.62 56.67
C ALA B 781 -18.77 -23.53 55.84
N PRO B 782 -19.65 -22.72 56.45
CA PRO B 782 -20.31 -21.61 55.73
C PRO B 782 -19.41 -20.38 55.62
N SER B 783 -18.26 -20.56 54.99
CA SER B 783 -17.21 -19.54 54.98
C SER B 783 -17.49 -18.49 53.91
N ALA B 784 -16.52 -17.59 53.71
CA ALA B 784 -16.61 -16.59 52.66
C ALA B 784 -16.56 -17.25 51.28
N ALA B 785 -16.90 -16.45 50.26
CA ALA B 785 -17.02 -16.99 48.91
C ALA B 785 -15.72 -17.64 48.44
N ARG B 786 -14.58 -17.06 48.81
CA ARG B 786 -13.30 -17.62 48.39
C ARG B 786 -13.06 -18.97 49.06
N GLU B 787 -13.30 -19.05 50.37
CA GLU B 787 -13.11 -20.31 51.08
C GLU B 787 -14.15 -21.34 50.64
N LEU B 788 -15.40 -20.92 50.45
CA LEU B 788 -16.39 -21.82 49.88
C LEU B 788 -15.93 -22.36 48.54
N SER B 789 -15.37 -21.49 47.69
CA SER B 789 -14.86 -21.94 46.40
C SER B 789 -13.77 -22.99 46.58
N LEU B 790 -12.74 -22.67 47.37
CA LEU B 790 -11.64 -23.61 47.52
C LEU B 790 -12.12 -24.94 48.09
N THR B 791 -12.95 -24.91 49.14
CA THR B 791 -13.39 -26.15 49.77
C THR B 791 -14.26 -26.98 48.83
N SER B 792 -15.26 -26.34 48.20
CA SER B 792 -16.14 -27.07 47.31
C SER B 792 -15.38 -27.59 46.10
N GLN B 793 -14.39 -26.84 45.62
CA GLN B 793 -13.59 -27.30 44.49
C GLN B 793 -12.72 -28.48 44.88
N LEU B 794 -12.11 -28.43 46.07
CA LEU B 794 -11.34 -29.55 46.57
C LEU B 794 -12.21 -30.79 46.68
N LYS B 795 -13.42 -30.64 47.22
CA LYS B 795 -14.30 -31.80 47.35
C LYS B 795 -14.78 -32.29 45.99
N LYS B 796 -15.03 -31.38 45.05
CA LYS B 796 -15.45 -31.79 43.70
C LYS B 796 -14.34 -32.58 43.03
N LEU B 797 -13.10 -32.08 43.10
CA LEU B 797 -11.96 -32.81 42.58
C LEU B 797 -11.84 -34.18 43.23
N GLN B 798 -11.97 -34.25 44.56
CA GLN B 798 -11.84 -35.52 45.26
C GLN B 798 -12.92 -36.50 44.81
N GLU B 799 -14.17 -36.03 44.80
CA GLU B 799 -15.28 -36.86 44.36
C GLU B 799 -15.05 -37.43 42.98
N THR B 800 -14.68 -36.57 42.02
CA THR B 800 -14.53 -37.06 40.65
C THR B 800 -13.26 -37.87 40.46
N ILE B 801 -12.22 -37.65 41.27
CA ILE B 801 -11.07 -38.54 41.23
C ILE B 801 -11.47 -39.94 41.68
N GLU B 802 -12.26 -40.03 42.75
CA GLU B 802 -12.75 -41.34 43.17
C GLU B 802 -13.66 -41.94 42.13
N GLN B 803 -14.48 -41.11 41.47
CA GLN B 803 -15.33 -41.59 40.40
C GLN B 803 -14.51 -42.16 39.25
N LYS B 804 -13.36 -41.55 38.98
CA LYS B 804 -12.45 -42.08 37.96
C LYS B 804 -11.75 -43.35 38.43
N THR B 805 -11.46 -43.44 39.73
CA THR B 805 -10.60 -44.49 40.25
C THR B 805 -11.35 -45.77 40.64
N LYS B 806 -12.56 -45.65 41.17
CA LYS B 806 -13.32 -46.83 41.54
C LYS B 806 -13.70 -47.62 40.29
N ILE B 807 -13.51 -48.95 40.36
CA ILE B 807 -13.51 -49.81 39.19
C ILE B 807 -14.50 -50.95 39.39
N GLU B 808 -15.08 -51.40 38.27
CA GLU B 808 -16.04 -52.49 38.28
C GLU B 808 -15.70 -53.48 37.18
N ILE B 809 -16.23 -54.69 37.30
CA ILE B 809 -16.03 -55.71 36.28
C ILE B 809 -16.55 -55.20 34.94
N GLY B 810 -15.83 -55.52 33.87
CA GLY B 810 -16.19 -55.07 32.55
C GLY B 810 -15.74 -53.68 32.21
N ASP B 811 -15.12 -52.96 33.14
CA ASP B 811 -14.62 -51.63 32.86
C ASP B 811 -13.54 -51.67 31.79
N THR B 812 -13.48 -50.60 31.00
CA THR B 812 -12.29 -50.34 30.19
C THR B 812 -11.26 -49.64 31.07
N ILE B 813 -10.02 -50.11 31.02
CA ILE B 813 -9.02 -49.75 32.02
C ILE B 813 -7.70 -49.44 31.33
N ARG B 814 -6.98 -48.44 31.86
CA ARG B 814 -5.61 -48.17 31.46
C ARG B 814 -4.71 -48.29 32.67
N VAL B 815 -3.53 -48.87 32.47
CA VAL B 815 -2.55 -49.05 33.54
C VAL B 815 -1.18 -48.61 33.00
N ARG B 816 -0.52 -47.74 33.75
CA ARG B 816 0.87 -47.38 33.50
C ARG B 816 1.69 -47.84 34.70
N GLY B 817 2.59 -48.79 34.48
CA GLY B 817 3.30 -49.41 35.58
C GLY B 817 4.55 -50.13 35.14
N SER B 818 4.98 -51.09 35.95
CA SER B 818 6.18 -51.85 35.69
C SER B 818 5.91 -53.33 35.96
N ILE B 819 6.82 -54.18 35.47
CA ILE B 819 6.64 -55.63 35.47
C ILE B 819 7.26 -56.24 36.72
N ARG B 820 6.66 -57.33 37.18
CA ARG B 820 7.25 -58.22 38.18
C ARG B 820 6.94 -59.66 37.80
N THR B 821 7.78 -60.57 38.27
CA THR B 821 7.61 -62.00 38.02
C THR B 821 7.85 -62.76 39.32
N TYR B 822 6.94 -63.70 39.63
CA TYR B 822 7.02 -64.42 40.90
C TYR B 822 6.20 -65.69 40.79
N ARG B 823 6.77 -66.79 41.30
CA ARG B 823 6.14 -68.11 41.25
C ARG B 823 5.73 -68.45 39.80
N GLU B 824 6.54 -68.00 38.86
CA GLU B 824 6.33 -68.17 37.43
C GLU B 824 5.13 -67.35 36.92
N GLU B 825 4.44 -66.62 37.80
CA GLU B 825 3.46 -65.65 37.39
C GLU B 825 4.15 -64.38 36.91
N ARG B 826 3.44 -63.61 36.09
CA ARG B 826 3.93 -62.31 35.63
C ARG B 826 2.81 -61.30 35.77
N GLU B 827 3.14 -60.11 36.28
CA GLU B 827 2.13 -59.15 36.70
C GLU B 827 2.66 -57.74 36.51
N ILE B 828 1.74 -56.77 36.63
CA ILE B 828 2.05 -55.35 36.50
C ILE B 828 1.72 -54.66 37.81
N HIS B 829 2.67 -53.87 38.31
CA HIS B 829 2.44 -52.96 39.43
C HIS B 829 2.11 -51.58 38.89
N ALA B 830 0.97 -51.03 39.30
CA ALA B 830 0.47 -49.78 38.73
C ALA B 830 1.06 -48.58 39.47
N THR B 831 1.61 -47.63 38.70
CA THR B 831 1.94 -46.32 39.23
C THR B 831 0.81 -45.33 39.06
N THR B 832 0.05 -45.46 37.97
CA THR B 832 -1.22 -44.76 37.79
C THR B 832 -2.18 -45.67 37.06
N TYR B 833 -3.47 -45.52 37.37
CA TYR B 833 -4.50 -46.32 36.71
C TYR B 833 -5.82 -45.57 36.82
N TYR B 834 -6.67 -45.72 35.80
CA TYR B 834 -7.97 -45.07 35.84
C TYR B 834 -8.94 -45.73 34.88
N LYS B 835 -10.22 -45.61 35.21
CA LYS B 835 -11.29 -46.09 34.35
C LYS B 835 -11.33 -45.26 33.07
N VAL B 836 -11.57 -45.95 31.95
CA VAL B 836 -11.69 -45.29 30.65
C VAL B 836 -13.15 -45.35 30.23
N ASP B 837 -13.78 -44.19 30.11
CA ASP B 837 -15.18 -44.08 29.72
C ASP B 837 -15.24 -43.84 28.21
N ASP B 838 -15.93 -44.73 27.50
CA ASP B 838 -15.97 -44.67 26.03
C ASP B 838 -17.29 -45.26 25.55
N PRO B 839 -18.26 -44.41 25.18
CA PRO B 839 -19.54 -44.91 24.69
C PRO B 839 -19.52 -45.35 23.23
N VAL B 840 -18.39 -45.18 22.54
CA VAL B 840 -18.33 -45.38 21.09
C VAL B 840 -17.17 -46.29 20.67
N TRP B 841 -16.35 -46.76 21.61
CA TRP B 841 -15.24 -47.66 21.33
C TRP B 841 -14.17 -47.01 20.46
N ASN B 842 -14.18 -45.68 20.32
CA ASN B 842 -13.29 -45.04 19.37
C ASN B 842 -11.86 -45.03 19.86
N ILE B 843 -11.64 -44.88 21.17
CA ILE B 843 -10.27 -44.86 21.69
C ILE B 843 -9.68 -46.26 21.61
N GLN B 844 -10.49 -47.30 21.84
CA GLN B 844 -10.00 -48.66 21.68
C GLN B 844 -9.60 -48.92 20.24
N ILE B 845 -10.43 -48.48 19.29
CA ILE B 845 -10.11 -48.63 17.88
C ILE B 845 -8.84 -47.88 17.53
N ALA B 846 -8.68 -46.67 18.09
CA ALA B 846 -7.48 -45.88 17.83
C ALA B 846 -6.24 -46.58 18.38
N ARG B 847 -6.35 -47.17 19.56
CA ARG B 847 -5.25 -47.95 20.12
C ARG B 847 -4.87 -49.10 19.19
N MET B 848 -5.88 -49.86 18.76
CA MET B 848 -5.64 -50.97 17.84
C MET B 848 -4.92 -50.50 16.59
N LEU B 849 -5.39 -49.41 16.00
CA LEU B 849 -4.77 -48.89 14.78
C LEU B 849 -3.36 -48.38 15.04
N GLU B 850 -3.14 -47.79 16.22
CA GLU B 850 -1.89 -47.12 16.50
C GLU B 850 -0.76 -48.13 16.71
N LEU B 851 -0.99 -49.12 17.56
CA LEU B 851 0.13 -49.93 18.07
C LEU B 851 1.02 -50.50 16.97
N PRO B 852 0.50 -51.08 15.89
CA PRO B 852 1.39 -51.56 14.81
C PRO B 852 2.33 -50.48 14.29
N THR B 853 1.82 -49.27 14.09
CA THR B 853 2.65 -48.21 13.51
C THR B 853 3.81 -47.87 14.45
N ILE B 854 3.52 -47.69 15.74
CA ILE B 854 4.60 -47.35 16.67
C ILE B 854 5.57 -48.51 16.80
N TYR B 855 5.07 -49.74 16.78
CA TYR B 855 5.98 -50.89 16.80
C TYR B 855 6.96 -50.81 15.63
N ARG B 856 6.43 -50.71 14.41
CA ARG B 856 7.28 -50.64 13.23
C ARG B 856 8.25 -49.47 13.30
N LYS B 857 7.79 -48.33 13.81
CA LYS B 857 8.62 -47.13 13.83
C LYS B 857 9.70 -47.20 14.90
N VAL B 858 9.46 -47.96 15.97
CA VAL B 858 10.30 -47.87 17.16
C VAL B 858 10.70 -49.26 17.65
N TYR B 859 9.73 -50.01 18.17
CA TYR B 859 10.07 -51.19 18.97
C TYR B 859 10.68 -52.29 18.12
N ASP B 860 10.25 -52.43 16.87
CA ASP B 860 10.85 -53.42 15.99
C ASP B 860 12.17 -52.94 15.39
N GLN B 861 12.61 -51.73 15.70
CA GLN B 861 13.95 -51.29 15.34
C GLN B 861 14.96 -52.09 16.16
N PRO B 862 15.79 -52.93 15.55
CA PRO B 862 16.58 -53.89 16.34
C PRO B 862 17.87 -53.32 16.92
N PHE B 863 17.94 -52.02 17.15
CA PHE B 863 19.23 -51.42 17.49
C PHE B 863 19.06 -50.24 18.44
N HIS B 864 20.04 -50.07 19.32
CA HIS B 864 20.22 -48.82 20.05
C HIS B 864 21.24 -47.93 19.35
N SER B 865 22.25 -48.54 18.74
CA SER B 865 23.20 -47.84 17.87
C SER B 865 23.90 -46.69 18.61
N SER B 866 24.45 -46.99 19.78
CA SER B 866 25.28 -46.02 20.47
C SER B 866 26.67 -45.98 19.84
N ALA B 867 27.48 -45.04 20.32
CA ALA B 867 28.86 -44.97 19.87
C ALA B 867 29.65 -46.20 20.27
N LEU B 868 29.23 -46.89 21.34
CA LEU B 868 29.85 -48.14 21.77
C LEU B 868 31.36 -47.96 21.97
N GLU B 869 31.70 -47.02 22.86
CA GLU B 869 33.10 -46.70 23.15
C GLU B 869 33.71 -47.70 24.12
N LYS B 870 33.81 -48.95 23.66
CA LYS B 870 34.33 -50.02 24.48
C LYS B 870 35.85 -49.94 24.57
N GLU B 871 36.37 -50.00 25.80
CA GLU B 871 37.82 -49.94 26.02
C GLU B 871 38.51 -51.28 25.84
N GLU B 872 37.76 -52.38 25.77
CA GLU B 872 38.32 -53.71 25.59
C GLU B 872 39.25 -54.09 26.74
N ALA B 873 39.01 -53.53 27.92
CA ALA B 873 39.75 -53.88 29.14
C ALA B 873 41.25 -53.69 28.96
N LEU B 874 41.65 -52.69 28.18
CA LEU B 874 43.07 -52.42 27.99
C LEU B 874 43.70 -51.96 29.30
N SER B 875 44.83 -52.59 29.65
CA SER B 875 45.55 -52.31 30.89
C SER B 875 44.73 -52.62 32.13
N ASN B 876 43.67 -53.43 31.98
CA ASN B 876 42.85 -53.80 33.12
C ASN B 876 43.65 -54.53 34.21
N PRO B 877 44.40 -55.59 33.91
CA PRO B 877 45.07 -56.33 34.99
C PRO B 877 46.20 -55.55 35.64
N GLY B 878 46.79 -54.58 34.96
CA GLY B 878 47.90 -53.83 35.53
C GLY B 878 48.02 -52.43 34.97
N ALA B 879 47.77 -51.42 35.81
CA ALA B 879 47.92 -50.04 35.37
C ALA B 879 49.36 -49.72 35.01
N LEU B 880 50.31 -50.33 35.72
CA LEU B 880 51.75 -50.11 35.50
C LEU B 880 52.17 -48.67 35.78
N ASP B 881 51.33 -47.89 36.45
CA ASP B 881 51.65 -46.50 36.75
C ASP B 881 50.88 -46.07 37.99
N LEU B 882 51.58 -45.41 38.92
CA LEU B 882 50.94 -45.07 40.19
C LEU B 882 49.87 -44.00 40.03
N PRO B 883 50.09 -42.90 39.29
CA PRO B 883 48.97 -41.98 39.03
C PRO B 883 47.81 -42.64 38.30
N SER B 884 48.09 -43.50 37.33
CA SER B 884 47.01 -44.18 36.61
C SER B 884 46.21 -45.07 37.56
N LEU B 885 46.90 -45.85 38.38
CA LEU B 885 46.22 -46.69 39.37
C LEU B 885 45.42 -45.83 40.33
N THR B 886 45.96 -44.66 40.71
CA THR B 886 45.22 -43.76 41.59
C THR B 886 43.93 -43.27 40.93
N SER B 887 43.99 -42.96 39.64
CA SER B 887 42.80 -42.51 38.92
C SER B 887 41.76 -43.62 38.86
N LEU B 888 42.19 -44.84 38.55
CA LEU B 888 41.26 -45.96 38.54
C LEU B 888 40.66 -46.18 39.92
N LEU B 889 41.46 -46.03 40.97
CA LEU B 889 40.95 -46.15 42.33
C LEU B 889 39.91 -45.08 42.61
N SER B 890 40.15 -43.85 42.16
CA SER B 890 39.17 -42.78 42.37
C SER B 890 37.87 -43.09 41.64
N GLU B 891 37.96 -43.60 40.42
CA GLU B 891 36.77 -43.97 39.66
C GLU B 891 35.96 -45.03 40.40
N LYS B 892 36.63 -46.13 40.77
CA LYS B 892 35.93 -47.19 41.51
C LYS B 892 35.41 -46.67 42.85
N ALA B 893 36.11 -45.70 43.44
CA ALA B 893 35.67 -45.16 44.72
C ALA B 893 34.36 -44.40 44.57
N LYS B 894 34.27 -43.55 43.56
CA LYS B 894 33.00 -42.84 43.34
C LYS B 894 31.90 -43.82 42.96
N GLU B 895 32.23 -44.86 42.18
CA GLU B 895 31.24 -45.87 41.84
C GLU B 895 30.68 -46.54 43.09
N PHE B 896 31.57 -47.02 43.97
CA PHE B 896 31.13 -47.62 45.22
C PHE B 896 30.37 -46.63 46.07
N LEU B 897 30.84 -45.39 46.15
CA LEU B 897 30.24 -44.39 47.02
C LEU B 897 28.79 -44.15 46.63
N MET B 898 28.53 -43.92 45.34
CA MET B 898 27.16 -43.62 44.92
C MET B 898 26.32 -44.88 44.71
N GLU B 899 26.95 -46.03 44.53
CA GLU B 899 26.21 -47.29 44.53
C GLU B 899 25.54 -47.51 45.87
N ASN B 900 26.31 -47.37 46.95
CA ASN B 900 25.83 -47.62 48.30
C ASN B 900 25.31 -46.36 48.98
N ARG B 901 25.12 -45.27 48.23
CA ARG B 901 24.52 -44.05 48.76
C ARG B 901 25.27 -43.55 49.99
N VAL B 902 26.60 -43.68 49.97
CA VAL B 902 27.42 -43.25 51.08
C VAL B 902 27.36 -41.73 51.18
N GLN B 903 26.91 -41.22 52.33
CA GLN B 903 26.83 -39.78 52.55
C GLN B 903 28.14 -39.21 53.10
N SER B 904 28.75 -39.92 54.05
CA SER B 904 30.07 -39.55 54.57
C SER B 904 30.74 -40.80 55.10
N PHE B 905 32.07 -40.76 55.14
CA PHE B 905 32.83 -41.95 55.51
C PHE B 905 34.20 -41.55 56.06
N TYR B 906 34.66 -42.29 57.06
CA TYR B 906 36.06 -42.27 57.43
C TYR B 906 36.85 -43.09 56.42
N GLN B 907 38.04 -42.59 56.06
CA GLN B 907 38.78 -43.19 54.95
C GLN B 907 38.97 -44.69 55.15
N GLN B 908 39.19 -45.12 56.40
CA GLN B 908 39.35 -46.55 56.66
C GLN B 908 38.12 -47.34 56.27
N GLU B 909 36.94 -46.73 56.37
CA GLU B 909 35.70 -47.42 56.02
C GLU B 909 35.59 -47.69 54.52
N LEU B 910 36.32 -46.94 53.70
CA LEU B 910 36.38 -47.19 52.26
C LEU B 910 37.59 -48.01 51.87
N GLU B 911 38.73 -47.80 52.54
CA GLU B 911 39.91 -48.63 52.28
C GLU B 911 39.61 -50.10 52.51
N MET B 912 38.75 -50.42 53.47
CA MET B 912 38.48 -51.80 53.84
C MET B 912 37.63 -52.53 52.82
N VAL B 913 37.00 -51.82 51.87
CA VAL B 913 36.12 -52.48 50.92
C VAL B 913 36.91 -53.49 50.11
N GLU B 914 36.42 -54.73 50.09
CA GLU B 914 37.23 -55.84 49.59
C GLU B 914 37.49 -55.70 48.09
N SER B 915 36.54 -55.17 47.32
CA SER B 915 36.78 -54.96 45.90
C SER B 915 37.75 -53.81 45.66
N LEU B 916 37.58 -52.71 46.39
CA LEU B 916 38.53 -51.61 46.28
C LEU B 916 39.92 -52.04 46.71
N LEU B 917 40.02 -52.95 47.67
CA LEU B 917 41.32 -53.51 48.03
C LEU B 917 41.85 -54.43 46.94
N SER B 918 40.95 -55.21 46.31
CA SER B 918 41.32 -56.06 45.19
C SER B 918 41.81 -55.26 43.99
N LEU B 919 41.49 -53.97 43.93
CA LEU B 919 42.08 -53.08 42.94
C LEU B 919 43.34 -52.38 43.45
N ALA B 920 43.37 -51.99 44.72
CA ALA B 920 44.55 -51.33 45.28
C ALA B 920 45.74 -52.28 45.43
N ASN B 921 45.52 -53.59 45.30
CA ASN B 921 46.58 -54.57 45.49
C ASN B 921 47.29 -54.94 44.19
N GLN B 922 47.16 -54.11 43.14
CA GLN B 922 47.78 -54.43 41.87
C GLN B 922 49.30 -54.42 42.00
N PRO B 923 50.01 -55.07 41.07
CA PRO B 923 51.45 -55.31 41.28
C PRO B 923 52.30 -54.06 41.36
N VAL B 924 51.93 -52.98 40.69
CA VAL B 924 52.81 -51.81 40.61
C VAL B 924 53.09 -51.26 42.02
N ILE B 925 52.04 -51.01 42.79
CA ILE B 925 52.21 -50.42 44.11
C ILE B 925 52.90 -51.41 45.05
N HIS B 926 52.56 -52.69 44.95
CA HIS B 926 53.23 -53.71 45.77
C HIS B 926 54.73 -53.68 45.52
N SER B 927 55.14 -53.79 44.25
CA SER B 927 56.56 -53.79 43.93
C SER B 927 57.23 -52.50 44.40
N ALA B 928 56.60 -51.35 44.15
CA ALA B 928 57.17 -50.09 44.60
C ALA B 928 57.32 -50.04 46.11
N SER B 929 56.46 -50.75 46.84
CA SER B 929 56.54 -50.79 48.30
C SER B 929 57.55 -51.82 48.79
N SER B 930 57.89 -52.81 47.98
CA SER B 930 58.66 -53.96 48.45
C SER B 930 60.11 -53.65 48.77
N ASP B 931 60.57 -52.40 48.60
CA ASP B 931 61.98 -52.09 48.86
C ASP B 931 62.36 -52.46 50.28
N GLN B 932 61.46 -52.27 51.24
CA GLN B 932 61.70 -52.69 52.62
C GLN B 932 61.29 -54.15 52.75
N VAL B 933 62.18 -55.02 52.27
CA VAL B 933 61.88 -56.44 52.21
C VAL B 933 61.57 -57.01 53.60
N ASN B 934 62.22 -56.49 54.63
CA ASN B 934 61.99 -56.97 55.99
C ASN B 934 60.72 -56.43 56.61
N PHE B 935 60.07 -55.45 55.98
CA PHE B 935 58.88 -54.83 56.53
C PHE B 935 57.81 -54.62 55.46
N LYS B 936 57.71 -55.56 54.51
CA LYS B 936 56.82 -55.40 53.38
C LYS B 936 55.40 -55.05 53.82
N LYS B 937 54.91 -55.69 54.88
CA LYS B 937 53.54 -55.42 55.32
C LYS B 937 53.36 -53.96 55.67
N ASP B 938 54.26 -53.41 56.49
CA ASP B 938 54.12 -52.01 56.93
C ASP B 938 54.20 -51.06 55.75
N THR B 939 55.27 -51.15 54.96
CA THR B 939 55.44 -50.24 53.83
C THR B 939 54.25 -50.34 52.86
N THR B 940 53.80 -51.56 52.58
CA THR B 940 52.73 -51.72 51.60
C THR B 940 51.40 -51.20 52.13
N SER B 941 51.10 -51.46 53.40
CA SER B 941 49.86 -50.93 53.98
C SER B 941 49.88 -49.41 54.01
N LYS B 942 51.02 -48.81 54.37
CA LYS B 942 51.12 -47.36 54.36
C LYS B 942 50.97 -46.81 52.95
N ALA B 943 51.57 -47.49 51.96
CA ALA B 943 51.46 -47.05 50.58
C ALA B 943 50.01 -47.13 50.09
N ILE B 944 49.27 -48.16 50.54
CA ILE B 944 47.88 -48.30 50.12
C ILE B 944 47.03 -47.22 50.78
N HIS B 945 47.25 -46.96 52.06
CA HIS B 945 46.59 -45.83 52.70
C HIS B 945 46.88 -44.54 51.93
N SER B 946 48.13 -44.37 51.50
CA SER B 946 48.52 -43.16 50.78
C SER B 946 47.81 -43.06 49.44
N ILE B 947 47.72 -44.18 48.70
CA ILE B 947 47.09 -44.14 47.39
C ILE B 947 45.59 -43.91 47.53
N PHE B 948 44.98 -44.42 48.59
CA PHE B 948 43.57 -44.13 48.82
C PHE B 948 43.36 -42.67 49.18
N LYS B 949 44.25 -42.10 50.00
CA LYS B 949 44.18 -40.68 50.28
C LYS B 949 44.36 -39.87 49.00
N ASN B 950 45.22 -40.35 48.09
CA ASN B 950 45.42 -39.66 46.82
C ASN B 950 44.18 -39.73 45.94
N ALA B 951 43.51 -40.89 45.93
CA ALA B 951 42.27 -41.00 45.17
C ALA B 951 41.20 -40.07 45.71
N ILE B 952 41.06 -40.01 47.04
CA ILE B 952 40.11 -39.09 47.63
C ILE B 952 40.51 -37.65 47.37
N GLN B 953 41.82 -37.38 47.27
CA GLN B 953 42.27 -36.04 46.92
C GLN B 953 41.89 -35.70 45.48
N LEU B 954 42.02 -36.65 44.57
CA LEU B 954 41.54 -36.46 43.20
C LEU B 954 40.04 -36.14 43.21
N LEU B 955 39.27 -36.89 43.99
CA LEU B 955 37.83 -36.63 44.07
C LEU B 955 37.55 -35.25 44.68
N GLN B 956 38.39 -34.79 45.60
CA GLN B 956 38.26 -33.44 46.12
C GLN B 956 38.52 -32.41 45.03
N GLU B 957 39.63 -32.54 44.32
CA GLU B 957 39.98 -31.58 43.28
C GLU B 957 38.95 -31.59 42.15
N LYS B 958 38.29 -32.72 41.93
CA LYS B 958 37.19 -32.79 40.98
C LYS B 958 35.85 -32.53 41.64
N GLY B 959 35.82 -32.26 42.94
CA GLY B 959 34.67 -31.66 43.59
C GLY B 959 33.63 -32.62 44.12
N LEU B 960 33.96 -33.89 44.34
CA LEU B 960 32.95 -34.83 44.81
C LEU B 960 32.83 -34.82 46.33
N VAL B 961 33.95 -34.75 47.05
CA VAL B 961 33.94 -34.87 48.50
C VAL B 961 34.68 -33.70 49.14
N PHE B 962 34.34 -33.42 50.40
CA PHE B 962 34.89 -32.30 51.13
C PHE B 962 34.95 -32.66 52.61
N GLN B 963 35.55 -31.77 53.40
CA GLN B 963 35.68 -31.96 54.84
C GLN B 963 35.04 -30.78 55.56
N LYS B 964 34.11 -31.08 56.46
CA LYS B 964 33.60 -30.07 57.38
C LYS B 964 34.65 -29.79 58.46
N ASP B 965 34.45 -28.69 59.19
CA ASP B 965 35.29 -28.36 60.34
C ASP B 965 34.87 -29.25 61.49
N ASP B 966 35.52 -30.41 61.60
CA ASP B 966 35.15 -31.39 62.62
C ASP B 966 36.33 -32.04 63.32
N GLY B 967 37.57 -31.80 62.89
CA GLY B 967 38.72 -32.42 63.49
C GLY B 967 38.98 -33.85 63.08
N PHE B 968 38.06 -34.48 62.34
CA PHE B 968 38.26 -35.84 61.84
C PHE B 968 39.06 -35.73 60.56
N ASP B 969 40.38 -35.80 60.68
CA ASP B 969 41.27 -35.47 59.59
C ASP B 969 41.03 -36.32 58.34
N ASN B 970 40.46 -37.52 58.49
CA ASN B 970 40.22 -38.40 57.34
C ASN B 970 38.75 -38.72 57.15
N LEU B 971 37.85 -37.99 57.79
CA LEU B 971 36.43 -38.08 57.48
C LEU B 971 36.11 -37.15 56.31
N TYR B 972 35.30 -37.64 55.38
CA TYR B 972 34.94 -36.87 54.20
C TYR B 972 33.43 -36.95 53.97
N TYR B 973 32.89 -35.87 53.40
CA TYR B 973 31.48 -35.76 53.07
C TYR B 973 31.35 -35.54 51.56
N VAL B 974 30.28 -36.10 50.98
CA VAL B 974 30.07 -36.03 49.54
C VAL B 974 29.04 -34.95 49.23
N THR B 975 29.33 -34.13 48.23
CA THR B 975 28.39 -33.11 47.79
C THR B 975 27.04 -33.70 47.43
N ARG B 976 27.05 -34.87 46.78
CA ARG B 976 25.83 -35.45 46.23
C ARG B 976 24.73 -35.64 47.27
N GLU B 977 25.05 -35.62 48.56
CA GLU B 977 24.11 -36.00 49.60
C GLU B 977 23.80 -34.89 50.61
N ASP B 978 24.53 -33.78 50.61
CA ASP B 978 24.29 -32.70 51.57
C ASP B 978 23.06 -31.91 51.10
N LYS B 979 21.88 -32.44 51.44
CA LYS B 979 20.64 -31.77 51.08
C LYS B 979 20.61 -30.33 51.58
N ASP B 980 21.14 -30.09 52.77
CA ASP B 980 21.10 -28.76 53.36
C ASP B 980 21.88 -27.76 52.51
N LEU B 981 23.07 -28.17 52.05
CA LEU B 981 23.85 -27.29 51.18
C LEU B 981 23.10 -26.96 49.91
N HIS B 982 22.47 -27.97 49.30
CA HIS B 982 21.63 -27.73 48.13
C HIS B 982 20.58 -26.66 48.44
N ARG B 983 19.78 -26.91 49.47
CA ARG B 983 18.68 -26.00 49.81
C ARG B 983 19.20 -24.58 50.00
N LYS B 984 20.26 -24.42 50.80
CA LYS B 984 20.76 -23.08 51.08
C LYS B 984 21.28 -22.40 49.81
N ILE B 985 21.97 -23.16 48.96
CA ILE B 985 22.35 -22.63 47.65
C ILE B 985 21.10 -22.27 46.86
N HIS B 986 20.07 -23.13 46.91
CA HIS B 986 18.82 -22.88 46.22
C HIS B 986 18.15 -21.60 46.73
N ARG B 987 18.35 -21.26 48.01
CA ARG B 987 17.80 -20.03 48.55
C ARG B 987 18.58 -18.80 48.12
N ILE B 988 19.62 -18.96 47.30
CA ILE B 988 20.33 -17.79 46.80
C ILE B 988 19.67 -17.27 45.53
N ILE B 989 19.00 -18.12 44.77
CA ILE B 989 18.40 -17.71 43.50
C ILE B 989 16.97 -18.18 43.32
N GLN B 990 16.47 -19.16 44.06
CA GLN B 990 15.02 -19.36 44.14
C GLN B 990 14.38 -18.21 44.90
N GLN B 991 14.81 -18.02 46.14
CA GLN B 991 14.69 -16.70 46.77
C GLN B 991 15.81 -15.81 46.23
N ASP B 992 15.43 -14.71 45.59
CA ASP B 992 16.39 -13.93 44.82
C ASP B 992 17.54 -13.47 45.70
N CYS B 993 18.69 -13.24 45.06
CA CYS B 993 19.85 -12.68 45.75
C CYS B 993 19.47 -11.37 46.41
N GLN B 994 19.85 -11.21 47.68
CA GLN B 994 19.33 -10.12 48.48
C GLN B 994 20.10 -8.83 48.30
N LYS B 995 21.33 -8.90 47.79
CA LYS B 995 22.24 -7.75 47.84
C LYS B 995 22.01 -6.75 46.71
N PRO B 996 21.66 -7.17 45.49
CA PRO B 996 21.42 -6.18 44.43
C PRO B 996 20.20 -5.30 44.74
N ASN B 997 20.39 -3.99 44.58
CA ASN B 997 19.26 -3.08 44.75
C ASN B 997 18.37 -3.09 43.51
N HIS B 998 18.96 -3.27 42.34
CA HIS B 998 18.18 -3.52 41.14
C HIS B 998 17.70 -4.96 41.12
N MET B 999 16.52 -5.22 40.55
CA MET B 999 15.96 -6.59 40.47
C MET B 999 16.66 -7.36 39.35
N GLU B 1000 17.97 -7.64 39.49
CA GLU B 1000 18.72 -8.44 38.49
C GLU B 1000 18.18 -9.86 38.58
N LYS B 1001 17.43 -10.29 37.57
CA LYS B 1001 16.76 -11.63 37.61
C LYS B 1001 17.51 -12.63 38.49
N GLY B 1002 18.66 -13.15 38.05
CA GLY B 1002 19.36 -14.23 38.76
C GLY B 1002 20.61 -13.78 39.48
N CYS B 1003 21.66 -14.62 39.52
CA CYS B 1003 22.90 -14.31 40.20
C CYS B 1003 24.07 -14.92 39.43
N HIS B 1004 25.23 -14.28 39.55
CA HIS B 1004 26.43 -14.74 38.89
C HIS B 1004 27.17 -15.76 39.75
N PHE B 1005 27.90 -16.65 39.08
CA PHE B 1005 28.59 -17.74 39.77
C PHE B 1005 29.47 -17.22 40.91
N LEU B 1006 30.30 -16.22 40.63
CA LEU B 1006 31.20 -15.69 41.66
C LEU B 1006 30.42 -14.96 42.75
N HIS B 1007 29.36 -14.25 42.37
CA HIS B 1007 28.51 -13.58 43.37
C HIS B 1007 27.83 -14.62 44.26
N ILE B 1008 27.32 -15.70 43.66
CA ILE B 1008 26.77 -16.81 44.43
C ILE B 1008 27.83 -17.37 45.37
N LEU B 1009 29.05 -17.55 44.87
CA LEU B 1009 30.10 -18.19 45.65
C LEU B 1009 30.49 -17.32 46.85
N ALA B 1010 30.63 -16.01 46.63
CA ALA B 1010 30.94 -15.11 47.73
C ALA B 1010 29.81 -15.09 48.76
N CYS B 1011 28.57 -15.00 48.29
CA CYS B 1011 27.43 -15.02 49.20
C CYS B 1011 27.41 -16.30 50.03
N ALA B 1012 27.70 -17.44 49.40
CA ALA B 1012 27.69 -18.71 50.11
C ALA B 1012 28.83 -18.78 51.13
N ARG B 1013 30.02 -18.30 50.74
CA ARG B 1013 31.15 -18.33 51.65
C ARG B 1013 30.89 -17.45 52.87
N LEU B 1014 30.21 -16.32 52.67
CA LEU B 1014 29.90 -15.44 53.79
C LEU B 1014 28.77 -16.00 54.65
N SER B 1015 27.80 -16.67 54.02
CA SER B 1015 26.61 -17.14 54.75
C SER B 1015 26.71 -18.60 55.19
N ILE B 1016 27.56 -19.40 54.55
CA ILE B 1016 27.64 -20.82 54.87
C ILE B 1016 29.01 -21.17 55.43
N ARG B 1017 30.03 -21.07 54.59
CA ARG B 1017 31.35 -21.56 54.96
C ARG B 1017 32.44 -20.86 54.15
N PRO B 1018 33.29 -20.04 54.79
CA PRO B 1018 34.33 -19.34 54.03
C PRO B 1018 35.23 -20.25 53.21
N GLY B 1019 35.44 -21.49 53.66
CA GLY B 1019 36.27 -22.43 52.94
C GLY B 1019 35.55 -23.24 51.88
N LEU B 1020 34.33 -22.87 51.54
CA LEU B 1020 33.55 -23.61 50.55
C LEU B 1020 34.24 -23.56 49.20
N SER B 1021 34.58 -24.73 48.66
CA SER B 1021 35.36 -24.79 47.43
C SER B 1021 34.49 -24.46 46.21
N GLU B 1022 35.11 -23.82 45.22
CA GLU B 1022 34.41 -23.54 43.98
C GLU B 1022 34.02 -24.82 43.27
N ALA B 1023 34.81 -25.89 43.42
CA ALA B 1023 34.52 -27.14 42.74
C ALA B 1023 33.22 -27.75 43.24
N VAL B 1024 33.04 -27.83 44.56
CA VAL B 1024 31.83 -28.42 45.11
C VAL B 1024 30.62 -27.55 44.79
N LEU B 1025 30.80 -26.23 44.76
CA LEU B 1025 29.70 -25.35 44.41
C LEU B 1025 29.28 -25.54 42.95
N GLN B 1026 30.26 -25.64 42.06
CA GLN B 1026 29.96 -25.95 40.66
C GLN B 1026 29.25 -27.28 40.54
N GLN B 1027 29.71 -28.29 41.27
CA GLN B 1027 29.07 -29.59 41.22
C GLN B 1027 27.63 -29.51 41.69
N VAL B 1028 27.38 -28.77 42.77
CA VAL B 1028 26.03 -28.65 43.30
C VAL B 1028 25.13 -27.93 42.31
N LEU B 1029 25.64 -26.88 41.67
CA LEU B 1029 24.84 -26.16 40.69
C LEU B 1029 24.51 -27.04 39.49
N GLU B 1030 25.51 -27.74 38.95
CA GLU B 1030 25.26 -28.64 37.83
C GLU B 1030 24.28 -29.74 38.23
N LEU B 1031 24.39 -30.24 39.46
CA LEU B 1031 23.46 -31.25 39.95
C LEU B 1031 22.03 -30.70 39.97
N LEU B 1032 21.83 -29.56 40.63
CA LEU B 1032 20.51 -28.97 40.70
C LEU B 1032 19.94 -28.73 39.30
N GLU B 1033 20.80 -28.35 38.35
CA GLU B 1033 20.31 -28.17 36.98
C GLU B 1033 19.89 -29.50 36.37
N ASP B 1034 20.62 -30.57 36.69
CA ASP B 1034 20.17 -31.90 36.27
C ASP B 1034 18.80 -32.20 36.88
N GLN B 1035 18.61 -31.82 38.15
CA GLN B 1035 17.30 -31.91 38.77
C GLN B 1035 16.31 -30.94 38.14
N SER B 1036 16.83 -29.86 37.55
CA SER B 1036 16.06 -28.74 37.01
C SER B 1036 15.63 -27.78 38.10
N ASP B 1037 16.08 -27.99 39.34
CA ASP B 1037 15.81 -27.01 40.39
C ASP B 1037 16.45 -25.67 40.08
N ILE B 1038 17.45 -25.65 39.20
CA ILE B 1038 18.10 -24.44 38.72
C ILE B 1038 18.25 -24.55 37.22
N VAL B 1039 18.28 -23.40 36.55
CA VAL B 1039 18.58 -23.35 35.12
C VAL B 1039 19.59 -22.23 34.89
N SER B 1040 20.62 -22.53 34.10
CA SER B 1040 21.55 -21.51 33.66
C SER B 1040 20.95 -20.73 32.50
N THR B 1041 21.07 -19.40 32.58
CA THR B 1041 20.68 -18.53 31.48
C THR B 1041 21.83 -18.31 30.51
N MET B 1042 23.04 -18.22 31.04
CA MET B 1042 24.24 -18.04 30.23
C MET B 1042 25.44 -18.50 31.06
N GLU B 1043 26.62 -18.40 30.46
CA GLU B 1043 27.84 -18.81 31.12
C GLU B 1043 27.96 -18.20 32.51
N HIS B 1044 27.92 -19.02 33.55
CA HIS B 1044 28.16 -18.61 34.93
C HIS B 1044 27.07 -17.70 35.48
N TYR B 1045 25.87 -17.75 34.89
CA TYR B 1045 24.70 -17.00 35.41
C TYR B 1045 23.60 -18.03 35.59
N TYR B 1046 22.86 -17.97 36.70
CA TYR B 1046 21.85 -18.97 37.01
C TYR B 1046 20.60 -18.31 37.59
N THR B 1047 19.48 -19.03 37.52
CA THR B 1047 18.21 -18.54 38.09
C THR B 1047 17.28 -19.74 38.19
N ALA B 1048 16.39 -19.79 39.16
CA ALA B 1048 15.48 -20.90 39.41
C ALA B 1048 14.31 -20.85 38.43
N MET C 2 -6.34 -68.74 38.47
CA MET C 2 -6.11 -68.78 37.01
C MET C 2 -6.66 -67.52 36.34
N LEU C 3 -6.07 -67.15 35.20
CA LEU C 3 -6.59 -66.07 34.38
C LEU C 3 -7.28 -66.66 33.15
N PRO C 4 -8.51 -66.24 32.83
CA PRO C 4 -9.16 -66.77 31.62
C PRO C 4 -8.32 -66.53 30.38
N LYS C 5 -8.37 -67.49 29.46
CA LYS C 5 -7.65 -67.33 28.20
C LYS C 5 -8.22 -66.15 27.43
N PRO C 6 -7.38 -65.42 26.68
CA PRO C 6 -7.79 -64.11 26.18
C PRO C 6 -8.91 -64.19 25.14
N GLY C 7 -9.87 -63.29 25.27
CA GLY C 7 -10.97 -63.20 24.33
C GLY C 7 -10.62 -62.42 23.07
N THR C 8 -9.90 -63.07 22.16
CA THR C 8 -9.48 -62.40 20.93
C THR C 8 -10.68 -62.11 20.04
N TYR C 9 -10.61 -61.00 19.31
CA TYR C 9 -11.69 -60.59 18.43
C TYR C 9 -11.90 -61.58 17.30
N TYR C 10 -13.17 -61.96 17.09
CA TYR C 10 -13.58 -62.70 15.90
C TYR C 10 -14.78 -61.99 15.29
N LEU C 11 -14.86 -61.98 13.96
CA LEU C 11 -16.00 -61.39 13.29
C LEU C 11 -17.18 -62.37 13.30
N PRO C 12 -18.42 -61.84 13.27
CA PRO C 12 -19.58 -62.75 13.23
C PRO C 12 -19.53 -63.77 12.12
N TRP C 13 -18.80 -63.48 11.04
CA TRP C 13 -18.73 -64.42 9.92
C TRP C 13 -17.80 -65.59 10.24
N GLU C 14 -16.91 -65.42 11.20
CA GLU C 14 -16.01 -66.51 11.59
C GLU C 14 -16.68 -67.48 12.54
N VAL C 15 -17.61 -67.00 13.37
CA VAL C 15 -18.48 -67.92 14.12
C VAL C 15 -19.50 -68.54 13.17
N SER C 16 -20.02 -67.75 12.23
CA SER C 16 -20.96 -68.28 11.25
C SER C 16 -20.34 -69.43 10.46
N ALA C 17 -19.09 -69.26 10.02
CA ALA C 17 -18.37 -70.32 9.34
C ALA C 17 -17.81 -71.36 10.29
N GLY C 18 -17.97 -71.17 11.59
CA GLY C 18 -17.41 -72.10 12.56
C GLY C 18 -15.90 -72.17 12.52
N GLN C 19 -15.25 -71.10 12.06
CA GLN C 19 -13.79 -71.09 11.99
C GLN C 19 -13.17 -71.00 13.38
N VAL C 20 -13.79 -70.24 14.27
CA VAL C 20 -13.39 -70.23 15.68
C VAL C 20 -13.91 -71.51 16.32
N PRO C 21 -13.07 -72.33 16.94
CA PRO C 21 -13.54 -73.63 17.43
C PRO C 21 -14.52 -73.49 18.58
N ASP C 22 -15.55 -74.32 18.55
CA ASP C 22 -16.56 -74.31 19.61
C ASP C 22 -15.90 -74.55 20.96
N GLY C 23 -16.34 -73.79 21.96
CA GLY C 23 -15.78 -73.87 23.29
C GLY C 23 -14.61 -72.94 23.55
N SER C 24 -14.14 -72.22 22.54
CA SER C 24 -12.99 -71.34 22.69
C SER C 24 -13.42 -69.96 23.15
N THR C 25 -12.45 -69.23 23.70
CA THR C 25 -12.68 -67.86 24.13
C THR C 25 -12.73 -66.92 22.93
N LEU C 26 -13.57 -65.90 23.00
CA LEU C 26 -13.73 -64.99 21.88
C LEU C 26 -14.31 -63.67 22.36
N ARG C 27 -14.17 -62.66 21.51
CA ARG C 27 -14.88 -61.39 21.62
C ARG C 27 -15.44 -61.04 20.24
N THR C 28 -16.67 -60.55 20.22
CA THR C 28 -17.32 -60.24 18.95
C THR C 28 -18.32 -59.10 19.15
N PHE C 29 -18.91 -58.66 18.04
CA PHE C 29 -19.70 -57.45 17.97
C PHE C 29 -20.99 -57.70 17.21
N GLY C 30 -21.93 -56.78 17.35
CA GLY C 30 -23.14 -56.80 16.54
C GLY C 30 -24.28 -56.06 17.18
N ARG C 31 -25.31 -55.74 16.38
CA ARG C 31 -26.51 -55.01 16.86
C ARG C 31 -27.45 -56.00 17.53
N LEU C 32 -27.58 -55.94 18.86
CA LEU C 32 -28.52 -56.82 19.61
C LEU C 32 -29.86 -56.82 18.88
N CYS C 33 -30.19 -57.90 18.16
CA CYS C 33 -31.43 -58.00 17.35
C CYS C 33 -32.69 -58.03 18.20
N LEU C 34 -32.63 -58.58 19.42
CA LEU C 34 -33.83 -58.75 20.28
C LEU C 34 -33.41 -58.86 21.75
N TYR C 35 -34.19 -59.50 22.62
CA TYR C 35 -33.82 -59.74 24.04
C TYR C 35 -34.83 -60.73 24.64
N ASP C 36 -34.61 -62.04 24.47
CA ASP C 36 -35.47 -63.06 25.11
C ASP C 36 -35.11 -63.05 26.59
N MET C 37 -35.92 -62.43 27.44
CA MET C 37 -35.71 -62.49 28.89
C MET C 37 -36.26 -63.77 29.50
N ILE C 38 -37.32 -64.33 28.92
CA ILE C 38 -37.94 -65.52 29.51
C ILE C 38 -36.94 -66.68 29.52
N GLN C 39 -36.15 -66.81 28.46
CA GLN C 39 -35.10 -67.82 28.39
C GLN C 39 -33.70 -67.24 28.45
N SER C 40 -33.57 -65.91 28.58
CA SER C 40 -32.27 -65.27 28.68
C SER C 40 -31.41 -65.58 27.45
N ARG C 41 -32.06 -65.69 26.30
CA ARG C 41 -31.41 -65.96 25.02
C ARG C 41 -31.68 -64.75 24.16
N VAL C 42 -30.96 -64.62 23.03
CA VAL C 42 -31.01 -63.36 22.21
C VAL C 42 -30.33 -63.55 20.85
N THR C 43 -30.22 -62.49 20.03
CA THR C 43 -29.45 -62.50 18.75
C THR C 43 -28.69 -61.17 18.69
N LEU C 44 -27.59 -61.08 17.94
CA LEU C 44 -26.80 -59.83 17.74
C LEU C 44 -26.54 -59.69 16.23
N MET C 45 -27.54 -59.27 15.46
CA MET C 45 -27.46 -59.23 13.97
C MET C 45 -26.31 -58.34 13.47
N ALA C 46 -25.67 -58.71 12.35
CA ALA C 46 -24.58 -57.96 11.74
C ALA C 46 -24.54 -58.31 10.26
N GLN C 47 -24.17 -57.32 9.44
CA GLN C 47 -24.02 -57.52 8.01
C GLN C 47 -22.74 -56.84 7.54
N HIS C 48 -22.04 -57.48 6.60
CA HIS C 48 -20.73 -57.04 6.12
C HIS C 48 -20.67 -57.41 4.63
N GLY C 49 -21.27 -56.55 3.81
CA GLY C 49 -21.47 -56.89 2.41
C GLY C 49 -22.37 -58.08 2.23
N SER C 50 -23.42 -58.19 3.06
CA SER C 50 -24.23 -59.39 3.11
C SER C 50 -25.60 -59.04 3.68
N ASP C 51 -26.48 -60.04 3.67
CA ASP C 51 -27.66 -59.99 4.51
C ASP C 51 -27.24 -60.22 5.97
N GLN C 52 -28.06 -59.72 6.89
CA GLN C 52 -27.74 -59.83 8.30
C GLN C 52 -27.76 -61.29 8.74
N HIS C 53 -26.78 -61.65 9.57
CA HIS C 53 -26.65 -63.00 10.11
C HIS C 53 -26.71 -62.94 11.63
N GLN C 54 -27.35 -63.92 12.29
CA GLN C 54 -27.59 -63.88 13.76
C GLN C 54 -26.34 -64.10 14.61
N VAL C 55 -26.43 -63.88 15.92
CA VAL C 55 -25.32 -64.10 16.89
C VAL C 55 -25.99 -64.45 18.23
N LEU C 56 -26.32 -65.73 18.45
CA LEU C 56 -26.95 -66.18 19.72
C LEU C 56 -25.96 -65.92 20.85
N VAL C 57 -26.42 -65.40 22.00
CA VAL C 57 -25.55 -65.11 23.18
C VAL C 57 -26.36 -65.27 24.48
N CYS C 58 -25.86 -66.04 25.45
CA CYS C 58 -26.46 -66.09 26.78
C CYS C 58 -26.41 -64.72 27.44
N THR C 59 -27.32 -64.47 28.38
CA THR C 59 -27.42 -63.17 29.01
C THR C 59 -28.22 -63.21 30.31
N LYS C 60 -27.95 -64.20 31.18
CA LYS C 60 -28.75 -64.34 32.38
C LYS C 60 -28.29 -63.44 33.53
N LEU C 61 -26.99 -63.15 33.62
CA LEU C 61 -26.49 -62.51 34.83
C LEU C 61 -25.47 -61.40 34.57
N VAL C 62 -24.52 -61.63 33.66
CA VAL C 62 -23.33 -60.78 33.60
C VAL C 62 -23.65 -59.32 33.38
N GLU C 63 -24.80 -59.00 32.78
CA GLU C 63 -25.19 -57.60 32.62
C GLU C 63 -26.67 -57.48 32.32
N PRO C 64 -27.49 -57.02 33.28
CA PRO C 64 -28.89 -56.70 32.98
C PRO C 64 -29.03 -55.32 32.34
N PHE C 65 -28.51 -55.20 31.12
CA PHE C 65 -28.36 -53.88 30.49
C PHE C 65 -29.73 -53.27 30.16
N HIS C 66 -29.83 -51.96 30.36
CA HIS C 66 -31.05 -51.21 30.04
C HIS C 66 -31.12 -50.82 28.57
N ALA C 67 -30.03 -50.97 27.82
CA ALA C 67 -30.03 -50.60 26.41
C ALA C 67 -31.06 -51.44 25.65
N GLN C 68 -31.28 -51.07 24.39
CA GLN C 68 -32.43 -51.54 23.64
C GLN C 68 -32.01 -52.18 22.32
N VAL C 69 -33.00 -52.74 21.63
CA VAL C 69 -32.78 -53.32 20.31
C VAL C 69 -32.30 -52.23 19.35
N GLY C 70 -31.48 -52.64 18.38
CA GLY C 70 -30.92 -51.72 17.42
C GLY C 70 -29.60 -51.10 17.84
N SER C 71 -29.34 -51.02 19.14
CA SER C 71 -28.05 -50.53 19.60
C SER C 71 -26.96 -51.56 19.32
N LEU C 72 -25.74 -51.07 19.15
CA LEU C 72 -24.59 -51.93 18.94
C LEU C 72 -24.00 -52.37 20.27
N TYR C 73 -23.41 -53.56 20.28
CA TYR C 73 -22.89 -54.16 21.49
C TYR C 73 -21.59 -54.88 21.20
N ILE C 74 -20.73 -54.94 22.22
CA ILE C 74 -19.55 -55.79 22.23
C ILE C 74 -19.77 -56.87 23.28
N VAL C 75 -19.45 -58.11 22.95
CA VAL C 75 -19.61 -59.23 23.86
C VAL C 75 -18.31 -60.03 23.89
N LEU C 76 -17.95 -60.50 25.08
CA LEU C 76 -16.70 -61.23 25.29
C LEU C 76 -16.97 -62.42 26.19
N GLY C 77 -16.35 -63.55 25.87
CA GLY C 77 -16.49 -64.76 26.67
C GLY C 77 -16.15 -66.01 25.90
N GLU C 78 -17.00 -67.03 26.01
CA GLU C 78 -16.85 -68.28 25.26
C GLU C 78 -18.12 -68.57 24.48
N LEU C 79 -18.00 -69.50 23.54
CA LEU C 79 -19.14 -70.04 22.80
C LEU C 79 -19.10 -71.56 22.88
N GLN C 80 -20.27 -72.17 23.02
CA GLN C 80 -20.34 -73.62 23.10
C GLN C 80 -21.62 -74.11 22.44
N HIS C 81 -21.58 -75.37 22.01
CA HIS C 81 -22.66 -75.95 21.21
C HIS C 81 -23.88 -76.29 22.06
N GLN C 82 -25.06 -76.04 21.50
CA GLN C 82 -26.30 -76.64 21.96
C GLN C 82 -26.99 -77.26 20.74
N GLN C 83 -27.57 -78.44 20.93
CA GLN C 83 -28.10 -79.18 19.79
C GLN C 83 -29.11 -78.35 19.01
N ASP C 84 -30.10 -77.79 19.70
CA ASP C 84 -31.11 -76.99 19.01
C ASP C 84 -30.58 -75.63 18.64
N ARG C 85 -29.92 -74.95 19.58
CA ARG C 85 -29.50 -73.57 19.41
C ARG C 85 -28.19 -73.42 18.63
N GLY C 86 -27.49 -74.52 18.35
CA GLY C 86 -26.16 -74.38 17.78
C GLY C 86 -25.21 -73.82 18.83
N SER C 87 -24.11 -73.24 18.33
CA SER C 87 -23.15 -72.61 19.21
C SER C 87 -23.71 -71.30 19.75
N VAL C 88 -23.64 -71.13 21.07
CA VAL C 88 -24.18 -69.95 21.75
C VAL C 88 -23.09 -69.36 22.62
N VAL C 89 -23.02 -68.04 22.65
CA VAL C 89 -21.95 -67.33 23.35
C VAL C 89 -22.29 -67.25 24.84
N LYS C 90 -21.44 -67.84 25.68
CA LYS C 90 -21.51 -67.65 27.12
C LYS C 90 -20.72 -66.40 27.45
N ALA C 91 -21.42 -65.27 27.49
CA ALA C 91 -20.75 -63.98 27.67
C ALA C 91 -20.17 -63.86 29.07
N ARG C 92 -18.89 -63.46 29.14
CA ARG C 92 -18.30 -63.02 30.39
C ARG C 92 -18.36 -61.50 30.54
N VAL C 93 -18.45 -60.77 29.44
CA VAL C 93 -18.71 -59.34 29.43
C VAL C 93 -19.63 -59.02 28.26
N LEU C 94 -20.62 -58.17 28.50
CA LEU C 94 -21.51 -57.68 27.45
C LEU C 94 -21.80 -56.22 27.72
N THR C 95 -21.55 -55.36 26.73
CA THR C 95 -21.70 -53.92 26.88
C THR C 95 -22.21 -53.32 25.58
N CYS C 96 -22.90 -52.19 25.72
CA CYS C 96 -23.49 -51.49 24.58
C CYS C 96 -22.56 -50.39 24.07
N VAL C 97 -22.70 -50.09 22.77
CA VAL C 97 -22.00 -48.98 22.15
C VAL C 97 -22.89 -48.43 21.05
N GLU C 98 -22.66 -47.16 20.70
CA GLU C 98 -23.43 -46.52 19.65
C GLU C 98 -22.54 -45.52 18.91
N GLY C 99 -22.90 -45.25 17.65
CA GLY C 99 -22.11 -44.38 16.82
C GLY C 99 -20.78 -44.97 16.39
N MET C 100 -20.54 -46.25 16.65
CA MET C 100 -19.25 -46.85 16.35
C MET C 100 -19.08 -47.05 14.85
N ASN C 101 -17.94 -46.62 14.33
CA ASN C 101 -17.59 -46.81 12.92
C ASN C 101 -17.18 -48.27 12.73
N LEU C 102 -18.17 -49.13 12.50
CA LEU C 102 -17.89 -50.55 12.40
C LEU C 102 -16.94 -50.90 11.25
N PRO C 103 -17.05 -50.29 10.07
CA PRO C 103 -16.03 -50.56 9.05
C PRO C 103 -14.61 -50.25 9.51
N LEU C 104 -14.43 -49.14 10.23
CA LEU C 104 -13.10 -48.83 10.74
C LEU C 104 -12.66 -49.82 11.81
N LEU C 105 -13.60 -50.31 12.62
CA LEU C 105 -13.26 -51.36 13.58
C LEU C 105 -12.80 -52.62 12.88
N GLU C 106 -13.49 -53.00 11.79
CA GLU C 106 -13.09 -54.18 11.05
C GLU C 106 -11.73 -53.98 10.41
N GLN C 107 -11.46 -52.78 9.89
CA GLN C 107 -10.13 -52.48 9.36
C GLN C 107 -9.08 -52.55 10.46
N ALA C 108 -9.43 -52.13 11.68
CA ALA C 108 -8.48 -52.20 12.79
C ALA C 108 -8.15 -53.64 13.14
N ILE C 109 -9.16 -54.50 13.16
CA ILE C 109 -8.91 -55.93 13.36
C ILE C 109 -8.02 -56.46 12.24
N ARG C 110 -8.28 -56.02 11.01
CA ARG C 110 -7.48 -56.44 9.88
C ARG C 110 -6.02 -56.05 10.08
N GLU C 111 -5.77 -54.80 10.48
CA GLU C 111 -4.41 -54.33 10.71
C GLU C 111 -3.75 -55.11 11.84
N GLN C 112 -4.49 -55.36 12.93
CA GLN C 112 -3.93 -56.10 14.05
C GLN C 112 -3.48 -57.48 13.62
N ARG C 113 -4.37 -58.23 12.95
CA ARG C 113 -4.00 -59.59 12.56
C ARG C 113 -2.95 -59.60 11.45
N LEU C 114 -2.94 -58.59 10.60
CA LEU C 114 -1.90 -58.49 9.58
C LEU C 114 -0.55 -58.26 10.22
N TYR C 115 -0.47 -57.38 11.22
CA TYR C 115 0.78 -57.19 11.94
C TYR C 115 1.19 -58.45 12.67
N LYS C 116 0.22 -59.14 13.28
CA LYS C 116 0.52 -60.41 13.93
C LYS C 116 1.17 -61.38 12.94
N GLN C 117 0.62 -61.47 11.73
CA GLN C 117 1.25 -62.25 10.68
C GLN C 117 2.68 -61.76 10.42
N GLU C 118 2.82 -60.47 10.13
CA GLU C 118 4.14 -59.91 9.83
C GLU C 118 5.12 -60.19 10.96
N ARG C 119 4.64 -60.15 12.20
CA ARG C 119 5.48 -60.54 13.33
C ARG C 119 5.82 -62.02 13.24
N GLY C 120 7.10 -62.34 13.37
CA GLY C 120 7.54 -63.72 13.37
C GLY C 120 6.83 -64.54 14.43
N THR D 157 47.45 -7.44 27.74
CA THR D 157 46.39 -8.40 27.32
C THR D 157 45.00 -7.86 27.67
N LEU D 158 44.07 -7.96 26.74
CA LEU D 158 42.71 -7.47 26.97
C LEU D 158 41.99 -8.34 27.99
N LEU D 159 41.25 -7.70 28.89
CA LEU D 159 40.38 -8.39 29.84
C LEU D 159 39.15 -7.54 30.07
N LYS D 160 37.99 -8.17 30.09
CA LYS D 160 36.71 -7.47 30.04
C LYS D 160 36.10 -7.35 31.44
N LEU D 161 35.16 -6.41 31.55
CA LEU D 161 34.52 -6.14 32.84
C LEU D 161 33.66 -7.29 33.33
N CYS D 162 33.40 -8.29 32.49
CA CYS D 162 32.74 -9.51 32.96
C CYS D 162 33.74 -10.52 33.52
N ASP D 163 35.03 -10.33 33.23
CA ASP D 163 36.04 -11.30 33.65
C ASP D 163 36.65 -10.97 35.02
N VAL D 164 36.49 -9.73 35.48
CA VAL D 164 37.15 -9.22 36.69
C VAL D 164 36.93 -10.13 37.89
N GLN D 165 37.86 -10.10 38.84
CA GLN D 165 37.88 -10.95 40.01
C GLN D 165 38.29 -10.15 41.24
N PRO D 166 38.06 -10.68 42.45
CA PRO D 166 37.91 -9.80 43.63
C PRO D 166 39.08 -8.86 43.95
N MET D 167 40.34 -9.27 43.78
CA MET D 167 41.46 -8.45 44.25
C MET D 167 42.58 -8.53 43.20
N GLN D 168 42.60 -7.54 42.31
CA GLN D 168 43.39 -7.64 41.08
C GLN D 168 43.82 -6.26 40.59
N TYR D 169 44.61 -6.26 39.50
CA TYR D 169 44.95 -5.07 38.72
C TYR D 169 44.80 -5.42 37.23
N PHE D 170 44.17 -4.53 36.46
CA PHE D 170 43.79 -4.86 35.08
C PHE D 170 43.86 -3.63 34.16
N ASP D 171 43.67 -3.89 32.87
CA ASP D 171 43.52 -2.83 31.87
C ASP D 171 42.08 -2.31 31.84
N LEU D 172 41.14 -3.17 31.43
CA LEU D 172 39.71 -2.85 31.44
C LEU D 172 39.38 -1.62 30.60
N THR D 173 39.78 -1.65 29.33
CA THR D 173 39.42 -0.57 28.42
C THR D 173 37.90 -0.50 28.26
N CYS D 174 37.40 0.71 28.00
CA CYS D 174 35.96 0.97 28.06
C CYS D 174 35.66 2.27 27.32
N GLN D 175 34.37 2.56 27.19
CA GLN D 175 33.91 3.84 26.66
C GLN D 175 33.52 4.75 27.82
N LEU D 176 34.00 5.99 27.79
CA LEU D 176 33.69 6.96 28.83
C LEU D 176 32.25 7.44 28.67
N LEU D 177 31.48 7.37 29.75
CA LEU D 177 30.09 7.82 29.76
C LEU D 177 29.94 9.22 30.37
N GLY D 178 30.60 9.48 31.49
CA GLY D 178 30.50 10.78 32.14
C GLY D 178 31.66 11.00 33.09
N LYS D 179 31.67 12.18 33.70
CA LYS D 179 32.74 12.58 34.61
C LYS D 179 32.17 13.43 35.74
N ALA D 180 32.99 13.62 36.78
CA ALA D 180 32.66 14.54 37.86
C ALA D 180 33.82 14.62 38.85
N GLU D 181 33.85 15.72 39.59
CA GLU D 181 34.76 15.83 40.72
C GLU D 181 34.32 14.90 41.84
N VAL D 182 35.28 14.43 42.63
CA VAL D 182 35.02 13.64 43.83
C VAL D 182 35.65 14.30 45.06
N ASP D 183 36.91 14.70 44.94
CA ASP D 183 37.60 15.38 46.03
C ASP D 183 38.77 16.16 45.42
N GLY D 184 39.41 16.99 46.25
CA GLY D 184 40.63 17.64 45.82
C GLY D 184 41.72 16.68 45.40
N ALA D 185 41.57 15.39 45.73
CA ALA D 185 42.56 14.37 45.38
C ALA D 185 41.89 13.11 44.84
N SER D 186 40.77 13.25 44.14
CA SER D 186 40.17 12.12 43.44
C SER D 186 39.11 12.64 42.48
N PHE D 187 38.83 11.83 41.45
CA PHE D 187 37.99 12.24 40.34
C PHE D 187 37.30 11.00 39.77
N LEU D 188 36.14 11.22 39.14
CA LEU D 188 35.28 10.13 38.67
C LEU D 188 35.26 10.08 37.16
N LEU D 189 35.42 8.87 36.61
CA LEU D 189 35.02 8.55 35.24
C LEU D 189 33.98 7.43 35.31
N LYS D 190 32.80 7.68 34.73
CA LYS D 190 31.77 6.67 34.62
C LYS D 190 31.86 6.03 33.23
N VAL D 191 31.93 4.69 33.19
CA VAL D 191 32.34 3.97 31.98
C VAL D 191 31.53 2.69 31.81
N TRP D 192 31.69 2.07 30.64
CA TRP D 192 31.21 0.70 30.39
C TRP D 192 32.00 0.12 29.21
N ASP D 193 32.12 -1.21 29.20
CA ASP D 193 32.68 -1.92 28.05
C ASP D 193 31.67 -2.82 27.37
N GLY D 194 30.41 -2.78 27.79
CA GLY D 194 29.34 -3.57 27.19
C GLY D 194 29.11 -4.93 27.78
N THR D 195 30.07 -5.48 28.53
CA THR D 195 29.90 -6.81 29.13
C THR D 195 29.27 -6.68 30.52
N ARG D 196 28.61 -7.75 30.94
CA ARG D 196 27.87 -7.75 32.20
C ARG D 196 28.82 -7.93 33.38
N THR D 197 28.74 -7.01 34.35
CA THR D 197 29.59 -7.07 35.53
C THR D 197 29.26 -8.31 36.35
N PRO D 198 30.27 -9.04 36.89
CA PRO D 198 29.96 -10.24 37.66
C PRO D 198 29.34 -9.93 39.02
N PHE D 199 29.96 -9.03 39.79
CA PHE D 199 29.35 -8.50 41.00
C PHE D 199 28.59 -7.22 40.66
N PRO D 200 27.62 -6.82 41.50
CA PRO D 200 26.99 -5.51 41.31
C PRO D 200 28.03 -4.40 41.25
N SER D 201 27.93 -3.55 40.24
CA SER D 201 28.99 -2.59 39.97
C SER D 201 29.08 -1.50 41.03
N TRP D 202 30.29 -1.00 41.26
CA TRP D 202 30.56 -0.02 42.30
C TRP D 202 30.07 1.37 41.90
N ARG D 203 29.66 2.14 42.91
CA ARG D 203 29.10 3.48 42.71
C ARG D 203 29.75 4.45 43.69
N VAL D 204 30.17 5.61 43.18
CA VAL D 204 30.96 6.57 43.95
C VAL D 204 30.04 7.55 44.67
N LEU D 205 30.20 7.64 45.98
CA LEU D 205 29.59 8.73 46.74
C LEU D 205 30.37 10.01 46.48
N ILE D 206 29.68 11.08 46.07
CA ILE D 206 30.31 12.17 45.34
C ILE D 206 29.84 13.51 45.86
N GLN D 207 30.62 14.56 45.55
CA GLN D 207 30.40 15.87 46.15
C GLN D 207 29.24 16.63 45.51
N ASP D 208 28.93 16.37 44.24
CA ASP D 208 27.72 16.90 43.63
C ASP D 208 27.22 15.92 42.59
N LEU D 209 25.89 15.82 42.49
CA LEU D 209 25.26 14.75 41.70
C LEU D 209 25.16 15.09 40.22
N VAL D 210 25.30 16.37 39.84
CA VAL D 210 25.19 16.75 38.44
C VAL D 210 26.48 16.42 37.71
N LEU D 211 26.57 15.19 37.21
CA LEU D 211 27.75 14.77 36.47
C LEU D 211 27.75 15.38 35.07
N GLU D 212 28.88 15.25 34.38
CA GLU D 212 28.97 15.61 32.97
C GLU D 212 28.58 14.41 32.12
N GLY D 213 27.76 14.64 31.10
CA GLY D 213 27.28 13.60 30.22
C GLY D 213 25.77 13.64 30.05
N ASP D 214 25.30 12.86 29.08
CA ASP D 214 23.87 12.72 28.81
C ASP D 214 23.28 11.73 29.83
N LEU D 215 23.17 12.22 31.07
CA LEU D 215 22.75 11.36 32.17
C LEU D 215 21.39 10.72 31.92
N SER D 216 20.52 11.40 31.18
CA SER D 216 19.16 10.91 30.95
C SER D 216 19.13 9.59 30.19
N HIS D 217 20.25 9.12 29.65
CA HIS D 217 20.35 7.79 29.09
C HIS D 217 21.39 6.94 29.81
N ILE D 218 22.44 7.57 30.34
CA ILE D 218 23.48 6.83 31.05
C ILE D 218 22.88 6.05 32.22
N HIS D 219 21.83 6.60 32.85
CA HIS D 219 21.22 5.89 33.99
C HIS D 219 20.50 4.63 33.53
N ARG D 220 20.15 4.53 32.25
CA ARG D 220 19.48 3.34 31.73
C ARG D 220 20.43 2.19 31.50
N LEU D 221 21.73 2.45 31.48
CA LEU D 221 22.77 1.43 31.33
C LEU D 221 23.22 0.85 32.68
N GLN D 222 22.51 1.18 33.77
CA GLN D 222 22.98 0.99 35.14
C GLN D 222 23.85 -0.23 35.37
N ASN D 223 23.30 -1.44 35.17
CA ASN D 223 24.02 -2.64 35.56
C ASN D 223 25.35 -2.79 34.84
N LEU D 224 25.46 -2.25 33.62
CA LEU D 224 26.69 -2.34 32.86
C LEU D 224 27.62 -1.13 33.07
N THR D 225 27.13 -0.07 33.71
CA THR D 225 27.99 1.06 34.04
C THR D 225 28.87 0.74 35.25
N ILE D 226 30.05 1.35 35.29
CA ILE D 226 30.97 1.24 36.42
C ILE D 226 31.56 2.62 36.70
N ASP D 227 31.72 2.94 37.99
CA ASP D 227 32.36 4.18 38.42
C ASP D 227 33.84 3.92 38.68
N ILE D 228 34.71 4.67 38.01
CA ILE D 228 36.16 4.55 38.13
C ILE D 228 36.67 5.75 38.92
N LEU D 229 37.43 5.49 39.99
CA LEU D 229 37.98 6.53 40.84
C LEU D 229 39.47 6.69 40.58
N VAL D 230 39.87 7.85 40.06
CA VAL D 230 41.27 8.16 39.77
C VAL D 230 41.72 9.24 40.75
N TYR D 231 42.93 9.07 41.31
CA TYR D 231 43.32 9.80 42.51
C TYR D 231 44.10 11.10 42.24
N ASP D 232 45.42 11.01 42.04
CA ASP D 232 46.25 12.21 42.02
C ASP D 232 46.56 12.73 40.61
N ASN D 233 47.76 12.41 40.10
CA ASN D 233 48.24 13.05 38.87
C ASN D 233 47.33 12.77 37.68
N HIS D 234 46.53 11.70 37.75
CA HIS D 234 45.69 11.33 36.61
C HIS D 234 44.53 12.30 36.40
N VAL D 235 44.27 13.19 37.37
CA VAL D 235 43.01 13.94 37.37
C VAL D 235 43.02 15.00 36.28
N HIS D 236 44.12 15.75 36.14
CA HIS D 236 44.11 16.88 35.23
C HIS D 236 43.97 16.44 33.77
N VAL D 237 44.29 15.17 33.47
CA VAL D 237 43.99 14.62 32.16
C VAL D 237 42.52 14.23 32.09
N ALA D 238 42.02 13.54 33.11
CA ALA D 238 40.64 13.08 33.12
C ALA D 238 39.66 14.23 33.00
N ARG D 239 39.95 15.35 33.66
CA ARG D 239 39.03 16.47 33.68
C ARG D 239 38.83 17.08 32.31
N SER D 240 39.72 16.77 31.34
CA SER D 240 39.65 17.36 30.02
C SER D 240 38.88 16.51 29.02
N LEU D 241 38.59 15.26 29.35
CA LEU D 241 38.07 14.33 28.36
C LEU D 241 36.62 14.64 27.98
N LYS D 242 36.27 14.35 26.72
CA LYS D 242 34.95 14.62 26.20
C LYS D 242 34.01 13.42 26.45
N VAL D 243 32.71 13.70 26.40
CA VAL D 243 31.71 12.67 26.62
C VAL D 243 31.79 11.62 25.51
N GLY D 244 31.53 10.37 25.86
CA GLY D 244 31.47 9.29 24.90
C GLY D 244 32.81 8.82 24.36
N SER D 245 33.92 9.28 24.91
CA SER D 245 35.23 8.93 24.38
C SER D 245 35.56 7.46 24.63
N PHE D 246 36.28 6.87 23.68
CA PHE D 246 36.83 5.52 23.87
C PHE D 246 38.13 5.64 24.66
N LEU D 247 38.30 4.77 25.67
CA LEU D 247 39.31 4.98 26.70
C LEU D 247 39.98 3.67 27.09
N ARG D 248 41.28 3.75 27.37
CA ARG D 248 42.05 2.65 27.95
C ARG D 248 42.64 3.11 29.29
N ILE D 249 42.67 2.20 30.25
CA ILE D 249 43.27 2.43 31.56
C ILE D 249 44.43 1.46 31.72
N TYR D 250 45.44 1.86 32.49
CA TYR D 250 46.60 1.02 32.76
C TYR D 250 46.66 0.69 34.25
N SER D 251 46.81 -0.60 34.56
CA SER D 251 46.98 -1.09 35.94
C SER D 251 45.89 -0.55 36.87
N LEU D 252 44.63 -0.67 36.43
CA LEU D 252 43.48 -0.29 37.25
C LEU D 252 43.25 -1.31 38.36
N HIS D 253 43.34 -0.88 39.62
CA HIS D 253 43.17 -1.78 40.75
C HIS D 253 41.71 -2.16 40.93
N THR D 254 41.48 -3.38 41.41
CA THR D 254 40.15 -3.98 41.54
C THR D 254 40.00 -4.53 42.95
N LYS D 255 38.90 -4.20 43.62
CA LYS D 255 38.79 -4.42 45.07
C LYS D 255 37.34 -4.71 45.45
N LEU D 256 37.09 -5.90 45.99
CA LEU D 256 35.73 -6.33 46.34
C LEU D 256 35.31 -5.81 47.72
N GLN D 257 34.12 -5.21 47.79
CA GLN D 257 33.49 -4.92 49.08
C GLN D 257 32.82 -6.18 49.63
N SER D 258 32.75 -6.25 50.97
CA SER D 258 31.98 -7.29 51.63
C SER D 258 31.17 -6.77 52.81
N MET D 259 31.09 -5.45 53.01
CA MET D 259 30.42 -4.87 54.17
C MET D 259 30.03 -3.44 53.84
N ASN D 260 28.96 -2.94 54.47
CA ASN D 260 28.54 -1.56 54.31
C ASN D 260 28.56 -0.82 55.65
N SER D 261 28.26 0.48 55.60
CA SER D 261 28.39 1.36 56.77
C SER D 261 27.34 1.08 57.84
N GLU D 262 26.36 0.21 57.57
CA GLU D 262 25.43 -0.26 58.60
C GLU D 262 25.83 -1.63 59.13
N ASN D 263 27.03 -2.08 58.81
CA ASN D 263 27.56 -3.38 59.24
C ASN D 263 26.69 -4.54 58.76
N GLN D 264 26.06 -4.36 57.60
CA GLN D 264 25.46 -5.45 56.85
C GLN D 264 26.46 -5.93 55.79
N THR D 265 26.57 -7.25 55.62
CA THR D 265 27.45 -7.76 54.58
C THR D 265 26.77 -7.65 53.22
N MET D 266 27.45 -6.99 52.27
CA MET D 266 26.97 -6.87 50.90
C MET D 266 28.18 -6.79 49.98
N LEU D 267 27.97 -7.19 48.73
CA LEU D 267 29.06 -7.45 47.79
C LEU D 267 28.97 -6.50 46.59
N SER D 268 30.07 -5.79 46.34
CA SER D 268 30.20 -4.92 45.16
C SER D 268 31.69 -4.69 44.92
N LEU D 269 32.05 -4.52 43.64
CA LEU D 269 33.45 -4.53 43.21
C LEU D 269 33.92 -3.12 42.86
N GLU D 270 34.87 -2.61 43.65
CA GLU D 270 35.40 -1.27 43.46
C GLU D 270 36.53 -1.25 42.42
N PHE D 271 36.82 -0.07 41.89
CA PHE D 271 37.89 0.12 40.91
C PHE D 271 38.61 1.43 41.19
N HIS D 272 39.95 1.37 41.29
CA HIS D 272 40.75 2.49 41.75
C HIS D 272 42.03 2.64 40.92
N LEU D 273 42.36 3.89 40.58
CA LEU D 273 43.64 4.25 39.96
C LEU D 273 44.36 5.17 40.93
N HIS D 274 45.10 4.57 41.86
CA HIS D 274 45.76 5.32 42.93
C HIS D 274 46.84 6.25 42.38
N GLY D 275 47.29 7.16 43.24
CA GLY D 275 48.17 8.22 42.79
C GLY D 275 49.51 7.71 42.28
N GLY D 276 50.13 8.51 41.41
CA GLY D 276 51.42 8.18 40.83
C GLY D 276 51.33 7.19 39.69
N THR D 277 52.22 7.31 38.71
CA THR D 277 52.26 6.36 37.61
C THR D 277 52.98 5.07 37.96
N SER D 278 53.20 4.81 39.26
CA SER D 278 53.87 3.59 39.68
C SER D 278 53.10 2.37 39.19
N TYR D 279 53.84 1.27 38.97
CA TYR D 279 53.27 0.03 38.47
C TYR D 279 52.49 0.25 37.17
N GLY D 280 52.84 1.30 36.43
CA GLY D 280 52.28 1.53 35.12
C GLY D 280 50.93 2.19 35.08
N ARG D 281 50.51 2.84 36.17
CA ARG D 281 49.18 3.44 36.22
C ARG D 281 49.07 4.65 35.29
N GLY D 282 47.92 4.80 34.64
CA GLY D 282 47.68 5.91 33.76
C GLY D 282 46.45 5.66 32.90
N ILE D 283 46.19 6.59 31.97
CA ILE D 283 45.06 6.48 31.04
C ILE D 283 45.52 6.89 29.64
N ARG D 284 44.71 6.50 28.64
CA ARG D 284 45.04 6.71 27.23
C ARG D 284 43.75 6.82 26.43
N VAL D 285 43.52 7.98 25.84
CA VAL D 285 42.34 8.23 25.00
C VAL D 285 42.57 7.54 23.65
N LEU D 286 41.69 6.60 23.31
CA LEU D 286 41.93 5.72 22.18
C LEU D 286 41.45 6.34 20.88
N PRO D 287 42.22 6.28 19.80
CA PRO D 287 41.73 6.73 18.50
C PRO D 287 40.88 5.66 17.81
N GLU D 288 39.94 6.14 16.99
CA GLU D 288 38.99 5.24 16.34
C GLU D 288 39.62 4.41 15.22
N SER D 289 40.93 4.53 15.01
CA SER D 289 41.58 3.80 13.91
C SER D 289 41.93 2.38 14.29
N ASN D 290 42.09 2.09 15.58
CA ASN D 290 42.61 0.81 16.02
C ASN D 290 41.50 -0.22 16.17
N SER D 291 41.82 -1.47 15.83
CA SER D 291 40.81 -2.53 15.89
C SER D 291 40.34 -2.80 17.32
N ASP D 292 41.11 -2.37 18.32
CA ASP D 292 40.64 -2.47 19.69
C ASP D 292 39.41 -1.59 19.90
N VAL D 293 39.45 -0.38 19.35
CA VAL D 293 38.30 0.52 19.46
C VAL D 293 37.14 -0.01 18.62
N ASP D 294 37.45 -0.57 17.46
CA ASP D 294 36.41 -1.22 16.67
C ASP D 294 35.75 -2.34 17.46
N GLN D 295 36.54 -3.11 18.19
CA GLN D 295 36.01 -4.22 18.98
C GLN D 295 35.16 -3.71 20.14
N LEU D 296 35.62 -2.64 20.80
CA LEU D 296 34.84 -2.03 21.86
C LEU D 296 33.49 -1.55 21.34
N LYS D 297 33.51 -0.78 20.25
CA LYS D 297 32.27 -0.27 19.67
C LYS D 297 31.38 -1.41 19.17
N LYS D 298 31.99 -2.48 18.67
CA LYS D 298 31.24 -3.61 18.15
C LYS D 298 30.57 -4.39 19.27
N ASP D 299 31.28 -4.58 20.38
CA ASP D 299 30.69 -5.24 21.54
C ASP D 299 29.57 -4.39 22.12
N LEU D 300 29.74 -3.07 22.13
CA LEU D 300 28.66 -2.19 22.56
C LEU D 300 27.43 -2.34 21.66
N GLU D 301 27.64 -2.32 20.34
CA GLU D 301 26.53 -2.47 19.41
C GLU D 301 25.83 -3.82 19.60
N SER D 302 26.61 -4.89 19.74
CA SER D 302 26.03 -6.21 19.94
C SER D 302 25.22 -6.26 21.24
N ALA D 303 25.80 -5.75 22.33
CA ALA D 303 25.09 -5.73 23.60
C ALA D 303 23.84 -4.87 23.53
N ASN D 304 23.82 -3.88 22.64
CA ASN D 304 22.62 -3.06 22.45
C ASN D 304 21.53 -3.82 21.69
N LEU D 305 21.92 -4.56 20.65
CA LEU D 305 20.92 -5.23 19.82
C LEU D 305 20.40 -6.50 20.49
N THR D 306 21.27 -7.51 20.65
CA THR D 306 20.91 -8.72 21.39
C THR D 306 21.03 -8.46 22.89
N ALA D 307 20.17 -7.56 23.38
CA ALA D 307 20.21 -7.08 24.76
C ALA D 307 19.31 -7.88 25.68
N ASN D 308 18.04 -8.05 25.31
CA ASN D 308 17.03 -8.80 26.05
C ASN D 308 16.71 -8.20 27.42
N GLN D 309 17.09 -6.95 27.68
CA GLN D 309 16.74 -6.28 28.92
C GLN D 309 15.38 -5.61 28.81
N HIS D 310 14.84 -5.21 29.96
CA HIS D 310 13.54 -4.53 29.99
C HIS D 310 13.64 -3.17 29.31
N SER D 311 12.64 -2.85 28.47
CA SER D 311 12.69 -1.65 27.65
C SER D 311 12.45 -0.40 28.47
N ASP D 312 13.28 0.62 28.24
CA ASP D 312 13.09 1.93 28.86
C ASP D 312 12.12 2.76 28.01
N VAL D 313 12.00 4.04 28.36
CA VAL D 313 11.13 4.97 27.65
C VAL D 313 9.70 4.43 27.60
N ILE D 314 9.16 4.08 28.76
CA ILE D 314 7.82 3.48 28.83
C ILE D 314 6.79 4.36 28.16
N CYS D 315 6.97 5.69 28.19
CA CYS D 315 6.13 6.58 27.39
C CYS D 315 6.53 6.47 25.93
N GLN D 316 6.10 5.39 25.28
CA GLN D 316 6.63 5.00 23.98
C GLN D 316 6.27 5.97 22.86
N SER D 317 5.42 6.97 23.11
CA SER D 317 5.10 7.97 22.11
C SER D 317 6.08 9.14 22.09
N GLU D 318 7.11 9.11 22.94
CA GLU D 318 7.95 10.28 23.15
C GLU D 318 8.82 10.67 21.94
N PRO D 319 9.41 9.74 21.16
CA PRO D 319 10.46 10.15 20.21
C PRO D 319 10.04 11.07 19.06
N ASP D 320 9.16 10.61 18.16
CA ASP D 320 8.84 11.31 16.91
C ASP D 320 10.06 11.49 16.00
N ASP D 321 11.08 10.66 16.17
CA ASP D 321 12.29 10.66 15.32
C ASP D 321 12.94 12.05 15.37
N SER D 322 13.72 12.38 14.34
CA SER D 322 14.24 13.72 14.13
C SER D 322 13.07 14.59 13.68
N PHE D 323 12.30 15.07 14.65
CA PHE D 323 11.01 15.70 14.36
C PHE D 323 11.20 17.07 13.72
N PRO D 324 10.26 17.49 12.84
CA PRO D 324 9.08 16.75 12.36
C PRO D 324 9.45 15.69 11.33
N SER D 325 9.17 14.42 11.64
CA SER D 325 9.59 13.33 10.77
C SER D 325 8.82 13.36 9.44
N SER D 326 7.49 13.34 9.51
CA SER D 326 6.69 13.51 8.30
C SER D 326 7.02 14.84 7.62
N GLY D 327 7.41 15.86 8.40
CA GLY D 327 7.86 17.09 7.79
C GLY D 327 9.06 16.90 6.90
N SER D 328 10.09 16.19 7.40
CA SER D 328 11.27 15.93 6.60
C SER D 328 10.95 15.04 5.39
N GLU D 329 9.99 14.12 5.54
CA GLU D 329 9.63 13.26 4.41
C GLU D 329 8.92 14.07 3.33
N SER D 330 7.84 14.76 3.70
CA SER D 330 7.10 15.57 2.72
C SER D 330 8.01 16.64 2.11
N ASP D 331 8.94 17.18 2.89
CA ASP D 331 9.94 18.10 2.35
C ASP D 331 10.73 17.44 1.22
N LEU D 332 11.21 16.21 1.45
CA LEU D 332 12.03 15.44 0.47
C LEU D 332 11.24 15.15 -0.82
N VAL D 333 9.97 14.78 -0.71
CA VAL D 333 9.14 14.41 -1.90
C VAL D 333 8.75 15.70 -2.63
N SER D 334 8.86 16.86 -1.96
CA SER D 334 8.56 18.19 -2.57
C SER D 334 9.82 18.75 -3.25
N LEU D 335 10.88 17.95 -3.43
CA LEU D 335 12.07 18.38 -4.16
C LEU D 335 11.80 18.36 -5.66
N TYR D 336 12.78 18.86 -6.41
CA TYR D 336 12.63 19.19 -7.83
C TYR D 336 13.66 18.43 -8.66
N GLU D 337 13.19 17.65 -9.65
CA GLU D 337 14.09 16.82 -10.46
C GLU D 337 14.65 17.62 -11.64
N VAL D 338 15.95 17.42 -11.91
CA VAL D 338 16.72 18.34 -12.75
C VAL D 338 16.56 18.04 -14.24
N GLU D 339 15.37 18.32 -14.77
CA GLU D 339 15.08 18.44 -16.21
C GLU D 339 15.37 17.16 -17.00
N ARG D 340 15.21 15.97 -16.40
CA ARG D 340 15.25 14.70 -17.11
C ARG D 340 13.89 14.28 -17.67
N CYS D 341 12.89 15.15 -17.62
CA CYS D 341 11.50 14.74 -17.60
C CYS D 341 10.95 14.45 -19.00
N GLN D 342 9.78 13.78 -19.00
CA GLN D 342 9.06 13.38 -20.21
C GLN D 342 7.94 14.37 -20.59
N GLN D 343 7.55 15.26 -19.69
CA GLN D 343 6.45 16.19 -19.95
C GLN D 343 6.83 17.21 -21.02
N LEU D 344 5.80 17.84 -21.59
CA LEU D 344 5.95 18.93 -22.55
C LEU D 344 5.93 20.28 -21.84
N SER D 345 6.39 21.30 -22.54
CA SER D 345 6.39 22.64 -21.98
C SER D 345 4.98 23.22 -21.98
N ALA D 346 4.70 24.07 -21.00
CA ALA D 346 3.41 24.75 -20.95
C ALA D 346 3.46 26.11 -21.64
N THR D 347 4.64 26.70 -21.74
CA THR D 347 4.81 28.06 -22.22
C THR D 347 5.89 28.09 -23.28
N ILE D 348 5.66 28.89 -24.33
CA ILE D 348 6.61 29.07 -25.42
C ILE D 348 7.01 30.54 -25.47
N LEU D 349 8.30 30.79 -25.68
CA LEU D 349 8.78 32.14 -25.88
C LEU D 349 8.68 32.51 -27.35
N THR D 350 8.12 33.68 -27.65
CA THR D 350 7.89 34.06 -29.03
C THR D 350 9.20 34.44 -29.73
N ASP D 351 10.19 34.90 -28.97
CA ASP D 351 11.41 35.45 -29.56
C ASP D 351 12.63 34.98 -28.78
N HIS D 352 13.79 35.12 -29.41
CA HIS D 352 15.08 34.74 -28.84
C HIS D 352 15.18 33.25 -28.56
N GLN D 353 14.39 32.43 -29.25
CA GLN D 353 14.46 30.99 -29.06
C GLN D 353 15.89 30.48 -29.24
N TYR D 354 16.66 31.17 -30.07
CA TYR D 354 18.02 30.72 -30.37
C TYR D 354 18.88 30.65 -29.11
N LEU D 355 18.55 31.44 -28.09
CA LEU D 355 19.40 31.53 -26.91
C LEU D 355 19.57 30.16 -26.25
N GLU D 356 20.77 29.91 -25.77
CA GLU D 356 21.06 28.68 -25.03
C GLU D 356 20.49 28.74 -23.63
N ARG D 357 19.99 27.60 -23.14
CA ARG D 357 19.47 27.53 -21.78
C ARG D 357 20.57 27.87 -20.78
N THR D 358 20.25 28.75 -19.83
CA THR D 358 21.16 29.09 -18.75
C THR D 358 20.57 28.62 -17.42
N PRO D 359 21.20 27.66 -16.72
CA PRO D 359 20.66 27.24 -15.44
C PRO D 359 20.60 28.40 -14.45
N LEU D 360 19.64 28.32 -13.53
CA LEU D 360 19.38 29.43 -12.63
C LEU D 360 20.61 29.79 -11.80
N CYS D 361 21.29 28.77 -11.26
CA CYS D 361 22.49 29.02 -10.48
C CYS D 361 23.49 29.85 -11.28
N ALA D 362 23.73 29.47 -12.53
CA ALA D 362 24.63 30.25 -13.38
C ALA D 362 24.22 31.71 -13.43
N ILE D 363 22.91 31.97 -13.46
CA ILE D 363 22.45 33.36 -13.46
C ILE D 363 22.80 34.04 -12.15
N LEU D 364 22.48 33.40 -11.04
CA LEU D 364 22.72 34.01 -9.73
C LEU D 364 24.18 34.41 -9.57
N LYS D 365 25.10 33.59 -10.09
CA LYS D 365 26.52 33.86 -9.94
C LYS D 365 27.01 34.99 -10.84
N GLN D 366 26.15 35.55 -11.70
CA GLN D 366 26.53 36.63 -12.60
C GLN D 366 25.85 37.92 -12.16
N LYS D 367 26.54 39.04 -12.40
CA LYS D 367 25.99 40.33 -12.04
C LYS D 367 25.06 40.86 -13.13
N ALA D 368 24.07 41.63 -12.70
CA ALA D 368 23.09 42.20 -13.61
C ALA D 368 23.65 43.44 -14.28
N PRO D 369 23.08 43.86 -15.41
CA PRO D 369 21.94 43.28 -16.15
C PRO D 369 22.35 42.28 -17.21
N GLN D 370 21.41 41.44 -17.65
CA GLN D 370 21.69 40.43 -18.66
C GLN D 370 20.36 39.84 -19.12
N GLN D 371 20.41 39.19 -20.29
CA GLN D 371 19.28 38.43 -20.82
C GLN D 371 19.55 36.95 -20.61
N TYR D 372 18.48 36.20 -20.33
CA TYR D 372 18.60 34.76 -20.13
C TYR D 372 17.36 34.07 -20.66
N ARG D 373 17.53 32.79 -21.02
CA ARG D 373 16.44 31.92 -21.44
C ARG D 373 16.45 30.71 -20.52
N ILE D 374 15.34 30.45 -19.84
CA ILE D 374 15.30 29.49 -18.75
C ILE D 374 14.12 28.54 -18.89
N ARG D 375 14.17 27.46 -18.11
CA ARG D 375 13.08 26.50 -17.96
C ARG D 375 12.92 26.22 -16.48
N ALA D 376 11.69 26.25 -15.99
CA ALA D 376 11.45 26.21 -14.55
C ALA D 376 10.05 25.68 -14.27
N LYS D 377 9.69 25.64 -12.99
CA LYS D 377 8.32 25.46 -12.55
C LYS D 377 7.99 26.54 -11.53
N LEU D 378 6.73 26.95 -11.50
CA LEU D 378 6.28 27.92 -10.51
C LEU D 378 6.09 27.24 -9.16
N ARG D 379 7.08 27.35 -8.27
CA ARG D 379 6.91 26.80 -6.93
C ARG D 379 5.82 27.54 -6.17
N SER D 380 5.62 28.82 -6.49
CA SER D 380 4.55 29.60 -5.90
C SER D 380 4.46 30.93 -6.64
N TYR D 381 3.28 31.54 -6.61
CA TYR D 381 3.05 32.82 -7.25
C TYR D 381 2.19 33.70 -6.35
N LYS D 382 2.30 35.01 -6.55
CA LYS D 382 1.51 35.99 -5.84
C LYS D 382 1.06 37.07 -6.81
N PRO D 383 -0.10 37.69 -6.56
CA PRO D 383 -1.02 37.50 -5.44
C PRO D 383 -1.92 36.29 -5.62
N ARG D 384 -2.20 35.54 -4.56
CA ARG D 384 -3.04 34.35 -4.70
C ARG D 384 -4.47 34.73 -5.05
N ARG D 385 -5.00 35.80 -4.45
CA ARG D 385 -6.33 36.28 -4.79
C ARG D 385 -6.20 37.18 -6.01
N LEU D 386 -6.52 36.63 -7.18
CA LEU D 386 -6.16 37.24 -8.44
C LEU D 386 -6.86 38.56 -8.70
N PHE D 387 -7.98 38.84 -8.02
CA PHE D 387 -8.66 40.11 -8.26
C PHE D 387 -7.80 41.30 -7.87
N GLN D 388 -6.70 41.09 -7.16
CA GLN D 388 -5.76 42.15 -6.83
C GLN D 388 -4.67 42.32 -7.88
N SER D 389 -4.61 41.45 -8.88
CA SER D 389 -3.46 41.42 -9.78
C SER D 389 -3.48 42.55 -10.79
N VAL D 390 -4.64 43.12 -11.09
CA VAL D 390 -4.74 44.13 -12.14
C VAL D 390 -4.31 45.49 -11.58
N LYS D 391 -3.48 46.20 -12.33
CA LYS D 391 -2.99 47.52 -11.93
C LYS D 391 -3.06 48.47 -13.12
N LEU D 392 -3.29 49.74 -12.82
CA LEU D 392 -3.21 50.80 -13.81
C LEU D 392 -1.77 51.31 -13.90
N HIS D 393 -1.40 51.77 -15.08
CA HIS D 393 0.00 52.11 -15.36
C HIS D 393 0.07 53.36 -16.24
N CYS D 394 0.90 54.32 -15.83
CA CYS D 394 1.12 55.53 -16.60
C CYS D 394 2.41 55.40 -17.37
N PRO D 395 2.40 55.42 -18.70
CA PRO D 395 3.66 55.32 -19.45
C PRO D 395 4.47 56.61 -19.45
N LYS D 396 3.85 57.74 -19.13
CA LYS D 396 4.57 59.01 -19.19
C LYS D 396 5.58 59.14 -18.07
N CYS D 397 5.23 58.65 -16.87
CA CYS D 397 6.12 58.72 -15.72
C CYS D 397 6.37 57.35 -15.09
N HIS D 398 5.90 56.28 -15.72
CA HIS D 398 6.08 54.91 -15.23
C HIS D 398 5.70 54.81 -13.75
N LEU D 399 4.41 55.03 -13.50
CA LEU D 399 3.84 54.96 -12.16
C LEU D 399 2.68 53.98 -12.16
N LEU D 400 2.68 53.06 -11.20
CA LEU D 400 1.57 52.14 -11.03
C LEU D 400 0.50 52.77 -10.14
N GLN D 401 -0.74 52.34 -10.34
CA GLN D 401 -1.88 52.92 -9.63
C GLN D 401 -2.95 51.86 -9.45
N GLU D 402 -3.53 51.82 -8.25
CA GLU D 402 -4.58 50.85 -7.96
C GLU D 402 -5.87 51.22 -8.69
N VAL D 403 -6.68 50.21 -8.98
CA VAL D 403 -7.96 50.42 -9.66
C VAL D 403 -8.96 50.95 -8.64
N PRO D 404 -9.70 52.02 -8.95
CA PRO D 404 -10.73 52.49 -8.01
C PRO D 404 -11.82 51.45 -7.80
N HIS D 405 -12.32 51.38 -6.57
CA HIS D 405 -13.47 50.54 -6.27
C HIS D 405 -14.76 51.23 -6.74
N GLU D 406 -15.81 50.42 -6.89
CA GLU D 406 -17.11 50.98 -7.23
C GLU D 406 -17.58 51.97 -6.16
N GLY D 407 -17.24 51.70 -4.90
CA GLY D 407 -17.58 52.64 -3.84
C GLY D 407 -16.93 53.98 -4.02
N ASP D 408 -15.69 53.99 -4.53
CA ASP D 408 -15.00 55.25 -4.79
C ASP D 408 -15.71 56.04 -5.88
N LEU D 409 -16.03 55.38 -6.99
CA LEU D 409 -16.77 56.04 -8.06
C LEU D 409 -18.09 56.59 -7.54
N ASP D 410 -18.80 55.80 -6.72
CA ASP D 410 -20.03 56.29 -6.10
C ASP D 410 -19.76 57.55 -5.28
N ILE D 411 -18.68 57.53 -4.50
CA ILE D 411 -18.31 58.69 -3.70
C ILE D 411 -18.02 59.90 -4.59
N ILE D 412 -17.64 59.66 -5.84
CA ILE D 412 -17.54 60.76 -6.80
C ILE D 412 -18.91 61.15 -7.32
N PHE D 413 -19.59 60.22 -7.99
CA PHE D 413 -20.84 60.54 -8.66
C PHE D 413 -21.86 61.14 -7.70
N GLN D 414 -21.79 60.80 -6.42
CA GLN D 414 -22.78 61.30 -5.46
C GLN D 414 -22.78 62.83 -5.40
N ASP D 415 -21.64 63.46 -5.66
CA ASP D 415 -21.57 64.92 -5.58
C ASP D 415 -22.19 65.59 -6.79
N GLY D 416 -22.48 64.85 -7.85
CA GLY D 416 -23.09 65.43 -9.04
C GLY D 416 -24.60 65.36 -9.04
N ALA D 417 -25.17 64.50 -8.19
CA ALA D 417 -26.61 64.29 -8.19
C ALA D 417 -27.38 65.52 -7.74
N THR D 418 -26.74 66.45 -7.04
CA THR D 418 -27.42 67.60 -6.47
C THR D 418 -27.16 68.90 -7.22
N LYS D 419 -26.39 68.86 -8.31
CA LYS D 419 -25.98 70.09 -8.97
C LYS D 419 -27.09 70.62 -9.89
N THR D 420 -26.99 71.92 -10.19
CA THR D 420 -28.00 72.61 -10.99
C THR D 420 -27.50 72.82 -12.40
N PRO D 421 -28.21 72.36 -13.43
CA PRO D 421 -27.79 72.65 -14.80
C PRO D 421 -27.88 74.14 -15.11
N ASP D 422 -26.97 74.60 -15.97
CA ASP D 422 -26.88 76.01 -16.35
C ASP D 422 -27.40 76.19 -17.77
N VAL D 423 -28.10 77.31 -18.00
CA VAL D 423 -28.79 77.50 -19.27
C VAL D 423 -27.80 77.59 -20.43
N LYS D 424 -26.68 78.28 -20.22
CA LYS D 424 -25.74 78.48 -21.31
C LYS D 424 -24.93 77.23 -21.63
N LEU D 425 -25.00 76.19 -20.80
CA LEU D 425 -24.35 74.92 -21.09
C LEU D 425 -25.29 73.91 -21.74
N GLN D 426 -26.53 74.30 -22.03
CA GLN D 426 -27.51 73.35 -22.56
C GLN D 426 -27.29 73.09 -24.04
N ASN D 427 -27.54 74.09 -24.89
CA ASN D 427 -27.50 73.94 -26.33
C ASN D 427 -26.46 74.87 -26.93
N THR D 428 -25.62 74.32 -27.80
CA THR D 428 -24.53 75.06 -28.41
C THR D 428 -24.29 74.52 -29.82
N SER D 429 -23.33 75.12 -30.52
CA SER D 429 -22.93 74.60 -31.83
C SER D 429 -22.37 73.19 -31.71
N LEU D 430 -21.78 72.84 -30.57
CA LEU D 430 -21.10 71.57 -30.40
C LEU D 430 -21.95 70.51 -29.72
N TYR D 431 -22.86 70.91 -28.82
CA TYR D 431 -23.64 69.92 -28.07
C TYR D 431 -24.97 70.52 -27.66
N ASP D 432 -25.98 69.65 -27.57
CA ASP D 432 -27.33 70.00 -27.10
C ASP D 432 -27.73 69.02 -26.01
N SER D 433 -28.80 69.37 -25.27
CA SER D 433 -29.05 68.73 -23.99
C SER D 433 -30.53 68.43 -23.79
N LYS D 434 -30.79 67.60 -22.77
CA LYS D 434 -32.13 67.30 -22.27
C LYS D 434 -32.01 67.06 -20.77
N ILE D 435 -33.04 67.45 -20.01
CA ILE D 435 -32.97 67.51 -18.56
C ILE D 435 -34.04 66.59 -17.95
N TRP D 436 -33.78 66.19 -16.69
CA TRP D 436 -34.74 65.42 -15.92
C TRP D 436 -34.53 65.67 -14.44
N THR D 437 -35.57 65.43 -13.65
CA THR D 437 -35.48 65.28 -12.20
C THR D 437 -36.03 63.92 -11.83
N THR D 438 -35.19 63.08 -11.24
CA THR D 438 -35.57 61.71 -10.89
C THR D 438 -36.29 61.72 -9.55
N LYS D 439 -37.53 61.24 -9.54
CA LYS D 439 -38.37 61.30 -8.36
C LYS D 439 -37.99 60.24 -7.34
N ASN D 440 -38.32 60.52 -6.08
CA ASN D 440 -38.10 59.62 -4.96
C ASN D 440 -36.63 59.55 -4.54
N GLN D 441 -35.71 59.75 -5.48
CA GLN D 441 -34.28 59.67 -5.19
C GLN D 441 -33.76 60.98 -4.59
N LYS D 442 -34.39 61.35 -3.46
CA LYS D 442 -34.01 62.56 -2.73
C LYS D 442 -34.00 63.80 -3.63
N GLY D 443 -34.81 63.79 -4.67
CA GLY D 443 -34.89 64.93 -5.57
C GLY D 443 -33.68 65.11 -6.45
N ARG D 444 -33.06 64.01 -6.88
CA ARG D 444 -31.83 64.11 -7.67
C ARG D 444 -32.08 64.83 -9.00
N LYS D 445 -31.10 65.61 -9.41
CA LYS D 445 -31.13 66.34 -10.68
C LYS D 445 -30.17 65.67 -11.66
N VAL D 446 -30.63 65.54 -12.92
CA VAL D 446 -29.82 64.90 -13.96
C VAL D 446 -29.98 65.68 -15.25
N ALA D 447 -28.87 65.83 -15.99
CA ALA D 447 -28.86 66.52 -17.27
C ALA D 447 -28.02 65.72 -18.25
N VAL D 448 -28.49 65.65 -19.50
CA VAL D 448 -27.82 64.89 -20.56
C VAL D 448 -27.49 65.83 -21.70
N HIS D 449 -26.31 65.66 -22.28
CA HIS D 449 -25.85 66.46 -23.42
C HIS D 449 -25.35 65.54 -24.51
N PHE D 450 -25.73 65.84 -25.76
CA PHE D 450 -25.31 65.07 -26.92
C PHE D 450 -24.38 65.92 -27.77
N VAL D 451 -23.21 65.37 -28.09
CA VAL D 451 -22.25 66.05 -28.97
C VAL D 451 -22.69 65.86 -30.41
N LYS D 452 -22.39 66.84 -31.25
CA LYS D 452 -22.87 66.87 -32.62
C LYS D 452 -21.69 66.81 -33.59
N ASN D 453 -21.88 66.09 -34.70
CA ASN D 453 -20.90 66.02 -35.78
C ASN D 453 -21.26 67.06 -36.83
N ASN D 454 -20.29 67.91 -37.17
CA ASN D 454 -20.49 69.02 -38.09
C ASN D 454 -21.79 69.76 -37.78
N GLY D 455 -22.11 69.87 -36.50
CA GLY D 455 -23.31 70.55 -36.06
C GLY D 455 -24.58 69.73 -36.14
N ILE D 456 -24.51 68.45 -36.51
CA ILE D 456 -25.67 67.59 -36.62
C ILE D 456 -25.45 66.36 -35.74
N LEU D 457 -26.52 65.94 -35.08
CA LEU D 457 -26.47 64.74 -34.25
C LEU D 457 -26.08 63.53 -35.10
N PRO D 458 -25.01 62.81 -34.76
CA PRO D 458 -24.68 61.58 -35.48
C PRO D 458 -25.54 60.42 -35.01
N LEU D 459 -25.44 59.31 -35.73
CA LEU D 459 -26.15 58.10 -35.34
C LEU D 459 -25.56 57.56 -34.04
N SER D 460 -26.36 56.74 -33.36
CA SER D 460 -26.00 56.28 -32.02
C SER D 460 -24.62 55.64 -31.99
N ASN D 461 -24.28 54.86 -33.01
CA ASN D 461 -22.99 54.17 -33.03
C ASN D 461 -21.82 55.16 -32.99
N GLU D 462 -22.05 56.41 -33.35
CA GLU D 462 -21.02 57.46 -33.30
C GLU D 462 -21.41 58.59 -32.35
N CYS D 463 -22.45 58.43 -31.55
CA CYS D 463 -22.98 59.51 -30.73
C CYS D 463 -22.23 59.58 -29.42
N LEU D 464 -21.32 60.55 -29.31
CA LEU D 464 -20.64 60.84 -28.05
C LEU D 464 -21.58 61.61 -27.14
N LEU D 465 -21.82 61.07 -25.94
CA LEU D 465 -22.83 61.57 -25.03
C LEU D 465 -22.18 61.99 -23.71
N LEU D 466 -22.72 63.03 -23.08
CA LEU D 466 -22.17 63.58 -21.85
C LEU D 466 -23.23 63.60 -20.77
N ILE D 467 -22.81 63.40 -19.52
CA ILE D 467 -23.73 63.22 -18.40
C ILE D 467 -23.24 64.02 -17.20
N GLU D 468 -24.20 64.58 -16.45
CA GLU D 468 -23.96 65.07 -15.10
C GLU D 468 -25.15 64.65 -14.24
N GLY D 469 -24.87 64.00 -13.11
CA GLY D 469 -25.89 63.52 -12.21
C GLY D 469 -26.21 62.05 -12.34
N GLY D 470 -25.75 61.38 -13.39
CA GLY D 470 -25.98 59.96 -13.53
C GLY D 470 -25.08 59.14 -12.64
N THR D 471 -25.60 58.00 -12.20
CA THR D 471 -24.82 57.11 -11.34
C THR D 471 -23.92 56.21 -12.18
N LEU D 472 -23.00 55.52 -11.49
CA LEU D 472 -22.06 54.66 -12.19
C LEU D 472 -22.76 53.56 -12.96
N SER D 473 -23.78 52.93 -12.36
CA SER D 473 -24.53 51.89 -13.06
C SER D 473 -25.27 52.46 -14.26
N GLU D 474 -25.90 53.63 -14.08
CA GLU D 474 -26.65 54.24 -15.18
C GLU D 474 -25.72 54.63 -16.32
N ILE D 475 -24.59 55.27 -16.00
CA ILE D 475 -23.67 55.68 -17.05
C ILE D 475 -23.08 54.45 -17.74
N CYS D 476 -22.88 53.36 -17.01
CA CYS D 476 -22.40 52.13 -17.62
C CYS D 476 -23.42 51.57 -18.60
N LYS D 477 -24.66 51.38 -18.15
CA LYS D 477 -25.70 50.85 -19.02
C LYS D 477 -25.92 51.75 -20.23
N LEU D 478 -25.74 53.06 -20.06
CA LEU D 478 -25.91 53.98 -21.18
C LEU D 478 -24.74 53.86 -22.16
N SER D 479 -23.51 53.80 -21.63
CA SER D 479 -22.35 53.60 -22.48
C SER D 479 -22.49 52.34 -23.32
N ASN D 480 -23.12 51.30 -22.75
CA ASN D 480 -23.39 50.10 -23.53
C ASN D 480 -24.16 50.44 -24.81
N LYS D 481 -25.07 51.41 -24.72
CA LYS D 481 -25.94 51.75 -25.84
C LYS D 481 -25.28 52.77 -26.78
N PHE D 482 -24.97 53.95 -26.26
CA PHE D 482 -24.26 54.94 -27.07
C PHE D 482 -22.83 54.49 -27.34
N ASN D 483 -22.20 55.16 -28.31
CA ASN D 483 -20.80 54.93 -28.63
C ASN D 483 -19.95 54.97 -27.38
N SER D 484 -19.81 56.15 -26.79
CA SER D 484 -19.03 56.33 -25.57
C SER D 484 -19.51 57.59 -24.89
N VAL D 485 -19.30 57.66 -23.57
CA VAL D 485 -19.89 58.71 -22.76
C VAL D 485 -18.84 59.26 -21.79
N ILE D 486 -18.98 60.54 -21.47
CA ILE D 486 -18.02 61.28 -20.65
C ILE D 486 -18.75 61.85 -19.45
N PRO D 487 -18.39 61.47 -18.21
CA PRO D 487 -18.92 62.17 -17.03
C PRO D 487 -18.39 63.60 -16.97
N VAL D 488 -19.30 64.54 -16.66
CA VAL D 488 -18.96 65.96 -16.61
C VAL D 488 -19.75 66.61 -15.48
N ARG D 489 -19.36 67.86 -15.17
CA ARG D 489 -20.09 68.70 -14.23
C ARG D 489 -20.15 70.12 -14.80
N SER D 490 -20.98 70.95 -14.17
CA SER D 490 -21.19 72.31 -14.63
C SER D 490 -20.02 73.22 -14.32
N GLY D 491 -19.09 73.35 -15.26
CA GLY D 491 -18.06 74.38 -15.16
C GLY D 491 -18.61 75.72 -15.62
N HIS D 492 -18.22 76.78 -14.90
CA HIS D 492 -18.82 78.10 -15.16
C HIS D 492 -18.54 78.58 -16.56
N GLU D 493 -17.42 78.14 -17.16
CA GLU D 493 -17.16 78.41 -18.57
C GLU D 493 -17.77 77.35 -19.47
N ASP D 494 -17.48 76.08 -19.17
CA ASP D 494 -17.90 74.99 -20.04
C ASP D 494 -17.75 73.68 -19.26
N LEU D 495 -18.42 72.63 -19.76
CA LEU D 495 -18.44 71.36 -19.05
C LEU D 495 -17.02 70.85 -18.80
N GLU D 496 -16.84 70.23 -17.64
CA GLU D 496 -15.55 69.67 -17.26
C GLU D 496 -15.75 68.32 -16.58
N LEU D 497 -14.78 67.44 -16.75
CA LEU D 497 -14.80 66.13 -16.10
C LEU D 497 -14.92 66.30 -14.60
N LEU D 498 -15.98 65.73 -14.01
CA LEU D 498 -16.28 66.01 -12.61
C LEU D 498 -15.14 65.62 -11.70
N ASP D 499 -14.37 64.59 -12.06
CA ASP D 499 -13.13 64.28 -11.35
C ASP D 499 -12.33 63.30 -12.19
N LEU D 500 -11.05 63.62 -12.41
CA LEU D 500 -10.18 62.70 -13.12
C LEU D 500 -10.01 61.37 -12.41
N SER D 501 -10.44 61.28 -11.15
CA SER D 501 -10.53 59.98 -10.48
C SER D 501 -11.52 59.08 -11.19
N ALA D 502 -12.64 59.64 -11.64
CA ALA D 502 -13.62 58.90 -12.42
C ALA D 502 -13.10 58.67 -13.82
N PRO D 503 -13.71 57.76 -14.57
CA PRO D 503 -13.25 57.54 -15.95
C PRO D 503 -13.44 58.78 -16.80
N PHE D 504 -12.36 59.23 -17.44
CA PHE D 504 -12.50 60.31 -18.41
C PHE D 504 -13.32 59.85 -19.61
N LEU D 505 -13.40 58.54 -19.84
CA LEU D 505 -14.24 57.96 -20.87
C LEU D 505 -14.60 56.54 -20.46
N ILE D 506 -15.87 56.19 -20.55
CA ILE D 506 -16.34 54.83 -20.39
C ILE D 506 -16.99 54.40 -21.69
N GLN D 507 -16.53 53.26 -22.23
CA GLN D 507 -16.90 52.78 -23.55
C GLN D 507 -17.41 51.35 -23.40
N GLY D 508 -18.63 51.21 -22.89
CA GLY D 508 -19.17 49.90 -22.59
C GLY D 508 -18.45 49.25 -21.42
N THR D 509 -17.76 48.15 -21.68
CA THR D 509 -17.07 47.40 -20.64
C THR D 509 -15.68 47.95 -20.34
N ILE D 510 -15.29 49.06 -20.95
CA ILE D 510 -13.95 49.63 -20.81
C ILE D 510 -14.05 50.97 -20.10
N HIS D 511 -13.32 51.12 -19.01
CA HIS D 511 -13.21 52.38 -18.28
C HIS D 511 -11.80 52.93 -18.48
N HIS D 512 -11.71 54.14 -19.02
CA HIS D 512 -10.41 54.79 -19.24
C HIS D 512 -10.18 55.84 -18.16
N TYR D 513 -9.00 55.80 -17.55
CA TYR D 513 -8.60 56.75 -16.52
C TYR D 513 -7.35 57.49 -16.96
N GLY D 514 -6.98 58.52 -16.20
CA GLY D 514 -5.83 59.34 -16.51
C GLY D 514 -4.98 59.62 -15.30
N CYS D 515 -3.70 59.91 -15.57
CA CYS D 515 -2.73 60.23 -14.53
C CYS D 515 -2.92 61.67 -14.08
N LYS D 516 -3.24 61.87 -12.80
CA LYS D 516 -3.45 63.23 -12.29
C LYS D 516 -2.16 64.05 -12.31
N GLN D 517 -1.01 63.40 -12.18
CA GLN D 517 0.25 64.15 -12.19
C GLN D 517 0.55 64.71 -13.58
N CYS D 518 0.44 63.86 -14.61
CA CYS D 518 0.86 64.26 -15.94
C CYS D 518 -0.22 65.03 -16.71
N SER D 519 -1.48 64.95 -16.28
CA SER D 519 -2.57 65.56 -17.04
C SER D 519 -2.61 67.07 -16.81
N SER D 520 -3.27 67.76 -17.75
CA SER D 520 -3.56 69.19 -17.68
C SER D 520 -4.86 69.38 -18.47
N LEU D 521 -5.97 69.03 -17.84
CA LEU D 521 -7.20 68.74 -18.55
C LEU D 521 -7.81 70.00 -19.15
N ARG D 522 -8.70 69.78 -20.12
CA ARG D 522 -9.34 70.85 -20.89
C ARG D 522 -10.83 70.58 -20.98
N SER D 523 -11.60 71.63 -21.26
CA SER D 523 -13.05 71.54 -21.24
C SER D 523 -13.57 70.94 -22.54
N ILE D 524 -14.89 70.70 -22.57
CA ILE D 524 -15.51 69.96 -23.67
C ILE D 524 -15.36 70.71 -24.99
N GLN D 525 -15.39 72.04 -24.96
CA GLN D 525 -15.24 72.80 -26.20
C GLN D 525 -13.97 72.41 -26.94
N ASN D 526 -12.94 72.00 -26.21
CA ASN D 526 -11.67 71.64 -26.82
C ASN D 526 -11.76 70.37 -27.63
N LEU D 527 -12.92 69.69 -27.66
CA LEU D 527 -13.14 68.65 -28.65
C LEU D 527 -12.94 69.18 -30.07
N ASN D 528 -13.05 70.50 -30.25
CA ASN D 528 -12.83 71.10 -31.56
C ASN D 528 -11.43 70.82 -32.10
N SER D 529 -10.50 70.39 -31.23
CA SER D 529 -9.14 70.08 -31.67
C SER D 529 -9.05 68.74 -32.38
N LEU D 530 -10.11 67.93 -32.35
CA LEU D 530 -10.04 66.58 -32.90
C LEU D 530 -9.99 66.61 -34.42
N VAL D 531 -9.32 65.60 -34.99
CA VAL D 531 -9.27 65.46 -36.44
C VAL D 531 -10.65 65.12 -36.99
N ASP D 532 -11.47 64.42 -36.21
CA ASP D 532 -12.82 64.06 -36.64
C ASP D 532 -13.70 63.95 -35.41
N LYS D 533 -15.01 64.02 -35.64
CA LYS D 533 -16.01 63.91 -34.60
C LYS D 533 -16.89 62.69 -34.82
N THR D 534 -16.26 61.56 -35.15
CA THR D 534 -16.98 60.32 -35.42
C THR D 534 -16.25 59.14 -34.80
N SER D 535 -14.93 59.07 -34.99
CA SER D 535 -14.16 57.96 -34.44
C SER D 535 -14.12 58.02 -32.91
N TRP D 536 -13.89 59.20 -32.36
CA TRP D 536 -13.81 59.39 -30.90
C TRP D 536 -12.83 58.40 -30.28
N ILE D 537 -11.69 58.18 -30.95
CA ILE D 537 -10.68 57.27 -30.45
C ILE D 537 -10.34 57.68 -29.01
N PRO D 538 -10.30 56.75 -28.05
CA PRO D 538 -10.02 57.16 -26.66
C PRO D 538 -8.78 58.03 -26.52
N SER D 539 -7.68 57.64 -27.15
CA SER D 539 -6.46 58.44 -27.08
C SER D 539 -6.71 59.86 -27.59
N SER D 540 -7.42 59.96 -28.72
CA SER D 540 -7.65 61.28 -29.31
C SER D 540 -8.43 62.17 -28.36
N VAL D 541 -9.54 61.66 -27.83
CA VAL D 541 -10.38 62.49 -26.96
C VAL D 541 -9.67 62.79 -25.65
N ALA D 542 -8.83 61.87 -25.17
CA ALA D 542 -8.03 62.14 -23.99
C ALA D 542 -7.08 63.30 -24.24
N GLU D 543 -6.39 63.28 -25.38
CA GLU D 543 -5.51 64.39 -25.74
C GLU D 543 -6.29 65.69 -25.86
N ALA D 544 -7.45 65.65 -26.51
CA ALA D 544 -8.28 66.84 -26.64
C ALA D 544 -8.64 67.41 -25.27
N LEU D 545 -9.08 66.54 -24.36
CA LEU D 545 -9.40 66.95 -23.00
C LEU D 545 -8.16 67.07 -22.12
N GLY D 546 -6.97 67.03 -22.70
CA GLY D 546 -5.76 67.26 -21.94
C GLY D 546 -5.47 66.24 -20.87
N ILE D 547 -5.75 64.95 -21.14
CA ILE D 547 -5.61 63.89 -20.17
C ILE D 547 -4.64 62.86 -20.70
N VAL D 548 -3.75 62.37 -19.83
CA VAL D 548 -2.81 61.31 -20.17
C VAL D 548 -3.43 59.98 -19.75
N PRO D 549 -3.77 59.10 -20.69
CA PRO D 549 -4.52 57.89 -20.33
C PRO D 549 -3.62 56.82 -19.70
N LEU D 550 -4.19 56.11 -18.72
CA LEU D 550 -3.49 55.04 -18.03
C LEU D 550 -3.70 53.71 -18.75
N GLN D 551 -2.63 52.93 -18.85
CA GLN D 551 -2.73 51.58 -19.38
C GLN D 551 -3.21 50.62 -18.28
N TYR D 552 -3.74 49.48 -18.73
CA TYR D 552 -4.05 48.37 -17.85
C TYR D 552 -2.95 47.32 -17.97
N VAL D 553 -2.51 46.78 -16.84
CA VAL D 553 -1.47 45.77 -16.82
C VAL D 553 -1.75 44.76 -15.71
N PHE D 554 -1.37 43.51 -15.95
CA PHE D 554 -1.21 42.55 -14.89
C PHE D 554 0.16 42.74 -14.23
N VAL D 555 0.23 42.50 -12.93
CA VAL D 555 1.49 42.50 -12.21
C VAL D 555 1.48 41.29 -11.29
N MET D 556 2.42 40.36 -11.51
CA MET D 556 2.48 39.13 -10.74
C MET D 556 3.93 38.80 -10.43
N THR D 557 4.09 37.91 -9.45
CA THR D 557 5.40 37.45 -9.01
C THR D 557 5.44 35.94 -9.14
N PHE D 558 6.38 35.44 -9.95
CA PHE D 558 6.57 34.01 -10.12
C PHE D 558 7.80 33.56 -9.34
N THR D 559 7.62 32.58 -8.47
CA THR D 559 8.74 31.97 -7.74
C THR D 559 9.25 30.78 -8.53
N LEU D 560 10.16 31.05 -9.45
CA LEU D 560 10.64 29.99 -10.32
C LEU D 560 11.64 29.10 -9.58
N ASP D 561 11.56 27.80 -9.81
CA ASP D 561 12.46 26.82 -9.25
C ASP D 561 12.97 25.91 -10.35
N ASP D 562 14.27 25.59 -10.33
CA ASP D 562 14.83 24.67 -11.30
C ASP D 562 15.77 23.66 -10.68
N GLY D 563 15.65 23.39 -9.38
CA GLY D 563 16.53 22.46 -8.71
C GLY D 563 17.92 23.03 -8.48
N THR D 564 18.52 23.58 -9.54
CA THR D 564 19.79 24.28 -9.40
C THR D 564 19.66 25.53 -8.54
N GLY D 565 18.46 26.09 -8.41
CA GLY D 565 18.28 27.27 -7.59
C GLY D 565 16.85 27.77 -7.64
N VAL D 566 16.60 28.83 -6.89
CA VAL D 566 15.27 29.44 -6.76
C VAL D 566 15.39 30.91 -7.14
N LEU D 567 14.46 31.38 -7.96
CA LEU D 567 14.53 32.73 -8.51
C LEU D 567 13.13 33.31 -8.61
N GLU D 568 12.94 34.52 -8.10
CA GLU D 568 11.65 35.21 -8.16
C GLU D 568 11.70 36.26 -9.26
N ALA D 569 10.79 36.15 -10.22
CA ALA D 569 10.73 37.07 -11.35
C ALA D 569 9.34 37.67 -11.46
N TYR D 570 9.28 38.93 -11.85
CA TYR D 570 8.02 39.64 -12.00
C TYR D 570 7.50 39.51 -13.42
N LEU D 571 6.17 39.49 -13.55
CA LEU D 571 5.50 39.55 -14.83
C LEU D 571 4.66 40.82 -14.89
N MET D 572 4.91 41.64 -15.91
CA MET D 572 4.03 42.75 -16.23
C MET D 572 3.80 42.75 -17.73
N ASP D 573 2.53 42.72 -18.15
CA ASP D 573 2.19 42.67 -19.56
C ASP D 573 0.75 43.09 -19.74
N SER D 574 0.43 43.52 -20.96
CA SER D 574 -0.93 43.85 -21.36
C SER D 574 -1.33 42.97 -22.53
N ASP D 575 -2.25 42.04 -22.29
CA ASP D 575 -2.90 41.29 -23.36
C ASP D 575 -1.90 40.51 -24.19
N LYS D 576 -0.91 39.91 -23.53
CA LYS D 576 0.09 39.11 -24.23
C LYS D 576 0.35 37.78 -23.52
N PHE D 577 0.90 37.84 -22.30
CA PHE D 577 1.26 36.61 -21.61
C PHE D 577 0.07 35.67 -21.51
N PHE D 578 -1.04 36.13 -20.93
CA PHE D 578 -2.25 35.34 -20.88
C PHE D 578 -3.06 35.41 -22.16
N GLN D 579 -2.72 36.31 -23.08
CA GLN D 579 -3.51 36.52 -24.28
C GLN D 579 -4.94 36.91 -23.92
N ILE D 580 -5.09 37.67 -22.84
CA ILE D 580 -6.38 38.13 -22.35
C ILE D 580 -6.29 39.64 -22.14
N PRO D 581 -7.23 40.43 -22.65
CA PRO D 581 -7.12 41.89 -22.48
C PRO D 581 -7.26 42.33 -21.03
N ALA D 582 -6.15 42.78 -20.43
CA ALA D 582 -6.20 43.29 -19.07
C ALA D 582 -7.16 44.47 -18.93
N SER D 583 -7.50 45.13 -20.04
CA SER D 583 -8.43 46.25 -19.96
C SER D 583 -9.84 45.78 -19.64
N GLU D 584 -10.24 44.61 -20.15
CA GLU D 584 -11.60 44.12 -20.04
C GLU D 584 -11.78 43.07 -18.96
N VAL D 585 -10.69 42.46 -18.47
CA VAL D 585 -10.82 41.30 -17.60
C VAL D 585 -11.64 41.63 -16.37
N LEU D 586 -11.51 42.85 -15.85
CA LEU D 586 -12.21 43.20 -14.62
C LEU D 586 -13.73 43.18 -14.77
N MET D 587 -14.24 43.33 -15.98
CA MET D 587 -15.67 43.50 -16.20
C MET D 587 -16.32 42.34 -16.94
N ASP D 588 -15.55 41.44 -17.54
CA ASP D 588 -16.07 40.28 -18.24
C ASP D 588 -15.73 39.02 -17.44
N ASP D 589 -16.74 38.21 -17.14
CA ASP D 589 -16.57 37.10 -16.21
C ASP D 589 -15.83 35.93 -16.85
N ASP D 590 -16.07 35.69 -18.15
CA ASP D 590 -15.40 34.58 -18.82
C ASP D 590 -13.88 34.76 -18.78
N LEU D 591 -13.39 35.98 -18.98
CA LEU D 591 -11.95 36.20 -18.91
C LEU D 591 -11.42 35.90 -17.52
N GLN D 592 -12.22 36.19 -16.49
CA GLN D 592 -11.79 35.91 -15.13
C GLN D 592 -11.72 34.41 -14.88
N LYS D 593 -12.73 33.67 -15.34
CA LYS D 593 -12.63 32.22 -15.31
C LYS D 593 -11.38 31.74 -16.03
N SER D 594 -11.06 32.37 -17.16
CA SER D 594 -9.92 31.95 -17.96
C SER D 594 -8.61 32.12 -17.19
N VAL D 595 -8.43 33.29 -16.58
CA VAL D 595 -7.17 33.54 -15.87
C VAL D 595 -7.07 32.68 -14.63
N ASP D 596 -8.19 32.49 -13.92
CA ASP D 596 -8.20 31.55 -12.80
C ASP D 596 -7.74 30.17 -13.26
N MET D 597 -8.30 29.70 -14.37
CA MET D 597 -7.95 28.38 -14.89
C MET D 597 -6.46 28.32 -15.24
N ILE D 598 -5.95 29.35 -15.90
CA ILE D 598 -4.54 29.34 -16.27
C ILE D 598 -3.66 29.22 -15.04
N MET D 599 -3.91 30.06 -14.03
CA MET D 599 -2.99 30.07 -12.90
C MET D 599 -3.14 28.84 -12.02
N ASP D 600 -4.32 28.21 -11.97
CA ASP D 600 -4.42 26.93 -11.27
C ASP D 600 -4.18 25.74 -12.20
N MET D 601 -3.74 26.01 -13.42
CA MET D 601 -3.18 24.98 -14.29
C MET D 601 -1.65 25.00 -14.29
N PHE D 602 -1.03 26.17 -14.10
CA PHE D 602 0.39 26.21 -13.80
C PHE D 602 0.67 25.68 -12.40
N CYS D 603 -0.25 25.95 -11.45
CA CYS D 603 -0.07 25.60 -10.05
C CYS D 603 -1.35 24.93 -9.55
N PRO D 604 -1.55 23.65 -9.89
CA PRO D 604 -2.78 22.99 -9.48
C PRO D 604 -2.88 22.95 -7.97
N PRO D 605 -4.11 22.96 -7.43
CA PRO D 605 -4.27 23.04 -5.97
C PRO D 605 -3.74 21.80 -5.26
N GLY D 606 -2.93 22.03 -4.22
CA GLY D 606 -2.58 20.99 -3.27
C GLY D 606 -1.51 20.01 -3.71
N ILE D 607 -1.58 19.53 -4.95
CA ILE D 607 -0.71 18.43 -5.35
C ILE D 607 0.74 18.91 -5.43
N LYS D 608 1.65 17.94 -5.44
CA LYS D 608 3.06 18.23 -5.21
C LYS D 608 3.73 18.81 -6.44
N ILE D 609 4.86 19.48 -6.23
CA ILE D 609 5.61 20.12 -7.30
C ILE D 609 6.17 19.12 -8.30
N ASP D 610 6.10 17.82 -7.98
CA ASP D 610 6.45 16.80 -8.96
C ASP D 610 5.58 16.92 -10.21
N ALA D 611 4.29 17.22 -10.02
CA ALA D 611 3.32 17.20 -11.11
C ALA D 611 3.11 18.55 -11.77
N TYR D 612 3.71 19.62 -11.26
CA TYR D 612 3.61 20.90 -11.92
C TYR D 612 4.26 20.81 -13.31
N PRO D 613 3.71 21.48 -14.31
CA PRO D 613 4.30 21.42 -15.65
C PRO D 613 5.47 22.37 -15.83
N TRP D 614 6.36 21.99 -16.74
CA TRP D 614 7.53 22.82 -17.04
C TRP D 614 7.11 24.09 -17.77
N LEU D 615 7.83 25.18 -17.50
CA LEU D 615 7.47 26.51 -17.99
C LEU D 615 8.71 27.18 -18.57
N GLU D 616 8.82 27.16 -19.90
CA GLU D 616 9.91 27.84 -20.58
C GLU D 616 9.57 29.31 -20.75
N CYS D 617 10.51 30.19 -20.40
CA CYS D 617 10.25 31.63 -20.48
C CYS D 617 11.57 32.38 -20.64
N PHE D 618 11.47 33.63 -21.09
CA PHE D 618 12.60 34.51 -21.33
C PHE D 618 12.54 35.66 -20.35
N ILE D 619 13.62 35.89 -19.61
CA ILE D 619 13.65 36.88 -18.54
C ILE D 619 14.84 37.79 -18.72
N LYS D 620 14.69 39.05 -18.30
CA LYS D 620 15.77 40.02 -18.23
C LYS D 620 16.09 40.34 -16.77
N SER D 621 17.32 40.77 -16.51
CA SER D 621 17.76 41.12 -15.18
C SER D 621 18.28 42.56 -15.17
N TYR D 622 18.10 43.24 -14.05
CA TYR D 622 18.47 44.64 -13.97
C TYR D 622 18.56 45.07 -12.51
N ASN D 623 19.35 46.11 -12.26
CA ASN D 623 19.64 46.59 -10.92
C ASN D 623 18.65 47.66 -10.53
N VAL D 624 17.97 47.47 -9.40
CA VAL D 624 17.02 48.48 -8.91
C VAL D 624 17.74 49.58 -8.16
N THR D 625 18.63 49.20 -7.24
CA THR D 625 19.47 50.14 -6.50
C THR D 625 18.67 51.09 -5.62
N ASN D 626 17.40 50.77 -5.34
CA ASN D 626 16.63 51.63 -4.44
C ASN D 626 17.25 51.66 -3.06
N GLY D 627 17.81 50.54 -2.61
CA GLY D 627 18.59 50.53 -1.39
C GLY D 627 20.01 50.98 -1.64
N THR D 628 20.14 52.15 -2.27
CA THR D 628 21.43 52.72 -2.67
C THR D 628 22.06 51.95 -3.82
N ASP D 629 22.17 50.62 -3.69
CA ASP D 629 22.87 49.84 -4.71
C ASP D 629 22.33 48.43 -4.75
N ASN D 630 22.54 47.78 -5.90
CA ASN D 630 22.16 46.39 -6.13
C ASN D 630 20.64 46.24 -6.10
N GLN D 631 20.12 45.38 -5.23
CA GLN D 631 18.71 44.96 -5.29
C GLN D 631 18.39 44.44 -6.70
N ILE D 632 19.04 43.32 -7.03
CA ILE D 632 18.91 42.73 -8.35
C ILE D 632 17.52 42.11 -8.50
N CYS D 633 16.89 42.33 -9.65
CA CYS D 633 15.56 41.82 -9.91
C CYS D 633 15.50 41.24 -11.32
N TYR D 634 14.42 40.51 -11.58
CA TYR D 634 14.22 39.84 -12.87
C TYR D 634 12.79 40.06 -13.33
N GLN D 635 12.61 40.27 -14.63
CA GLN D 635 11.30 40.50 -15.21
C GLN D 635 11.13 39.67 -16.47
N ILE D 636 9.95 39.08 -16.64
CA ILE D 636 9.68 38.18 -17.76
C ILE D 636 9.31 39.00 -18.99
N PHE D 637 9.71 38.50 -20.16
CA PHE D 637 9.43 39.17 -21.42
C PHE D 637 9.15 38.16 -22.52
N ASP D 638 8.35 38.58 -23.50
CA ASP D 638 8.25 37.89 -24.79
C ASP D 638 7.90 36.41 -24.63
N THR D 639 6.97 36.09 -23.75
CA THR D 639 6.56 34.70 -23.55
C THR D 639 5.05 34.62 -23.40
N THR D 640 4.49 33.51 -23.88
CA THR D 640 3.05 33.33 -23.92
C THR D 640 2.70 31.87 -23.65
N VAL D 641 1.54 31.66 -23.03
CA VAL D 641 1.07 30.31 -22.80
C VAL D 641 0.80 29.62 -24.13
N ALA D 642 1.18 28.35 -24.22
CA ALA D 642 1.00 27.62 -25.46
C ALA D 642 -0.48 27.51 -25.79
N GLU D 643 -0.78 27.42 -27.09
CA GLU D 643 -2.16 27.55 -27.55
C GLU D 643 -3.07 26.49 -26.93
N ASP D 644 -2.66 25.23 -27.00
CA ASP D 644 -3.54 24.14 -26.57
C ASP D 644 -3.62 23.98 -25.06
N VAL D 645 -2.74 24.64 -24.30
CA VAL D 645 -2.75 24.48 -22.85
C VAL D 645 -3.92 25.23 -22.23
N ILE D 646 -4.31 26.34 -22.83
CA ILE D 646 -5.39 27.17 -22.29
C ILE D 646 -6.63 26.33 -22.07
ZN ZN E . 4.33 -0.26 38.82
ZN ZN F . 1.98 59.96 -15.03
#